data_2A7R
#
_entry.id   2A7R
#
_cell.length_a   110.560
_cell.length_b   110.560
_cell.length_c   209.750
_cell.angle_alpha   90.00
_cell.angle_beta   90.00
_cell.angle_gamma   120.00
#
_symmetry.space_group_name_H-M   'P 32 2 1'
#
loop_
_entity.id
_entity.type
_entity.pdbx_description
1 polymer 'GMP reductase 2'
2 non-polymer 'SULFATE ION'
3 non-polymer "GUANOSINE-5'-MONOPHOSPHATE"
4 water water
#
_entity_poly.entity_id   1
_entity_poly.type   'polypeptide(L)'
_entity_poly.pdbx_seq_one_letter_code
;MRGSHHHHHHGSACELGTMPHIDNDVKLDFKDVLLRPKRSTLKSRSEVDLTRSFSFRNSKQTYSGVPIIAANMDTVGTFE
MAKVLCKFSLFTAVHKHYSLVQWQEFAGQNPDCLEHLAASSGTGSSDFEQLEQILEAIPQVKYICLDVANGYSEHFVEFV
KDVRKRFPQHTIMAGNVVTGEMVEELILSGADIIKVGIGPGSVCTTRKKTGVGYPQLSAVMECADAAHGLKGHIISDGGC
SCPGDVAKAFGAGADFVMLGGMLAGHSESGGELIERDGKKYKLFYGMSSEMAMKKYAGGVAEYRASEGKTVEVPFKGDVE
HTIRDILGGIRSTCTYVGAAKLKELSRRTTFIRVTQQVNPIFSEAC
;
_entity_poly.pdbx_strand_id   A,B,C,D
#
loop_
_chem_comp.id
_chem_comp.type
_chem_comp.name
_chem_comp.formula
5GP non-polymer GUANOSINE-5'-MONOPHOSPHATE 'C10 H14 N5 O8 P'
SO4 non-polymer 'SULFATE ION' 'O4 S -2'
#
# COMPACT_ATOMS: atom_id res chain seq x y z
N MET A 19 29.11 8.42 9.21
CA MET A 19 28.10 8.17 8.14
C MET A 19 27.87 6.68 7.98
N PRO A 20 26.81 6.29 7.26
CA PRO A 20 25.82 7.15 6.60
C PRO A 20 24.64 7.47 7.51
N HIS A 21 23.83 8.45 7.12
CA HIS A 21 22.68 8.84 7.93
C HIS A 21 21.37 8.86 7.12
N ILE A 22 20.27 8.59 7.81
CA ILE A 22 18.96 8.61 7.19
C ILE A 22 18.31 9.94 7.52
N ASP A 23 17.69 10.57 6.54
CA ASP A 23 17.02 11.84 6.74
C ASP A 23 15.71 11.59 7.45
N ASN A 24 15.54 12.21 8.60
CA ASN A 24 14.36 12.08 9.44
C ASN A 24 13.07 12.47 8.73
N ASP A 25 13.06 13.68 8.18
CA ASP A 25 11.88 14.18 7.48
C ASP A 25 11.54 13.34 6.24
N VAL A 26 10.31 12.83 6.19
CA VAL A 26 9.87 12.02 5.06
C VAL A 26 9.45 12.89 3.89
N LYS A 27 10.09 12.66 2.76
CA LYS A 27 9.80 13.40 1.53
C LYS A 27 8.56 12.81 0.91
N LEU A 28 7.62 13.66 0.52
CA LEU A 28 6.39 13.13 -0.08
C LEU A 28 6.18 13.53 -1.54
N ASP A 29 5.42 12.69 -2.24
CA ASP A 29 5.11 12.89 -3.65
C ASP A 29 3.71 13.43 -3.85
N PHE A 30 3.36 13.66 -5.12
CA PHE A 30 2.05 14.18 -5.46
C PHE A 30 0.93 13.34 -4.83
N LYS A 31 1.16 12.04 -4.79
CA LYS A 31 0.21 11.07 -4.25
C LYS A 31 -0.10 11.31 -2.78
N ASP A 32 0.92 11.66 -2.01
CA ASP A 32 0.72 11.88 -0.57
C ASP A 32 0.00 13.18 -0.23
N VAL A 33 -0.53 13.87 -1.22
CA VAL A 33 -1.13 15.14 -0.89
C VAL A 33 -2.30 15.55 -1.77
N LEU A 34 -3.09 16.49 -1.28
CA LEU A 34 -4.23 17.04 -2.01
C LEU A 34 -4.31 18.55 -1.76
N LEU A 35 -5.12 19.24 -2.55
CA LEU A 35 -5.30 20.69 -2.39
C LEU A 35 -6.62 20.99 -1.68
N ARG A 36 -6.54 21.73 -0.59
CA ARG A 36 -7.69 22.12 0.21
C ARG A 36 -8.53 23.21 -0.45
N PRO A 37 -9.85 22.96 -0.66
CA PRO A 37 -10.70 23.98 -1.29
C PRO A 37 -10.69 25.21 -0.41
N LYS A 38 -10.96 26.37 -1.01
CA LYS A 38 -10.99 27.60 -0.25
C LYS A 38 -12.06 28.56 -0.75
N ARG A 39 -12.64 29.31 0.20
CA ARG A 39 -13.68 30.26 -0.15
C ARG A 39 -13.07 31.22 -1.16
N SER A 40 -13.89 31.67 -2.10
CA SER A 40 -13.43 32.60 -3.12
C SER A 40 -14.63 33.36 -3.67
N THR A 41 -14.38 34.18 -4.68
CA THR A 41 -15.41 34.98 -5.30
C THR A 41 -15.42 34.73 -6.80
N LEU A 42 -14.73 33.67 -7.21
CA LEU A 42 -14.63 33.35 -8.63
C LEU A 42 -15.96 33.02 -9.32
N LYS A 43 -16.13 33.60 -10.51
CA LYS A 43 -17.34 33.39 -11.31
C LYS A 43 -17.43 31.90 -11.69
N SER A 44 -16.86 31.57 -12.85
CA SER A 44 -16.86 30.20 -13.36
C SER A 44 -15.42 29.82 -13.68
N ARG A 45 -15.19 28.55 -13.98
CA ARG A 45 -13.86 28.05 -14.31
C ARG A 45 -13.24 28.81 -15.47
N SER A 46 -14.07 29.55 -16.19
CA SER A 46 -13.63 30.35 -17.34
C SER A 46 -12.92 31.64 -16.93
N GLU A 47 -13.29 32.17 -15.77
CA GLU A 47 -12.71 33.40 -15.27
C GLU A 47 -11.26 33.18 -14.82
N VAL A 48 -10.68 32.04 -15.19
CA VAL A 48 -9.32 31.72 -14.78
C VAL A 48 -8.31 31.92 -15.89
N ASP A 49 -7.27 32.69 -15.58
CA ASP A 49 -6.22 33.00 -16.53
C ASP A 49 -4.99 32.12 -16.27
N LEU A 50 -4.73 31.18 -17.18
CA LEU A 50 -3.60 30.26 -17.04
C LEU A 50 -2.29 30.75 -17.63
N THR A 51 -2.21 32.04 -17.94
CA THR A 51 -0.98 32.58 -18.52
C THR A 51 -0.15 33.29 -17.47
N ARG A 52 1.16 33.37 -17.69
CA ARG A 52 2.03 34.04 -16.72
C ARG A 52 3.11 34.85 -17.39
N SER A 53 3.48 35.94 -16.72
CA SER A 53 4.52 36.84 -17.20
C SER A 53 5.73 36.61 -16.30
N PHE A 54 6.87 36.29 -16.91
CA PHE A 54 8.10 36.06 -16.16
C PHE A 54 9.20 36.96 -16.73
N SER A 55 10.10 37.40 -15.86
CA SER A 55 11.24 38.21 -16.28
C SER A 55 12.44 37.43 -15.75
N PHE A 56 13.08 36.71 -16.65
CA PHE A 56 14.21 35.86 -16.30
C PHE A 56 15.41 36.58 -15.73
N ARG A 57 15.90 36.03 -14.63
CA ARG A 57 17.02 36.61 -13.90
C ARG A 57 18.29 36.88 -14.69
N ASN A 58 18.75 35.93 -15.49
CA ASN A 58 20.01 36.14 -16.19
C ASN A 58 19.93 36.60 -17.63
N SER A 59 19.10 35.95 -18.42
CA SER A 59 18.96 36.37 -19.81
C SER A 59 18.22 37.70 -19.89
N LYS A 60 17.67 38.12 -18.75
CA LYS A 60 16.93 39.37 -18.68
C LYS A 60 15.77 39.42 -19.67
N GLN A 61 15.42 38.26 -20.22
CA GLN A 61 14.34 38.19 -21.18
C GLN A 61 12.97 38.07 -20.51
N THR A 62 11.94 38.16 -21.33
CA THR A 62 10.58 38.08 -20.82
C THR A 62 9.78 36.92 -21.42
N TYR A 63 8.85 36.39 -20.64
CA TYR A 63 8.01 35.28 -21.08
C TYR A 63 6.55 35.61 -20.83
N SER A 64 5.69 34.99 -21.63
CA SER A 64 4.26 35.16 -21.50
C SER A 64 3.53 34.04 -22.26
N GLY A 65 2.69 33.30 -21.54
CA GLY A 65 1.97 32.18 -22.14
C GLY A 65 1.66 31.19 -21.03
N VAL A 66 1.03 30.06 -21.36
CA VAL A 66 0.77 29.06 -20.33
C VAL A 66 2.10 28.32 -20.14
N PRO A 67 2.62 28.32 -18.91
CA PRO A 67 3.90 27.68 -18.57
C PRO A 67 3.93 26.15 -18.46
N ILE A 68 3.39 25.46 -19.45
CA ILE A 68 3.44 24.00 -19.45
C ILE A 68 4.31 23.64 -20.64
N ILE A 69 5.36 22.86 -20.42
CA ILE A 69 6.28 22.50 -21.51
C ILE A 69 6.24 21.03 -21.92
N ALA A 70 6.27 20.76 -23.22
CA ALA A 70 6.34 19.39 -23.71
C ALA A 70 7.81 19.03 -23.56
N ALA A 71 8.07 17.92 -22.88
CA ALA A 71 9.44 17.46 -22.63
C ALA A 71 10.23 17.26 -23.90
N ASN A 72 11.53 17.52 -23.80
CA ASN A 72 12.44 17.38 -24.93
C ASN A 72 12.86 15.94 -25.16
N MET A 73 11.88 15.05 -25.21
CA MET A 73 12.14 13.64 -25.44
C MET A 73 11.85 13.35 -26.89
N ASP A 74 12.57 12.39 -27.46
CA ASP A 74 12.42 12.03 -28.86
C ASP A 74 10.99 11.82 -29.29
N THR A 75 10.22 11.17 -28.42
CA THR A 75 8.83 10.89 -28.73
C THR A 75 7.85 12.00 -28.40
N VAL A 76 8.29 13.02 -27.66
CA VAL A 76 7.39 14.11 -27.26
C VAL A 76 7.72 15.48 -27.82
N GLY A 77 8.99 15.89 -27.74
CA GLY A 77 9.37 17.20 -28.24
C GLY A 77 9.53 17.25 -29.75
N THR A 78 8.45 16.94 -30.46
CA THR A 78 8.46 16.93 -31.91
C THR A 78 7.85 18.21 -32.44
N PHE A 79 8.22 18.59 -33.66
CA PHE A 79 7.68 19.81 -34.26
C PHE A 79 6.20 19.61 -34.45
N GLU A 80 5.83 18.40 -34.83
CA GLU A 80 4.42 18.06 -35.04
C GLU A 80 3.65 18.38 -33.74
N MET A 81 4.27 18.07 -32.60
CA MET A 81 3.70 18.34 -31.29
C MET A 81 3.67 19.84 -31.04
N ALA A 82 4.82 20.49 -31.26
CA ALA A 82 4.95 21.93 -31.05
C ALA A 82 3.87 22.74 -31.77
N LYS A 83 3.52 22.33 -32.99
CA LYS A 83 2.52 23.03 -33.77
C LYS A 83 1.19 23.14 -33.01
N VAL A 84 0.76 22.04 -32.39
CA VAL A 84 -0.50 22.04 -31.65
C VAL A 84 -0.39 22.80 -30.33
N LEU A 85 0.62 22.50 -29.53
CA LEU A 85 0.79 23.16 -28.24
C LEU A 85 0.85 24.66 -28.46
N CYS A 86 1.36 25.05 -29.62
CA CYS A 86 1.46 26.45 -29.96
C CYS A 86 0.08 27.10 -30.04
N LYS A 87 -0.90 26.35 -30.57
CA LYS A 87 -2.25 26.86 -30.70
C LYS A 87 -2.84 27.19 -29.33
N PHE A 88 -2.24 26.65 -28.27
CA PHE A 88 -2.72 26.89 -26.92
C PHE A 88 -1.77 27.70 -26.04
N SER A 89 -0.64 28.11 -26.59
CA SER A 89 0.35 28.90 -25.85
C SER A 89 1.26 28.07 -24.97
N LEU A 90 1.34 26.77 -25.26
CA LEU A 90 2.21 25.92 -24.47
C LEU A 90 3.61 25.87 -25.08
N PHE A 91 4.60 25.77 -24.20
CA PHE A 91 6.01 25.74 -24.58
C PHE A 91 6.44 24.35 -25.04
N THR A 92 7.47 24.30 -25.86
CA THR A 92 7.98 23.02 -26.34
C THR A 92 9.50 23.01 -26.36
N ALA A 93 10.08 21.99 -25.76
CA ALA A 93 11.51 21.84 -25.75
C ALA A 93 11.73 20.78 -26.81
N VAL A 94 12.16 21.21 -28.00
CA VAL A 94 12.38 20.30 -29.12
C VAL A 94 13.51 19.31 -28.83
N HIS A 95 13.29 18.03 -29.12
CA HIS A 95 14.31 17.02 -28.87
C HIS A 95 15.57 17.33 -29.68
N LYS A 96 16.74 16.98 -29.14
CA LYS A 96 18.01 17.26 -29.79
C LYS A 96 18.39 16.38 -30.97
N HIS A 97 17.46 16.09 -31.86
CA HIS A 97 17.78 15.26 -33.02
C HIS A 97 17.50 15.90 -34.38
N TYR A 98 16.43 16.69 -34.46
CA TYR A 98 16.08 17.35 -35.70
C TYR A 98 17.28 18.03 -36.36
N SER A 99 17.47 17.82 -37.66
CA SER A 99 18.57 18.43 -38.39
C SER A 99 18.29 19.91 -38.65
N LEU A 100 19.34 20.69 -38.79
CA LEU A 100 19.21 22.13 -39.01
C LEU A 100 18.18 22.42 -40.10
N VAL A 101 18.02 21.44 -41.00
CA VAL A 101 17.08 21.57 -42.11
C VAL A 101 15.64 21.61 -41.62
N GLN A 102 15.26 20.61 -40.83
CA GLN A 102 13.89 20.54 -40.31
C GLN A 102 13.54 21.79 -39.53
N TRP A 103 14.50 22.30 -38.76
CA TRP A 103 14.25 23.51 -38.00
C TRP A 103 13.88 24.62 -38.97
N GLN A 104 14.74 24.82 -39.98
CA GLN A 104 14.52 25.83 -41.01
C GLN A 104 13.11 25.73 -41.53
N GLU A 105 12.78 24.53 -41.97
CA GLU A 105 11.47 24.21 -42.51
C GLU A 105 10.36 24.57 -41.53
N PHE A 106 10.43 23.99 -40.33
CA PHE A 106 9.43 24.28 -39.30
C PHE A 106 9.32 25.77 -39.10
N ALA A 107 10.45 26.39 -38.81
CA ALA A 107 10.50 27.84 -38.58
C ALA A 107 9.82 28.53 -39.77
N GLY A 108 10.04 27.99 -40.96
CA GLY A 108 9.45 28.56 -42.15
C GLY A 108 7.95 28.50 -42.14
N GLN A 109 7.39 27.29 -42.15
CA GLN A 109 5.95 27.11 -42.16
C GLN A 109 5.21 27.59 -40.90
N ASN A 110 5.92 27.85 -39.81
CA ASN A 110 5.28 28.29 -38.58
C ASN A 110 5.99 29.47 -37.92
N PRO A 111 6.07 30.57 -38.66
CA PRO A 111 6.74 31.78 -38.18
C PRO A 111 6.47 32.13 -36.72
N ASP A 112 5.20 32.36 -36.40
CA ASP A 112 4.75 32.73 -35.07
C ASP A 112 5.15 31.83 -33.89
N CYS A 113 5.09 30.52 -34.11
CA CYS A 113 5.41 29.56 -33.06
C CYS A 113 6.89 29.38 -32.72
N LEU A 114 7.71 30.41 -32.88
CA LEU A 114 9.12 30.24 -32.57
C LEU A 114 9.47 30.67 -31.17
N GLU A 115 8.65 31.56 -30.62
CA GLU A 115 8.88 31.94 -29.24
C GLU A 115 8.22 30.76 -28.58
N HIS A 116 8.49 30.52 -27.30
CA HIS A 116 7.88 29.37 -26.66
C HIS A 116 8.37 28.08 -27.29
N LEU A 117 9.65 28.09 -27.65
CA LEU A 117 10.28 26.93 -28.25
C LEU A 117 11.71 26.97 -27.75
N ALA A 118 12.25 25.83 -27.37
CA ALA A 118 13.63 25.79 -26.89
C ALA A 118 14.44 24.74 -27.64
N ALA A 119 15.72 25.04 -27.88
CA ALA A 119 16.61 24.12 -28.55
C ALA A 119 17.34 23.37 -27.45
N SER A 120 17.31 22.05 -27.50
CA SER A 120 17.95 21.24 -26.45
C SER A 120 19.39 20.88 -26.76
N SER A 121 20.12 20.41 -25.74
CA SER A 121 21.50 20.03 -25.94
C SER A 121 22.15 19.40 -24.72
N GLY A 122 23.11 18.52 -24.96
CA GLY A 122 23.84 17.89 -23.89
C GLY A 122 25.17 18.61 -23.72
N THR A 123 26.02 18.08 -22.86
CA THR A 123 27.33 18.68 -22.62
C THR A 123 28.30 18.34 -23.75
N GLY A 124 27.98 17.29 -24.51
CA GLY A 124 28.83 16.88 -25.61
C GLY A 124 29.13 17.94 -26.65
N SER A 125 30.37 17.94 -27.13
CA SER A 125 30.84 18.88 -28.15
C SER A 125 29.93 18.87 -29.38
N SER A 126 29.63 17.68 -29.87
CA SER A 126 28.77 17.53 -31.03
C SER A 126 27.48 18.29 -30.76
N ASP A 127 26.85 17.98 -29.64
CA ASP A 127 25.60 18.60 -29.21
C ASP A 127 25.68 20.12 -29.22
N PHE A 128 26.68 20.65 -28.53
CA PHE A 128 26.86 22.10 -28.45
C PHE A 128 27.07 22.73 -29.81
N GLU A 129 27.83 22.02 -30.64
CA GLU A 129 28.13 22.45 -31.98
C GLU A 129 26.83 22.59 -32.75
N GLN A 130 25.98 21.57 -32.61
CA GLN A 130 24.71 21.56 -33.28
C GLN A 130 23.79 22.64 -32.74
N LEU A 131 23.84 22.85 -31.43
CA LEU A 131 23.03 23.86 -30.75
C LEU A 131 23.31 25.24 -31.32
N GLU A 132 24.58 25.61 -31.39
CA GLU A 132 24.99 26.90 -31.94
C GLU A 132 24.35 27.05 -33.32
N GLN A 133 24.70 26.11 -34.17
CA GLN A 133 24.21 26.08 -35.53
C GLN A 133 22.73 26.39 -35.69
N ILE A 134 21.91 25.94 -34.73
CA ILE A 134 20.48 26.17 -34.75
C ILE A 134 20.13 27.56 -34.21
N LEU A 135 20.78 27.97 -33.14
CA LEU A 135 20.51 29.26 -32.56
C LEU A 135 20.94 30.39 -33.49
N GLU A 136 22.02 30.17 -34.23
CA GLU A 136 22.52 31.16 -35.18
C GLU A 136 21.55 31.28 -36.34
N ALA A 137 21.19 30.13 -36.92
CA ALA A 137 20.27 30.08 -38.03
C ALA A 137 18.89 30.62 -37.70
N ILE A 138 18.33 30.15 -36.58
CA ILE A 138 17.02 30.61 -36.15
C ILE A 138 17.17 31.45 -34.89
N PRO A 139 17.36 32.77 -35.05
CA PRO A 139 17.50 33.61 -33.87
C PRO A 139 16.17 33.89 -33.18
N GLN A 140 15.08 33.45 -33.82
CA GLN A 140 13.76 33.64 -33.24
C GLN A 140 13.59 32.64 -32.08
N VAL A 141 14.51 31.67 -32.01
CA VAL A 141 14.51 30.67 -30.94
C VAL A 141 15.37 31.28 -29.85
N LYS A 142 14.73 31.81 -28.81
CA LYS A 142 15.42 32.48 -27.73
C LYS A 142 15.57 31.71 -26.40
N TYR A 143 15.44 30.39 -26.45
CA TYR A 143 15.57 29.52 -25.27
C TYR A 143 16.46 28.30 -25.53
N ILE A 144 17.26 27.95 -24.53
CA ILE A 144 18.15 26.81 -24.61
C ILE A 144 17.79 25.82 -23.49
N CYS A 145 17.80 24.53 -23.81
CA CYS A 145 17.49 23.52 -22.81
C CYS A 145 18.68 22.57 -22.61
N LEU A 146 19.37 22.74 -21.49
CA LEU A 146 20.52 21.93 -21.17
C LEU A 146 20.16 20.76 -20.25
N ASP A 147 20.41 19.54 -20.72
CA ASP A 147 20.10 18.33 -19.97
C ASP A 147 21.29 17.41 -19.85
N VAL A 148 21.82 17.27 -18.64
CA VAL A 148 22.96 16.40 -18.40
C VAL A 148 22.46 15.21 -17.61
N ALA A 149 23.31 14.19 -17.49
CA ALA A 149 22.98 12.99 -16.70
C ALA A 149 22.82 13.45 -15.24
N ASN A 150 23.95 13.78 -14.64
CA ASN A 150 24.01 14.26 -13.26
C ASN A 150 24.13 15.77 -13.24
N GLY A 151 23.04 16.46 -12.90
CA GLY A 151 23.08 17.91 -12.85
C GLY A 151 23.84 18.41 -11.64
N TYR A 152 24.45 17.49 -10.88
CA TYR A 152 25.20 17.85 -9.69
C TYR A 152 26.71 17.84 -9.95
N SER A 153 27.15 17.51 -11.16
CA SER A 153 28.58 17.50 -11.47
C SER A 153 29.05 18.93 -11.62
N GLU A 154 30.19 19.26 -11.01
CA GLU A 154 30.77 20.59 -11.07
C GLU A 154 31.03 20.88 -12.56
N HIS A 155 31.21 19.79 -13.33
CA HIS A 155 31.45 19.89 -14.77
C HIS A 155 30.25 20.60 -15.43
N PHE A 156 29.06 20.08 -15.20
CA PHE A 156 27.82 20.65 -15.74
C PHE A 156 27.79 22.14 -15.41
N VAL A 157 28.06 22.46 -14.15
CA VAL A 157 28.07 23.84 -13.73
C VAL A 157 28.93 24.67 -14.69
N GLU A 158 30.09 24.15 -15.04
CA GLU A 158 30.97 24.85 -15.97
C GLU A 158 30.32 24.97 -17.36
N PHE A 159 29.89 23.83 -17.91
CA PHE A 159 29.26 23.83 -19.21
C PHE A 159 28.19 24.91 -19.23
N VAL A 160 27.45 25.00 -18.13
CA VAL A 160 26.40 25.99 -18.01
C VAL A 160 26.99 27.38 -18.14
N LYS A 161 28.00 27.67 -17.34
CA LYS A 161 28.68 28.97 -17.39
C LYS A 161 29.17 29.32 -18.82
N ASP A 162 29.69 28.33 -19.56
CA ASP A 162 30.15 28.54 -20.94
C ASP A 162 28.98 28.96 -21.82
N VAL A 163 27.90 28.17 -21.83
CA VAL A 163 26.73 28.48 -22.65
C VAL A 163 26.21 29.87 -22.32
N ARG A 164 26.33 30.25 -21.05
CA ARG A 164 25.86 31.56 -20.62
C ARG A 164 26.62 32.62 -21.39
N LYS A 165 27.94 32.53 -21.35
CA LYS A 165 28.81 33.47 -22.03
C LYS A 165 28.54 33.50 -23.54
N ARG A 166 28.55 32.33 -24.16
CA ARG A 166 28.34 32.25 -25.61
C ARG A 166 27.00 32.77 -26.11
N PHE A 167 26.00 32.82 -25.24
CA PHE A 167 24.66 33.30 -25.60
C PHE A 167 24.11 34.08 -24.41
N PRO A 168 24.78 35.17 -24.05
CA PRO A 168 24.37 36.01 -22.92
C PRO A 168 22.91 36.46 -22.91
N GLN A 169 22.22 36.30 -24.02
CA GLN A 169 20.85 36.77 -24.08
C GLN A 169 19.77 35.75 -24.37
N HIS A 170 20.14 34.49 -24.24
CA HIS A 170 19.17 33.43 -24.42
C HIS A 170 18.78 32.97 -23.02
N THR A 171 17.52 32.61 -22.86
CA THR A 171 17.05 32.12 -21.57
C THR A 171 17.49 30.68 -21.49
N ILE A 172 18.18 30.34 -20.42
CA ILE A 172 18.68 28.98 -20.28
C ILE A 172 17.96 28.12 -19.25
N MET A 173 17.54 26.94 -19.72
CA MET A 173 16.90 25.92 -18.89
C MET A 173 17.98 24.86 -18.70
N ALA A 174 18.31 24.53 -17.45
CA ALA A 174 19.32 23.52 -17.21
C ALA A 174 18.91 22.62 -16.06
N GLY A 175 19.06 21.31 -16.28
CA GLY A 175 18.70 20.32 -15.27
C GLY A 175 19.43 19.01 -15.50
N ASN A 176 19.13 18.00 -14.67
CA ASN A 176 18.16 18.13 -13.60
C ASN A 176 18.77 17.98 -12.22
N VAL A 177 18.10 18.52 -11.21
CA VAL A 177 18.54 18.43 -9.83
C VAL A 177 17.26 18.28 -9.02
N VAL A 178 17.41 18.07 -7.73
CA VAL A 178 16.25 17.90 -6.87
C VAL A 178 16.45 18.60 -5.55
N THR A 179 17.54 19.38 -5.41
CA THR A 179 17.85 20.06 -4.14
C THR A 179 18.18 21.54 -4.27
N GLY A 180 17.64 22.33 -3.35
CA GLY A 180 17.85 23.77 -3.38
C GLY A 180 19.28 24.22 -3.65
N GLU A 181 20.23 23.58 -2.99
CA GLU A 181 21.64 23.91 -3.13
C GLU A 181 22.07 23.94 -4.58
N MET A 182 22.02 22.79 -5.23
CA MET A 182 22.42 22.70 -6.63
C MET A 182 21.56 23.62 -7.49
N VAL A 183 20.39 23.99 -6.99
CA VAL A 183 19.51 24.88 -7.75
C VAL A 183 20.16 26.27 -7.79
N GLU A 184 20.64 26.73 -6.63
CA GLU A 184 21.30 28.02 -6.50
C GLU A 184 22.59 28.03 -7.28
N GLU A 185 23.38 26.98 -7.10
CA GLU A 185 24.64 26.86 -7.80
C GLU A 185 24.41 27.12 -9.28
N LEU A 186 23.47 26.41 -9.87
CA LEU A 186 23.15 26.54 -11.30
C LEU A 186 22.63 27.90 -11.70
N ILE A 187 21.77 28.49 -10.87
CA ILE A 187 21.25 29.82 -11.16
C ILE A 187 22.39 30.84 -11.16
N LEU A 188 23.29 30.72 -10.20
CA LEU A 188 24.43 31.63 -10.11
C LEU A 188 25.44 31.37 -11.22
N SER A 189 25.58 30.11 -11.63
CA SER A 189 26.51 29.80 -12.68
C SER A 189 25.98 30.34 -14.00
N GLY A 190 24.74 30.80 -14.04
CA GLY A 190 24.21 31.34 -15.28
C GLY A 190 22.84 30.90 -15.79
N ALA A 191 22.34 29.75 -15.34
CA ALA A 191 21.04 29.27 -15.81
C ALA A 191 19.86 30.12 -15.32
N ASP A 192 18.81 30.18 -16.13
CA ASP A 192 17.62 30.95 -15.81
C ASP A 192 16.53 30.11 -15.16
N ILE A 193 16.25 28.96 -15.76
CA ILE A 193 15.25 28.03 -15.24
C ILE A 193 15.96 26.72 -14.91
N ILE A 194 15.69 26.20 -13.73
CA ILE A 194 16.29 24.94 -13.33
C ILE A 194 15.26 23.82 -13.47
N LYS A 195 15.60 22.77 -14.20
CA LYS A 195 14.74 21.60 -14.40
C LYS A 195 14.86 20.69 -13.17
N VAL A 196 13.78 20.59 -12.41
CA VAL A 196 13.73 19.80 -11.19
C VAL A 196 13.14 18.39 -11.39
N GLY A 197 13.88 17.36 -10.97
CA GLY A 197 13.36 16.01 -11.10
C GLY A 197 14.34 14.90 -11.44
N ILE A 198 14.42 13.90 -10.57
CA ILE A 198 15.29 12.77 -10.80
C ILE A 198 14.64 11.49 -10.24
N GLY A 199 14.29 10.57 -11.13
CA GLY A 199 13.68 9.32 -10.67
C GLY A 199 12.24 9.08 -11.03
N PRO A 200 11.32 10.00 -10.69
CA PRO A 200 9.88 9.93 -10.94
C PRO A 200 9.41 9.85 -12.40
N GLY A 201 10.32 9.96 -13.36
CA GLY A 201 9.92 9.90 -14.76
C GLY A 201 9.25 8.58 -15.14
N SER A 202 8.38 8.60 -16.16
CA SER A 202 7.69 7.39 -16.65
C SER A 202 8.68 6.42 -17.28
N VAL A 203 9.33 6.86 -18.36
CA VAL A 203 10.33 6.05 -19.05
C VAL A 203 11.63 6.17 -18.23
N CYS A 204 11.59 6.99 -17.18
CA CYS A 204 12.72 7.17 -16.29
C CYS A 204 12.74 6.02 -15.27
N THR A 205 13.93 5.50 -14.99
CA THR A 205 14.08 4.37 -14.07
C THR A 205 15.38 4.46 -13.26
N THR A 206 15.69 5.67 -12.82
CA THR A 206 16.86 5.96 -12.02
C THR A 206 16.87 5.15 -10.73
N ARG A 207 15.72 5.09 -10.08
CA ARG A 207 15.56 4.38 -8.82
C ARG A 207 15.78 2.87 -8.92
N LYS A 208 15.29 2.26 -9.99
CA LYS A 208 15.48 0.83 -10.14
C LYS A 208 16.94 0.51 -10.42
N LYS A 209 17.58 1.26 -11.31
CA LYS A 209 18.96 0.95 -11.66
C LYS A 209 20.01 1.55 -10.74
N THR A 210 19.69 2.64 -10.06
CA THR A 210 20.69 3.28 -9.19
C THR A 210 20.29 3.50 -7.74
N GLY A 211 18.99 3.42 -7.44
CA GLY A 211 18.52 3.64 -6.09
C GLY A 211 18.57 5.12 -5.72
N VAL A 212 18.78 5.96 -6.74
CA VAL A 212 18.86 7.40 -6.52
C VAL A 212 17.59 8.08 -7.01
N GLY A 213 17.05 8.98 -6.19
CA GLY A 213 15.84 9.67 -6.57
C GLY A 213 15.43 10.69 -5.53
N TYR A 214 14.23 11.23 -5.69
CA TYR A 214 13.71 12.23 -4.77
C TYR A 214 12.27 12.46 -5.18
N PRO A 215 11.33 12.41 -4.23
CA PRO A 215 9.90 12.62 -4.51
C PRO A 215 9.68 13.98 -5.15
N GLN A 216 8.91 14.02 -6.24
CA GLN A 216 8.63 15.28 -6.94
C GLN A 216 8.15 16.42 -6.05
N LEU A 217 7.05 16.20 -5.34
CA LEU A 217 6.49 17.27 -4.51
C LEU A 217 7.50 17.92 -3.60
N SER A 218 8.19 17.10 -2.81
CA SER A 218 9.17 17.66 -1.90
C SER A 218 10.27 18.37 -2.65
N ALA A 219 10.72 17.78 -3.76
CA ALA A 219 11.75 18.40 -4.58
C ALA A 219 11.28 19.77 -5.08
N VAL A 220 10.13 19.80 -5.76
CA VAL A 220 9.62 21.05 -6.27
C VAL A 220 9.51 22.11 -5.19
N MET A 221 8.86 21.80 -4.07
CA MET A 221 8.74 22.79 -3.01
C MET A 221 10.09 23.33 -2.55
N GLU A 222 11.01 22.43 -2.23
CA GLU A 222 12.35 22.83 -1.78
C GLU A 222 13.09 23.63 -2.85
N CYS A 223 13.14 23.11 -4.07
CA CYS A 223 13.82 23.79 -5.16
C CYS A 223 13.17 25.10 -5.58
N ALA A 224 11.84 25.11 -5.68
CA ALA A 224 11.12 26.32 -6.06
C ALA A 224 11.49 27.43 -5.11
N ASP A 225 11.58 27.09 -3.84
CA ASP A 225 11.93 28.08 -2.84
C ASP A 225 13.31 28.65 -3.09
N ALA A 226 14.28 27.75 -3.24
CA ALA A 226 15.64 28.15 -3.48
C ALA A 226 15.71 29.08 -4.69
N ALA A 227 15.22 28.60 -5.83
CA ALA A 227 15.27 29.39 -7.05
C ALA A 227 14.65 30.76 -6.88
N HIS A 228 13.47 30.80 -6.27
CA HIS A 228 12.77 32.05 -6.07
C HIS A 228 13.53 33.07 -5.24
N GLY A 229 14.34 32.61 -4.28
CA GLY A 229 15.12 33.53 -3.47
C GLY A 229 16.13 34.29 -4.32
N LEU A 230 16.70 33.63 -5.32
CA LEU A 230 17.67 34.25 -6.20
C LEU A 230 16.96 34.93 -7.37
N LYS A 231 15.64 35.07 -7.24
CA LYS A 231 14.84 35.69 -8.30
C LYS A 231 14.89 34.86 -9.60
N GLY A 232 15.09 33.54 -9.45
CA GLY A 232 15.13 32.63 -10.59
C GLY A 232 13.86 31.80 -10.68
N HIS A 233 13.84 30.81 -11.57
CA HIS A 233 12.67 29.95 -11.76
C HIS A 233 13.01 28.47 -11.91
N ILE A 234 12.01 27.61 -11.77
CA ILE A 234 12.22 26.18 -11.90
C ILE A 234 11.16 25.55 -12.78
N ILE A 235 11.46 24.33 -13.22
CA ILE A 235 10.54 23.55 -14.03
C ILE A 235 10.37 22.18 -13.35
N SER A 236 9.13 21.78 -13.12
CA SER A 236 8.87 20.48 -12.51
C SER A 236 8.98 19.51 -13.68
N ASP A 237 10.07 18.74 -13.72
CA ASP A 237 10.29 17.81 -14.82
C ASP A 237 9.95 16.37 -14.47
N GLY A 238 8.93 15.86 -15.13
CA GLY A 238 8.50 14.49 -14.87
C GLY A 238 7.72 14.32 -13.59
N GLY A 239 7.08 13.16 -13.43
CA GLY A 239 6.31 12.89 -12.24
C GLY A 239 4.80 13.01 -12.38
N CYS A 240 4.34 13.74 -13.40
CA CYS A 240 2.91 13.92 -13.59
C CYS A 240 2.28 12.85 -14.45
N SER A 241 1.15 12.35 -14.00
CA SER A 241 0.42 11.29 -14.68
C SER A 241 -1.00 11.74 -14.99
N CYS A 242 -1.46 12.76 -14.28
CA CYS A 242 -2.80 13.29 -14.48
C CYS A 242 -2.76 14.79 -14.26
N PRO A 243 -3.80 15.52 -14.73
CA PRO A 243 -3.85 16.97 -14.58
C PRO A 243 -3.67 17.41 -13.12
N GLY A 244 -4.25 16.65 -12.21
CA GLY A 244 -4.14 16.98 -10.81
C GLY A 244 -2.72 17.14 -10.33
N ASP A 245 -1.83 16.29 -10.86
CA ASP A 245 -0.41 16.33 -10.52
C ASP A 245 0.19 17.63 -11.00
N VAL A 246 -0.19 18.02 -12.22
CA VAL A 246 0.32 19.24 -12.81
C VAL A 246 -0.14 20.38 -11.91
N ALA A 247 -1.39 20.31 -11.47
CA ALA A 247 -1.94 21.32 -10.60
C ALA A 247 -1.14 21.32 -9.30
N LYS A 248 -0.96 20.12 -8.73
CA LYS A 248 -0.20 19.99 -7.50
C LYS A 248 1.18 20.61 -7.67
N ALA A 249 1.80 20.36 -8.82
CA ALA A 249 3.13 20.89 -9.09
C ALA A 249 3.15 22.42 -9.05
N PHE A 250 2.20 23.03 -9.76
CA PHE A 250 2.11 24.48 -9.79
C PHE A 250 1.88 25.03 -8.38
N GLY A 251 0.91 24.46 -7.68
CA GLY A 251 0.61 24.89 -6.33
C GLY A 251 1.82 24.71 -5.44
N ALA A 252 2.65 23.72 -5.73
CA ALA A 252 3.84 23.47 -4.94
C ALA A 252 4.91 24.53 -5.16
N GLY A 253 4.71 25.38 -6.17
CA GLY A 253 5.67 26.43 -6.45
C GLY A 253 6.38 26.38 -7.80
N ALA A 254 6.18 25.31 -8.56
CA ALA A 254 6.82 25.21 -9.86
C ALA A 254 6.33 26.35 -10.74
N ASP A 255 7.25 26.98 -11.48
CA ASP A 255 6.89 28.07 -12.39
C ASP A 255 6.40 27.45 -13.68
N PHE A 256 7.10 26.41 -14.13
CA PHE A 256 6.72 25.68 -15.32
C PHE A 256 6.60 24.21 -14.94
N VAL A 257 5.74 23.49 -15.65
CA VAL A 257 5.58 22.04 -15.43
C VAL A 257 5.89 21.44 -16.80
N MET A 258 6.84 20.51 -16.85
CA MET A 258 7.18 19.89 -18.12
C MET A 258 6.59 18.49 -18.19
N LEU A 259 5.83 18.24 -19.25
CA LEU A 259 5.20 16.94 -19.42
C LEU A 259 5.91 16.04 -20.43
N GLY A 260 6.12 14.80 -20.04
CA GLY A 260 6.75 13.84 -20.94
C GLY A 260 5.78 12.73 -21.26
N GLY A 261 5.66 11.75 -20.36
CA GLY A 261 4.76 10.64 -20.58
C GLY A 261 3.32 11.06 -20.84
N MET A 262 2.81 11.99 -20.04
CA MET A 262 1.45 12.44 -20.24
C MET A 262 1.19 12.89 -21.66
N LEU A 263 2.24 13.20 -22.42
CA LEU A 263 2.09 13.66 -23.80
C LEU A 263 2.47 12.62 -24.82
N ALA A 264 3.14 11.56 -24.39
CA ALA A 264 3.54 10.48 -25.28
C ALA A 264 2.29 9.77 -25.82
N GLY A 265 2.47 8.91 -26.82
CA GLY A 265 1.35 8.15 -27.35
C GLY A 265 0.27 8.86 -28.15
N HIS A 266 0.51 10.08 -28.61
CA HIS A 266 -0.50 10.78 -29.41
C HIS A 266 -0.08 10.73 -30.87
N SER A 267 -0.91 11.32 -31.72
CA SER A 267 -0.61 11.36 -33.15
C SER A 267 0.66 12.16 -33.30
N GLU A 268 0.59 13.42 -32.91
CA GLU A 268 1.72 14.35 -32.99
C GLU A 268 2.95 13.83 -32.25
N SER A 269 2.74 12.79 -31.46
CA SER A 269 3.80 12.20 -30.66
C SER A 269 4.73 11.38 -31.54
N GLY A 270 5.84 10.92 -30.94
CA GLY A 270 6.80 10.12 -31.69
C GLY A 270 6.46 8.65 -31.53
N GLY A 271 7.47 7.79 -31.36
CA GLY A 271 7.23 6.37 -31.19
C GLY A 271 6.58 5.61 -32.34
N GLU A 272 6.72 4.29 -32.33
CA GLU A 272 6.14 3.47 -33.39
C GLU A 272 4.67 3.17 -33.11
N LEU A 273 3.81 3.49 -34.07
CA LEU A 273 2.37 3.27 -33.93
C LEU A 273 1.91 1.80 -34.00
N ILE A 274 2.46 0.97 -33.11
CA ILE A 274 2.09 -0.46 -33.02
C ILE A 274 0.58 -0.61 -32.74
N GLU A 275 0.06 -1.80 -32.98
CA GLU A 275 -1.32 -2.12 -32.67
C GLU A 275 -1.40 -3.63 -32.44
N ARG A 276 -1.75 -3.99 -31.20
CA ARG A 276 -1.83 -5.38 -30.78
C ARG A 276 -3.04 -5.72 -29.92
N ASP A 277 -3.50 -6.97 -30.03
CA ASP A 277 -4.64 -7.47 -29.29
C ASP A 277 -5.84 -6.57 -29.58
N GLY A 278 -5.85 -6.01 -30.78
CA GLY A 278 -6.93 -5.13 -31.22
C GLY A 278 -6.84 -3.70 -30.74
N LYS A 279 -5.76 -3.39 -30.02
CA LYS A 279 -5.55 -2.07 -29.47
C LYS A 279 -4.35 -1.42 -30.14
N LYS A 280 -4.41 -0.12 -30.41
CA LYS A 280 -3.28 0.56 -31.06
C LYS A 280 -2.40 1.31 -30.06
N TYR A 281 -1.10 1.08 -30.15
CA TYR A 281 -0.14 1.70 -29.24
C TYR A 281 0.96 2.50 -29.94
N LYS A 282 1.88 3.01 -29.13
CA LYS A 282 3.04 3.73 -29.62
C LYS A 282 4.23 3.50 -28.69
N LEU A 283 5.41 3.36 -29.27
CA LEU A 283 6.62 3.13 -28.50
C LEU A 283 6.95 4.44 -27.81
N PHE A 284 7.36 4.37 -26.55
CA PHE A 284 7.74 5.58 -25.82
C PHE A 284 9.08 5.32 -25.14
N TYR A 285 10.16 5.59 -25.87
CA TYR A 285 11.48 5.36 -25.33
C TYR A 285 12.06 6.63 -24.71
N GLY A 286 12.95 6.46 -23.74
CA GLY A 286 13.54 7.59 -23.05
C GLY A 286 14.60 8.35 -23.84
N MET A 287 15.29 9.26 -23.14
CA MET A 287 16.35 10.04 -23.76
C MET A 287 17.66 9.25 -23.81
N SER A 288 17.85 8.34 -22.85
CA SER A 288 19.04 7.50 -22.78
C SER A 288 18.65 6.02 -22.77
N SER A 289 17.47 5.73 -23.31
CA SER A 289 16.99 4.36 -23.35
C SER A 289 17.89 3.55 -24.27
N GLU A 290 17.59 2.26 -24.40
CA GLU A 290 18.39 1.40 -25.26
C GLU A 290 18.03 1.64 -26.72
N MET A 291 16.76 1.95 -26.97
CA MET A 291 16.28 2.22 -28.33
C MET A 291 16.71 3.61 -28.77
N ALA A 292 17.20 4.39 -27.82
CA ALA A 292 17.69 5.74 -28.07
C ALA A 292 19.15 5.65 -28.51
N MET A 293 19.95 4.93 -27.72
CA MET A 293 21.37 4.73 -28.01
C MET A 293 21.60 3.96 -29.33
N LYS A 294 20.69 3.04 -29.64
CA LYS A 294 20.77 2.22 -30.85
C LYS A 294 20.26 3.01 -32.06
N LYS A 295 19.29 3.90 -31.83
CA LYS A 295 18.71 4.71 -32.91
C LYS A 295 19.51 5.98 -33.16
N TYR A 296 20.04 6.57 -32.10
CA TYR A 296 20.81 7.81 -32.21
C TYR A 296 22.22 7.60 -32.81
N ALA A 297 22.78 8.69 -33.33
CA ALA A 297 24.12 8.67 -33.95
C ALA A 297 25.22 8.33 -32.93
N GLY A 298 24.95 8.66 -31.66
CA GLY A 298 25.91 8.39 -30.60
C GLY A 298 25.93 9.57 -29.63
N GLY A 299 26.25 9.31 -28.37
CA GLY A 299 26.30 10.40 -27.40
C GLY A 299 24.96 10.77 -26.79
N VAL A 300 24.45 9.87 -25.96
CA VAL A 300 23.19 10.06 -25.25
C VAL A 300 23.21 9.12 -24.03
N ALA A 301 24.31 8.40 -23.88
CA ALA A 301 24.49 7.46 -22.77
C ALA A 301 24.52 8.15 -21.40
N GLU A 302 24.99 9.41 -21.37
CA GLU A 302 25.07 10.18 -20.13
C GLU A 302 24.20 11.41 -20.24
N TYR A 303 23.19 11.32 -21.10
CA TYR A 303 22.25 12.41 -21.33
C TYR A 303 21.29 12.56 -20.15
N ARG A 304 20.80 11.43 -19.64
CA ARG A 304 19.88 11.42 -18.51
C ARG A 304 20.42 10.46 -17.44
N ALA A 305 20.12 10.76 -16.17
CA ALA A 305 20.57 9.97 -15.01
C ALA A 305 20.48 8.44 -15.06
N SER A 306 19.68 7.89 -15.98
CA SER A 306 19.57 6.44 -16.09
C SER A 306 19.17 5.99 -17.50
N GLU A 307 19.53 4.76 -17.85
CA GLU A 307 19.20 4.22 -19.16
C GLU A 307 17.72 3.90 -19.21
N GLY A 308 16.94 4.83 -19.78
CA GLY A 308 15.50 4.66 -19.88
C GLY A 308 14.97 3.37 -20.47
N LYS A 309 13.79 3.00 -19.99
CA LYS A 309 13.11 1.81 -20.46
C LYS A 309 12.25 2.21 -21.68
N THR A 310 12.18 1.34 -22.68
CA THR A 310 11.34 1.61 -23.84
C THR A 310 10.03 0.97 -23.43
N VAL A 311 8.91 1.63 -23.70
CA VAL A 311 7.64 1.07 -23.31
C VAL A 311 6.56 1.37 -24.34
N GLU A 312 5.40 0.76 -24.14
CA GLU A 312 4.27 0.94 -25.04
C GLU A 312 3.18 1.78 -24.40
N VAL A 313 3.05 3.01 -24.86
CA VAL A 313 2.03 3.90 -24.34
C VAL A 313 0.79 3.67 -25.20
N PRO A 314 -0.37 3.45 -24.58
CA PRO A 314 -1.53 3.25 -25.45
C PRO A 314 -1.83 4.50 -26.26
N PHE A 315 -2.10 4.31 -27.55
CA PHE A 315 -2.40 5.42 -28.45
C PHE A 315 -3.54 6.29 -27.92
N LYS A 316 -3.23 7.56 -27.69
CA LYS A 316 -4.19 8.52 -27.14
C LYS A 316 -4.85 9.44 -28.15
N GLY A 317 -4.53 9.24 -29.42
CA GLY A 317 -5.15 10.09 -30.43
C GLY A 317 -4.48 11.45 -30.57
N ASP A 318 -5.28 12.50 -30.60
CA ASP A 318 -4.78 13.84 -30.75
C ASP A 318 -4.43 14.55 -29.44
N VAL A 319 -3.23 15.13 -29.38
CA VAL A 319 -2.76 15.86 -28.20
C VAL A 319 -3.77 16.93 -27.90
N GLU A 320 -4.33 17.44 -28.99
CA GLU A 320 -5.35 18.48 -29.04
C GLU A 320 -6.28 18.39 -27.85
N HIS A 321 -6.88 17.22 -27.68
CA HIS A 321 -7.79 16.99 -26.58
C HIS A 321 -7.08 16.96 -25.22
N THR A 322 -6.01 16.18 -25.11
CA THR A 322 -5.25 16.08 -23.87
C THR A 322 -4.90 17.45 -23.34
N ILE A 323 -4.52 18.35 -24.22
CA ILE A 323 -4.18 19.70 -23.78
C ILE A 323 -5.40 20.37 -23.14
N ARG A 324 -6.54 20.32 -23.83
CA ARG A 324 -7.77 20.92 -23.31
C ARG A 324 -8.17 20.30 -21.98
N ASP A 325 -7.81 19.02 -21.82
CA ASP A 325 -8.12 18.29 -20.62
C ASP A 325 -7.24 18.73 -19.46
N ILE A 326 -5.98 19.04 -19.75
CA ILE A 326 -5.03 19.46 -18.72
C ILE A 326 -5.34 20.87 -18.29
N LEU A 327 -5.35 21.78 -19.26
CA LEU A 327 -5.65 23.19 -18.97
C LEU A 327 -6.99 23.25 -18.24
N GLY A 328 -7.92 22.40 -18.67
CA GLY A 328 -9.23 22.36 -18.04
C GLY A 328 -9.11 22.06 -16.55
N GLY A 329 -8.39 20.98 -16.22
CA GLY A 329 -8.19 20.58 -14.84
C GLY A 329 -7.53 21.68 -14.02
N ILE A 330 -6.48 22.30 -14.57
CA ILE A 330 -5.77 23.36 -13.85
C ILE A 330 -6.72 24.51 -13.56
N ARG A 331 -7.59 24.81 -14.51
CA ARG A 331 -8.56 25.89 -14.33
C ARG A 331 -9.48 25.61 -13.15
N SER A 332 -9.93 24.36 -13.03
CA SER A 332 -10.80 24.00 -11.92
C SER A 332 -10.05 24.13 -10.61
N THR A 333 -8.82 23.63 -10.57
CA THR A 333 -8.01 23.68 -9.37
C THR A 333 -7.98 25.10 -8.84
N CYS A 334 -7.79 26.06 -9.73
CA CYS A 334 -7.75 27.46 -9.33
C CYS A 334 -9.10 27.93 -8.80
N THR A 335 -10.16 27.58 -9.50
CA THR A 335 -11.49 27.96 -9.06
C THR A 335 -11.68 27.50 -7.64
N TYR A 336 -11.40 26.22 -7.39
CA TYR A 336 -11.53 25.57 -6.07
C TYR A 336 -10.75 26.21 -4.96
N VAL A 337 -9.61 26.77 -5.33
CA VAL A 337 -8.73 27.38 -4.35
C VAL A 337 -8.90 28.90 -4.24
N GLY A 338 -9.51 29.50 -5.26
CA GLY A 338 -9.69 30.93 -5.20
C GLY A 338 -8.63 31.73 -5.94
N ALA A 339 -7.92 31.09 -6.87
CA ALA A 339 -6.89 31.78 -7.64
C ALA A 339 -7.50 32.17 -8.98
N ALA A 340 -7.59 33.47 -9.23
CA ALA A 340 -8.16 33.98 -10.47
C ALA A 340 -7.12 33.86 -11.56
N LYS A 341 -5.86 33.93 -11.14
CA LYS A 341 -4.74 33.87 -12.05
C LYS A 341 -3.79 32.77 -11.58
N LEU A 342 -3.20 32.02 -12.52
CA LEU A 342 -2.30 30.94 -12.16
C LEU A 342 -1.22 31.40 -11.18
N LYS A 343 -0.84 32.66 -11.25
CA LYS A 343 0.16 33.18 -10.34
C LYS A 343 -0.28 32.99 -8.90
N GLU A 344 -1.56 33.17 -8.65
CA GLU A 344 -2.08 33.04 -7.28
C GLU A 344 -2.25 31.61 -6.77
N LEU A 345 -2.21 30.63 -7.67
CA LEU A 345 -2.41 29.24 -7.26
C LEU A 345 -1.59 28.78 -6.06
N SER A 346 -0.27 28.88 -6.13
CA SER A 346 0.53 28.42 -5.00
C SER A 346 0.31 29.31 -3.81
N ARG A 347 0.22 30.61 -4.07
CA ARG A 347 -0.01 31.62 -3.03
C ARG A 347 -1.24 31.26 -2.19
N ARG A 348 -2.17 30.51 -2.77
CA ARG A 348 -3.39 30.07 -2.09
C ARG A 348 -3.42 28.58 -1.82
N THR A 349 -2.28 27.92 -1.93
CA THR A 349 -2.23 26.49 -1.72
C THR A 349 -1.94 25.96 -0.34
N THR A 350 -2.81 25.07 0.11
CA THR A 350 -2.64 24.40 1.40
C THR A 350 -2.79 22.92 1.10
N PHE A 351 -1.68 22.19 1.27
CA PHE A 351 -1.67 20.76 1.00
C PHE A 351 -2.12 19.95 2.21
N ILE A 352 -3.09 19.07 1.99
CA ILE A 352 -3.58 18.19 3.07
C ILE A 352 -2.80 16.90 2.84
N ARG A 353 -2.15 16.39 3.89
CA ARG A 353 -1.42 15.13 3.75
C ARG A 353 -2.46 14.02 3.83
N VAL A 354 -2.38 13.08 2.91
CA VAL A 354 -3.33 12.00 2.87
C VAL A 354 -2.69 10.67 3.20
N THR A 355 -3.48 9.78 3.81
CA THR A 355 -3.02 8.44 4.17
C THR A 355 -3.01 7.56 2.92
N GLN A 356 -4.08 7.63 2.14
CA GLN A 356 -4.20 6.84 0.91
C GLN A 356 -5.37 7.34 0.06
N MET B 19 -18.41 12.30 22.69
CA MET B 19 -17.48 11.86 21.61
C MET B 19 -18.23 11.97 20.28
N PRO B 20 -17.75 11.35 19.19
CA PRO B 20 -16.59 10.51 18.90
C PRO B 20 -15.22 11.07 19.24
N HIS B 21 -14.26 10.17 19.32
CA HIS B 21 -12.88 10.50 19.61
C HIS B 21 -12.02 9.48 18.87
N ILE B 22 -10.92 9.92 18.27
CA ILE B 22 -10.06 8.96 17.60
C ILE B 22 -8.95 8.57 18.57
N ASP B 23 -8.68 7.27 18.65
CA ASP B 23 -7.64 6.78 19.53
C ASP B 23 -6.30 7.09 18.91
N ASN B 24 -5.47 7.82 19.65
CA ASN B 24 -4.14 8.22 19.19
C ASN B 24 -3.24 7.04 18.83
N ASP B 25 -3.09 6.11 19.78
CA ASP B 25 -2.26 4.93 19.58
C ASP B 25 -2.74 4.06 18.44
N VAL B 26 -1.88 3.83 17.46
CA VAL B 26 -2.22 2.98 16.31
C VAL B 26 -2.10 1.50 16.64
N LYS B 27 -3.21 0.80 16.46
CA LYS B 27 -3.28 -0.63 16.72
C LYS B 27 -2.66 -1.34 15.54
N LEU B 28 -1.77 -2.30 15.80
CA LEU B 28 -1.13 -3.00 14.69
C LEU B 28 -1.46 -4.49 14.63
N ASP B 29 -1.36 -5.04 13.43
CA ASP B 29 -1.64 -6.44 13.17
C ASP B 29 -0.37 -7.28 13.06
N PHE B 30 -0.54 -8.57 12.84
CA PHE B 30 0.60 -9.46 12.71
C PHE B 30 1.54 -8.96 11.61
N LYS B 31 0.96 -8.41 10.55
CA LYS B 31 1.71 -7.89 9.41
C LYS B 31 2.66 -6.76 9.79
N ASP B 32 2.26 -5.90 10.72
CA ASP B 32 3.11 -4.78 11.10
C ASP B 32 4.26 -5.17 12.01
N VAL B 33 4.46 -6.46 12.23
CA VAL B 33 5.51 -6.83 13.16
C VAL B 33 6.27 -8.11 12.83
N LEU B 34 7.45 -8.25 13.43
CA LEU B 34 8.28 -9.44 13.26
C LEU B 34 8.92 -9.81 14.62
N LEU B 35 9.46 -11.03 14.71
CA LEU B 35 10.10 -11.48 15.94
C LEU B 35 11.60 -11.38 15.81
N ARG B 36 12.23 -10.66 16.72
CA ARG B 36 13.68 -10.47 16.70
C ARG B 36 14.43 -11.72 17.21
N PRO B 37 15.37 -12.23 16.41
CA PRO B 37 16.15 -13.41 16.79
C PRO B 37 16.92 -13.11 18.06
N LYS B 38 17.23 -14.13 18.85
CA LYS B 38 17.97 -13.91 20.06
C LYS B 38 18.93 -15.03 20.37
N ARG B 39 20.06 -14.67 20.98
CA ARG B 39 21.11 -15.61 21.39
C ARG B 39 20.40 -16.69 22.19
N SER B 40 20.87 -17.92 22.08
CA SER B 40 20.29 -19.03 22.83
C SER B 40 21.29 -20.17 22.89
N THR B 41 20.88 -21.27 23.50
CA THR B 41 21.73 -22.43 23.65
C THR B 41 20.99 -23.66 23.12
N LEU B 42 19.92 -23.43 22.38
CA LEU B 42 19.12 -24.53 21.85
C LEU B 42 19.86 -25.41 20.86
N LYS B 43 19.66 -26.72 21.01
CA LYS B 43 20.26 -27.72 20.14
C LYS B 43 19.74 -27.55 18.72
N SER B 44 18.66 -28.27 18.40
CA SER B 44 18.03 -28.21 17.09
C SER B 44 16.56 -27.90 17.28
N ARG B 45 15.85 -27.62 16.19
CA ARG B 45 14.43 -27.29 16.24
C ARG B 45 13.63 -28.41 16.92
N SER B 46 14.26 -29.57 17.08
CA SER B 46 13.63 -30.74 17.70
C SER B 46 13.59 -30.63 19.22
N GLU B 47 14.57 -29.91 19.77
CA GLU B 47 14.67 -29.72 21.20
C GLU B 47 13.56 -28.78 21.73
N VAL B 48 12.55 -28.53 20.90
CA VAL B 48 11.46 -27.63 21.29
C VAL B 48 10.18 -28.35 21.65
N ASP B 49 9.67 -28.04 22.83
CA ASP B 49 8.46 -28.65 23.33
C ASP B 49 7.27 -27.71 23.12
N LEU B 50 6.38 -28.06 22.21
CA LEU B 50 5.22 -27.21 21.94
C LEU B 50 3.99 -27.52 22.80
N THR B 51 4.16 -28.25 23.89
CA THR B 51 3.03 -28.59 24.75
C THR B 51 2.99 -27.67 25.94
N ARG B 52 1.80 -27.47 26.51
CA ARG B 52 1.66 -26.60 27.67
C ARG B 52 0.70 -27.13 28.70
N SER B 53 1.01 -26.84 29.96
CA SER B 53 0.18 -27.26 31.07
C SER B 53 -0.52 -26.01 31.60
N PHE B 54 -1.85 -26.07 31.67
CA PHE B 54 -2.66 -24.94 32.15
C PHE B 54 -3.56 -25.42 33.26
N SER B 55 -3.82 -24.54 34.21
CA SER B 55 -4.72 -24.84 35.31
C SER B 55 -5.74 -23.72 35.27
N PHE B 56 -6.90 -24.04 34.69
CA PHE B 56 -7.95 -23.08 34.50
C PHE B 56 -8.53 -22.48 35.77
N ARG B 57 -8.67 -21.16 35.72
CA ARG B 57 -9.13 -20.38 36.85
C ARG B 57 -10.46 -20.78 37.45
N ASN B 58 -11.49 -20.96 36.63
CA ASN B 58 -12.79 -21.27 37.20
C ASN B 58 -13.18 -22.74 37.29
N SER B 59 -13.01 -23.47 36.20
CA SER B 59 -13.36 -24.88 36.19
C SER B 59 -12.37 -25.65 37.03
N LYS B 60 -11.30 -24.99 37.43
CA LYS B 60 -10.25 -25.62 38.23
C LYS B 60 -9.66 -26.86 37.56
N GLN B 61 -9.97 -27.06 36.29
CA GLN B 61 -9.46 -28.22 35.55
C GLN B 61 -8.05 -28.01 35.03
N THR B 62 -7.48 -29.08 34.50
CA THR B 62 -6.15 -29.02 33.95
C THR B 62 -6.06 -29.37 32.46
N TYR B 63 -5.10 -28.78 31.77
CA TYR B 63 -4.91 -29.03 30.34
C TYR B 63 -3.47 -29.36 30.08
N SER B 64 -3.26 -30.10 29.01
CA SER B 64 -1.93 -30.48 28.56
C SER B 64 -2.00 -30.95 27.11
N GLY B 65 -1.22 -30.33 26.24
CA GLY B 65 -1.19 -30.68 24.84
C GLY B 65 -0.73 -29.45 24.07
N VAL B 66 -0.68 -29.52 22.74
CA VAL B 66 -0.29 -28.34 21.99
C VAL B 66 -1.54 -27.51 21.95
N PRO B 67 -1.47 -26.25 22.43
CA PRO B 67 -2.60 -25.32 22.49
C PRO B 67 -3.07 -24.65 21.17
N ILE B 68 -3.24 -25.43 20.11
CA ILE B 68 -3.71 -24.89 18.84
C ILE B 68 -5.08 -25.53 18.63
N ILE B 69 -6.11 -24.73 18.44
CA ILE B 69 -7.47 -25.24 18.28
C ILE B 69 -8.07 -25.07 16.90
N ALA B 70 -8.73 -26.12 16.39
CA ALA B 70 -9.40 -26.03 15.10
C ALA B 70 -10.69 -25.29 15.41
N ALA B 71 -10.96 -24.21 14.68
CA ALA B 71 -12.14 -23.40 14.92
C ALA B 71 -13.46 -24.18 14.80
N ASN B 72 -14.42 -23.79 15.62
CA ASN B 72 -15.72 -24.45 15.62
C ASN B 72 -16.62 -24.00 14.47
N MET B 73 -16.06 -24.00 13.27
CA MET B 73 -16.81 -23.61 12.08
C MET B 73 -17.27 -24.86 11.37
N ASP B 74 -18.43 -24.79 10.75
CA ASP B 74 -19.01 -25.94 10.06
C ASP B 74 -18.03 -26.67 9.18
N THR B 75 -17.20 -25.91 8.48
CA THR B 75 -16.24 -26.49 7.56
C THR B 75 -14.93 -26.90 8.20
N VAL B 76 -14.69 -26.49 9.45
CA VAL B 76 -13.43 -26.82 10.12
C VAL B 76 -13.52 -27.72 11.32
N GLY B 77 -14.44 -27.42 12.24
CA GLY B 77 -14.61 -28.22 13.44
C GLY B 77 -15.39 -29.53 13.23
N THR B 78 -14.86 -30.37 12.35
CA THR B 78 -15.49 -31.64 12.02
C THR B 78 -14.82 -32.77 12.78
N PHE B 79 -15.53 -33.85 13.01
CA PHE B 79 -14.97 -34.99 13.73
C PHE B 79 -13.85 -35.54 12.88
N GLU B 80 -14.05 -35.53 11.57
CA GLU B 80 -13.06 -36.04 10.64
C GLU B 80 -11.75 -35.28 10.89
N MET B 81 -11.87 -33.98 11.14
CA MET B 81 -10.72 -33.10 11.41
C MET B 81 -10.15 -33.42 12.79
N ALA B 82 -11.03 -33.50 13.78
CA ALA B 82 -10.63 -33.81 15.15
C ALA B 82 -9.79 -35.07 15.24
N LYS B 83 -10.14 -36.10 14.46
CA LYS B 83 -9.40 -37.35 14.47
C LYS B 83 -7.93 -37.15 14.17
N VAL B 84 -7.62 -36.33 13.17
CA VAL B 84 -6.23 -36.08 12.80
C VAL B 84 -5.52 -35.17 13.80
N LEU B 85 -6.13 -34.04 14.14
CA LEU B 85 -5.51 -33.12 15.08
C LEU B 85 -5.20 -33.86 16.37
N CYS B 86 -6.03 -34.84 16.69
CA CYS B 86 -5.83 -35.61 17.89
C CYS B 86 -4.50 -36.34 17.85
N LYS B 87 -4.13 -36.84 16.68
CA LYS B 87 -2.87 -37.56 16.53
C LYS B 87 -1.69 -36.68 16.88
N PHE B 88 -1.90 -35.36 16.87
CA PHE B 88 -0.83 -34.43 17.18
C PHE B 88 -0.99 -33.67 18.48
N SER B 89 -2.09 -33.92 19.19
CA SER B 89 -2.37 -33.26 20.47
C SER B 89 -3.03 -31.89 20.30
N LEU B 90 -3.62 -31.64 19.14
CA LEU B 90 -4.26 -30.35 18.93
C LEU B 90 -5.71 -30.44 19.34
N PHE B 91 -6.22 -29.33 19.85
CA PHE B 91 -7.58 -29.21 20.34
C PHE B 91 -8.56 -28.97 19.22
N THR B 92 -9.82 -29.35 19.44
CA THR B 92 -10.83 -29.15 18.43
C THR B 92 -12.14 -28.67 19.05
N ALA B 93 -12.70 -27.60 18.51
CA ALA B 93 -13.96 -27.08 18.98
C ALA B 93 -14.93 -27.55 17.90
N VAL B 94 -15.66 -28.62 18.20
CA VAL B 94 -16.62 -29.20 17.24
C VAL B 94 -17.76 -28.23 16.91
N HIS B 95 -18.07 -28.08 15.63
CA HIS B 95 -19.14 -27.16 15.23
C HIS B 95 -20.48 -27.58 15.84
N LYS B 96 -21.35 -26.58 16.05
CA LYS B 96 -22.65 -26.76 16.67
C LYS B 96 -23.73 -27.39 15.81
N HIS B 97 -23.39 -28.45 15.07
CA HIS B 97 -24.39 -29.07 14.22
C HIS B 97 -24.55 -30.58 14.38
N TYR B 98 -23.44 -31.29 14.59
CA TYR B 98 -23.48 -32.72 14.76
C TYR B 98 -24.58 -33.15 15.74
N SER B 99 -25.36 -34.17 15.35
CA SER B 99 -26.44 -34.68 16.17
C SER B 99 -25.87 -35.54 17.31
N LEU B 100 -26.59 -35.59 18.42
CA LEU B 100 -26.15 -36.35 19.59
C LEU B 100 -25.67 -37.75 19.15
N VAL B 101 -26.22 -38.24 18.05
CA VAL B 101 -25.84 -39.54 17.53
C VAL B 101 -24.38 -39.58 17.06
N GLN B 102 -24.01 -38.64 16.19
CA GLN B 102 -22.65 -38.61 15.68
C GLN B 102 -21.64 -38.48 16.80
N TRP B 103 -21.97 -37.67 17.80
CA TRP B 103 -21.06 -37.51 18.92
C TRP B 103 -20.83 -38.88 19.51
N GLN B 104 -21.95 -39.49 19.80
CA GLN B 104 -22.00 -40.82 20.35
C GLN B 104 -21.12 -41.75 19.51
N GLU B 105 -21.36 -41.73 18.20
CA GLU B 105 -20.57 -42.55 17.31
C GLU B 105 -19.09 -42.21 17.51
N PHE B 106 -18.72 -40.97 17.21
CA PHE B 106 -17.32 -40.50 17.31
C PHE B 106 -16.67 -40.89 18.63
N ALA B 107 -17.33 -40.52 19.72
CA ALA B 107 -16.85 -40.83 21.06
C ALA B 107 -16.56 -42.32 21.12
N GLY B 108 -17.43 -43.11 20.48
CA GLY B 108 -17.27 -44.54 20.46
C GLY B 108 -15.98 -44.98 19.77
N GLN B 109 -15.88 -44.72 18.48
CA GLN B 109 -14.71 -45.12 17.70
C GLN B 109 -13.40 -44.43 18.07
N ASN B 110 -13.46 -43.34 18.85
CA ASN B 110 -12.25 -42.62 19.25
C ASN B 110 -12.23 -42.27 20.72
N PRO B 111 -12.27 -43.28 21.58
CA PRO B 111 -12.27 -43.10 23.03
C PRO B 111 -11.29 -42.04 23.54
N ASP B 112 -10.02 -42.25 23.26
CA ASP B 112 -8.94 -41.35 23.69
C ASP B 112 -9.05 -39.86 23.32
N CYS B 113 -9.47 -39.59 22.09
CA CYS B 113 -9.60 -38.23 21.61
C CYS B 113 -10.77 -37.40 22.13
N LEU B 114 -11.25 -37.67 23.34
CA LEU B 114 -12.38 -36.89 23.87
C LEU B 114 -11.95 -35.74 24.78
N GLU B 115 -10.71 -35.79 25.24
CA GLU B 115 -10.19 -34.68 26.01
C GLU B 115 -9.70 -33.87 24.84
N HIS B 116 -9.46 -32.57 25.02
CA HIS B 116 -8.99 -31.77 23.89
C HIS B 116 -10.06 -31.68 22.83
N LEU B 117 -11.31 -31.62 23.28
CA LEU B 117 -12.44 -31.53 22.40
C LEU B 117 -13.45 -30.65 23.14
N ALA B 118 -14.08 -29.72 22.44
CA ALA B 118 -15.05 -28.86 23.09
C ALA B 118 -16.39 -28.88 22.35
N ALA B 119 -17.48 -28.77 23.10
CA ALA B 119 -18.81 -28.76 22.51
C ALA B 119 -19.17 -27.29 22.42
N SER B 120 -19.59 -26.86 21.24
CA SER B 120 -19.92 -25.46 21.01
C SER B 120 -21.39 -25.12 21.23
N SER B 121 -21.69 -23.84 21.35
CA SER B 121 -23.07 -23.43 21.56
C SER B 121 -23.27 -21.93 21.54
N GLY B 122 -24.47 -21.53 21.11
CA GLY B 122 -24.83 -20.13 21.08
C GLY B 122 -25.65 -19.83 22.31
N THR B 123 -26.19 -18.62 22.39
CA THR B 123 -27.00 -18.22 23.53
C THR B 123 -28.42 -18.77 23.39
N GLY B 124 -28.79 -19.16 22.17
CA GLY B 124 -30.11 -19.68 21.93
C GLY B 124 -30.51 -20.89 22.76
N SER B 125 -31.76 -20.92 23.20
CA SER B 125 -32.29 -22.02 24.01
C SER B 125 -32.05 -23.37 23.34
N SER B 126 -32.40 -23.46 22.06
CA SER B 126 -32.21 -24.70 21.30
C SER B 126 -30.77 -25.15 21.50
N ASP B 127 -29.83 -24.24 21.17
CA ASP B 127 -28.40 -24.51 21.30
C ASP B 127 -28.01 -25.03 22.68
N PHE B 128 -28.44 -24.33 23.73
CA PHE B 128 -28.13 -24.72 25.08
C PHE B 128 -28.69 -26.09 25.45
N GLU B 129 -29.90 -26.39 24.99
CA GLU B 129 -30.50 -27.69 25.29
C GLU B 129 -29.67 -28.76 24.58
N GLN B 130 -29.30 -28.51 23.32
CA GLN B 130 -28.51 -29.46 22.57
C GLN B 130 -27.13 -29.65 23.23
N LEU B 131 -26.61 -28.58 23.84
CA LEU B 131 -25.31 -28.59 24.50
C LEU B 131 -25.36 -29.51 25.71
N GLU B 132 -26.38 -29.30 26.56
CA GLU B 132 -26.57 -30.14 27.75
C GLU B 132 -26.57 -31.60 27.32
N GLN B 133 -27.52 -31.91 26.45
CA GLN B 133 -27.67 -33.25 25.92
C GLN B 133 -26.32 -33.89 25.64
N ILE B 134 -25.45 -33.17 24.95
CA ILE B 134 -24.14 -33.71 24.60
C ILE B 134 -23.22 -33.87 25.80
N LEU B 135 -23.18 -32.87 26.67
CA LEU B 135 -22.31 -32.93 27.83
C LEU B 135 -22.75 -34.02 28.78
N GLU B 136 -24.06 -34.24 28.89
CA GLU B 136 -24.59 -35.30 29.76
C GLU B 136 -24.23 -36.67 29.19
N ALA B 137 -24.49 -36.85 27.91
CA ALA B 137 -24.21 -38.09 27.22
C ALA B 137 -22.73 -38.46 27.17
N ILE B 138 -21.89 -37.55 26.70
CA ILE B 138 -20.45 -37.83 26.62
C ILE B 138 -19.74 -37.03 27.71
N PRO B 139 -19.52 -37.67 28.88
CA PRO B 139 -18.86 -37.04 30.02
C PRO B 139 -17.35 -36.93 29.92
N GLN B 140 -16.83 -37.05 28.70
CA GLN B 140 -15.38 -36.92 28.50
C GLN B 140 -15.17 -35.49 27.99
N VAL B 141 -16.16 -34.99 27.27
CA VAL B 141 -16.14 -33.63 26.76
C VAL B 141 -16.26 -32.74 28.00
N LYS B 142 -15.14 -32.20 28.44
CA LYS B 142 -15.11 -31.35 29.63
C LYS B 142 -15.06 -29.85 29.30
N TYR B 143 -14.97 -29.55 28.00
CA TYR B 143 -14.90 -28.17 27.54
C TYR B 143 -16.12 -27.69 26.78
N ILE B 144 -16.49 -26.44 27.04
CA ILE B 144 -17.63 -25.82 26.38
C ILE B 144 -17.13 -24.59 25.62
N CYS B 145 -17.65 -24.40 24.41
CA CYS B 145 -17.27 -23.25 23.60
C CYS B 145 -18.46 -22.37 23.32
N LEU B 146 -18.53 -21.23 24.00
CA LEU B 146 -19.63 -20.28 23.83
C LEU B 146 -19.27 -19.18 22.84
N ASP B 147 -20.05 -19.06 21.78
CA ASP B 147 -19.83 -18.05 20.74
C ASP B 147 -21.07 -17.21 20.45
N VAL B 148 -21.02 -15.94 20.86
CA VAL B 148 -22.14 -15.04 20.62
C VAL B 148 -21.73 -14.06 19.53
N ALA B 149 -22.71 -13.32 19.02
CA ALA B 149 -22.46 -12.32 17.99
C ALA B 149 -21.56 -11.25 18.62
N ASN B 150 -22.15 -10.49 19.53
CA ASN B 150 -21.45 -9.44 20.25
C ASN B 150 -21.10 -9.93 21.65
N GLY B 151 -19.83 -10.22 21.87
CA GLY B 151 -19.41 -10.70 23.17
C GLY B 151 -19.38 -9.59 24.20
N TYR B 152 -19.85 -8.41 23.81
CA TYR B 152 -19.89 -7.26 24.70
C TYR B 152 -21.28 -7.01 25.28
N SER B 153 -22.26 -7.79 24.83
CA SER B 153 -23.63 -7.63 25.31
C SER B 153 -23.80 -8.22 26.71
N GLU B 154 -24.57 -7.55 27.56
CA GLU B 154 -24.77 -8.03 28.91
C GLU B 154 -25.49 -9.38 28.84
N HIS B 155 -26.27 -9.55 27.78
CA HIS B 155 -27.02 -10.78 27.58
C HIS B 155 -26.09 -11.98 27.51
N PHE B 156 -24.88 -11.73 27.03
CA PHE B 156 -23.89 -12.79 26.94
C PHE B 156 -23.28 -13.03 28.31
N VAL B 157 -22.88 -11.96 28.98
CA VAL B 157 -22.29 -12.06 30.30
C VAL B 157 -23.21 -12.93 31.14
N GLU B 158 -24.51 -12.66 30.97
CA GLU B 158 -25.58 -13.36 31.66
C GLU B 158 -25.57 -14.85 31.36
N PHE B 159 -25.63 -15.15 30.07
CA PHE B 159 -25.64 -16.51 29.58
C PHE B 159 -24.40 -17.26 30.06
N VAL B 160 -23.27 -16.58 30.08
CA VAL B 160 -22.04 -17.20 30.54
C VAL B 160 -22.24 -17.61 31.98
N LYS B 161 -22.76 -16.68 32.78
CA LYS B 161 -23.01 -16.94 34.19
C LYS B 161 -23.81 -18.22 34.36
N ASP B 162 -24.86 -18.34 33.58
CA ASP B 162 -25.72 -19.51 33.65
C ASP B 162 -24.96 -20.81 33.36
N VAL B 163 -24.30 -20.86 32.21
CA VAL B 163 -23.55 -22.06 31.85
C VAL B 163 -22.55 -22.43 32.93
N ARG B 164 -21.98 -21.41 33.60
CA ARG B 164 -21.02 -21.65 34.66
C ARG B 164 -21.66 -22.47 35.76
N LYS B 165 -22.82 -21.99 36.20
CA LYS B 165 -23.56 -22.65 37.26
C LYS B 165 -23.97 -24.07 36.84
N ARG B 166 -24.59 -24.19 35.68
CA ARG B 166 -25.05 -25.48 35.18
C ARG B 166 -23.97 -26.54 34.96
N PHE B 167 -22.73 -26.11 34.77
CA PHE B 167 -21.62 -27.04 34.58
C PHE B 167 -20.40 -26.46 35.28
N PRO B 168 -20.48 -26.35 36.62
CA PRO B 168 -19.40 -25.80 37.44
C PRO B 168 -18.01 -26.39 37.25
N GLN B 169 -17.93 -27.53 36.57
CA GLN B 169 -16.62 -28.14 36.39
C GLN B 169 -16.14 -28.39 34.99
N HIS B 170 -16.76 -27.69 34.05
CA HIS B 170 -16.36 -27.78 32.66
C HIS B 170 -15.56 -26.51 32.40
N THR B 171 -14.54 -26.63 31.58
CA THR B 171 -13.72 -25.47 31.25
C THR B 171 -14.50 -24.72 30.18
N ILE B 172 -14.73 -23.44 30.40
CA ILE B 172 -15.50 -22.67 29.43
C ILE B 172 -14.71 -21.68 28.60
N MET B 173 -14.91 -21.78 27.28
CA MET B 173 -14.30 -20.89 26.29
C MET B 173 -15.45 -19.98 25.86
N ALA B 174 -15.26 -18.68 25.97
CA ALA B 174 -16.34 -17.79 25.56
C ALA B 174 -15.77 -16.58 24.85
N GLY B 175 -16.41 -16.20 23.75
CA GLY B 175 -15.96 -15.05 22.98
C GLY B 175 -17.04 -14.57 22.05
N ASN B 176 -16.71 -13.58 21.21
CA ASN B 176 -15.37 -13.00 21.17
C ASN B 176 -15.36 -11.56 21.62
N VAL B 177 -14.19 -11.10 22.02
CA VAL B 177 -13.99 -9.72 22.42
C VAL B 177 -12.61 -9.35 21.93
N VAL B 178 -12.24 -8.09 22.10
CA VAL B 178 -10.94 -7.62 21.64
C VAL B 178 -10.35 -6.65 22.63
N THR B 179 -11.00 -6.49 23.79
CA THR B 179 -10.53 -5.54 24.79
C THR B 179 -10.39 -6.11 26.20
N GLY B 180 -9.31 -5.74 26.88
CA GLY B 180 -9.06 -6.24 28.22
C GLY B 180 -10.24 -6.18 29.18
N GLU B 181 -10.98 -5.08 29.14
CA GLU B 181 -12.14 -4.88 30.00
C GLU B 181 -13.13 -6.02 29.89
N MET B 182 -13.72 -6.17 28.71
CA MET B 182 -14.68 -7.22 28.50
C MET B 182 -14.04 -8.59 28.73
N VAL B 183 -12.71 -8.65 28.70
CA VAL B 183 -12.02 -9.90 28.95
C VAL B 183 -12.18 -10.26 30.42
N GLU B 184 -11.98 -9.26 31.27
CA GLU B 184 -12.08 -9.43 32.72
C GLU B 184 -13.51 -9.73 33.09
N GLU B 185 -14.42 -8.93 32.54
CA GLU B 185 -15.83 -9.11 32.79
C GLU B 185 -16.21 -10.58 32.61
N LEU B 186 -15.87 -11.13 31.45
CA LEU B 186 -16.20 -12.52 31.14
C LEU B 186 -15.49 -13.53 32.03
N ILE B 187 -14.25 -13.27 32.39
CA ILE B 187 -13.52 -14.19 33.25
C ILE B 187 -14.18 -14.22 34.63
N LEU B 188 -14.57 -13.05 35.12
CA LEU B 188 -15.24 -12.96 36.42
C LEU B 188 -16.65 -13.56 36.33
N SER B 189 -17.32 -13.35 35.20
CA SER B 189 -18.66 -13.89 34.97
C SER B 189 -18.61 -15.41 34.90
N GLY B 190 -17.42 -15.99 34.99
CA GLY B 190 -17.32 -17.44 34.96
C GLY B 190 -16.52 -18.14 33.87
N ALA B 191 -16.24 -17.48 32.75
CA ALA B 191 -15.48 -18.12 31.67
C ALA B 191 -14.02 -18.38 32.03
N ASP B 192 -13.46 -19.44 31.46
CA ASP B 192 -12.09 -19.85 31.70
C ASP B 192 -11.14 -19.30 30.66
N ILE B 193 -11.51 -19.48 29.40
CA ILE B 193 -10.69 -19.02 28.29
C ILE B 193 -11.52 -18.00 27.51
N ILE B 194 -10.95 -16.85 27.20
CA ILE B 194 -11.69 -15.86 26.42
C ILE B 194 -11.18 -15.89 24.98
N LYS B 195 -12.13 -16.02 24.05
CA LYS B 195 -11.83 -16.04 22.62
C LYS B 195 -11.68 -14.59 22.13
N VAL B 196 -10.45 -14.23 21.75
CA VAL B 196 -10.12 -12.90 21.28
C VAL B 196 -10.12 -12.75 19.77
N GLY B 197 -10.86 -11.76 19.26
CA GLY B 197 -10.88 -11.55 17.83
C GLY B 197 -12.20 -11.13 17.19
N ILE B 198 -12.19 -9.97 16.53
CA ILE B 198 -13.36 -9.46 15.83
C ILE B 198 -12.94 -8.71 14.56
N GLY B 199 -13.27 -9.27 13.39
CA GLY B 199 -12.94 -8.61 12.15
C GLY B 199 -11.93 -9.30 11.25
N PRO B 200 -10.74 -9.62 11.76
CA PRO B 200 -9.64 -10.26 11.04
C PRO B 200 -9.89 -11.64 10.44
N GLY B 201 -11.03 -12.23 10.71
CA GLY B 201 -11.30 -13.56 10.19
C GLY B 201 -11.30 -13.65 8.67
N SER B 202 -11.02 -14.84 8.14
CA SER B 202 -10.98 -15.08 6.69
C SER B 202 -12.38 -14.92 6.10
N VAL B 203 -13.27 -15.82 6.49
CA VAL B 203 -14.66 -15.78 6.06
C VAL B 203 -15.40 -14.69 6.85
N CYS B 204 -14.67 -14.08 7.78
CA CYS B 204 -15.20 -13.01 8.60
C CYS B 204 -15.12 -11.70 7.82
N THR B 205 -16.16 -10.88 7.93
CA THR B 205 -16.23 -9.62 7.20
C THR B 205 -16.94 -8.53 8.00
N THR B 206 -16.66 -8.50 9.29
CA THR B 206 -17.25 -7.54 10.21
C THR B 206 -16.93 -6.12 9.78
N ARG B 207 -15.69 -5.92 9.36
CA ARG B 207 -15.20 -4.62 8.95
C ARG B 207 -15.88 -4.06 7.72
N LYS B 208 -16.08 -4.92 6.73
CA LYS B 208 -16.72 -4.46 5.53
C LYS B 208 -18.20 -4.14 5.79
N LYS B 209 -18.88 -5.03 6.49
CA LYS B 209 -20.28 -4.82 6.73
C LYS B 209 -20.61 -3.86 7.87
N THR B 210 -19.77 -3.75 8.91
CA THR B 210 -20.06 -2.88 10.05
C THR B 210 -19.04 -1.82 10.41
N GLY B 211 -17.83 -1.96 9.88
CA GLY B 211 -16.76 -1.02 10.17
C GLY B 211 -16.21 -1.24 11.58
N VAL B 212 -16.58 -2.35 12.18
CA VAL B 212 -16.14 -2.65 13.53
C VAL B 212 -15.07 -3.72 13.49
N GLY B 213 -14.00 -3.52 14.25
CA GLY B 213 -12.91 -4.47 14.29
C GLY B 213 -11.83 -4.08 15.25
N TYR B 214 -10.70 -4.78 15.18
CA TYR B 214 -9.58 -4.51 16.04
C TYR B 214 -8.43 -5.41 15.57
N PRO B 215 -7.26 -4.83 15.28
CA PRO B 215 -6.10 -5.61 14.82
C PRO B 215 -5.75 -6.74 15.77
N GLN B 216 -5.57 -7.95 15.25
CA GLN B 216 -5.25 -9.10 16.10
C GLN B 216 -4.13 -8.91 17.09
N LEU B 217 -2.94 -8.57 16.59
CA LEU B 217 -1.79 -8.44 17.47
C LEU B 217 -2.07 -7.54 18.66
N SER B 218 -2.58 -6.35 18.41
CA SER B 218 -2.87 -5.44 19.52
C SER B 218 -3.90 -6.03 20.45
N ALA B 219 -4.94 -6.64 19.87
CA ALA B 219 -5.98 -7.25 20.67
C ALA B 219 -5.39 -8.33 21.58
N VAL B 220 -4.71 -9.28 20.98
CA VAL B 220 -4.09 -10.36 21.74
C VAL B 220 -3.23 -9.81 22.87
N MET B 221 -2.31 -8.91 22.56
CA MET B 221 -1.45 -8.39 23.60
C MET B 221 -2.22 -7.76 24.75
N GLU B 222 -3.16 -6.90 24.41
CA GLU B 222 -3.98 -6.23 25.40
C GLU B 222 -4.83 -7.21 26.21
N CYS B 223 -5.57 -8.06 25.51
CA CYS B 223 -6.41 -9.04 26.17
C CYS B 223 -5.63 -10.07 26.96
N ALA B 224 -4.55 -10.59 26.39
CA ALA B 224 -3.73 -11.59 27.05
C ALA B 224 -3.31 -11.07 28.41
N ASP B 225 -2.93 -9.81 28.42
CA ASP B 225 -2.50 -9.17 29.64
C ASP B 225 -3.60 -9.18 30.69
N ALA B 226 -4.77 -8.70 30.27
CA ALA B 226 -5.93 -8.63 31.14
C ALA B 226 -6.23 -9.98 31.73
N ALA B 227 -6.47 -10.96 30.88
CA ALA B 227 -6.79 -12.32 31.31
C ALA B 227 -5.76 -12.88 32.28
N HIS B 228 -4.50 -12.72 31.97
CA HIS B 228 -3.45 -13.24 32.82
C HIS B 228 -3.44 -12.65 34.22
N GLY B 229 -3.84 -11.38 34.33
CA GLY B 229 -3.90 -10.75 35.64
C GLY B 229 -4.88 -11.44 36.57
N LEU B 230 -5.99 -11.91 36.01
CA LEU B 230 -7.01 -12.64 36.77
C LEU B 230 -6.69 -14.14 36.78
N LYS B 231 -5.47 -14.51 36.41
CA LYS B 231 -5.07 -15.89 36.36
C LYS B 231 -5.93 -16.69 35.37
N GLY B 232 -6.39 -16.04 34.33
CA GLY B 232 -7.18 -16.71 33.31
C GLY B 232 -6.39 -16.86 32.01
N HIS B 233 -7.07 -17.27 30.94
CA HIS B 233 -6.41 -17.46 29.64
C HIS B 233 -7.21 -16.94 28.46
N ILE B 234 -6.54 -16.82 27.31
CA ILE B 234 -7.22 -16.34 26.11
C ILE B 234 -6.88 -17.20 24.92
N ILE B 235 -7.68 -17.05 23.88
CA ILE B 235 -7.50 -17.76 22.61
C ILE B 235 -7.47 -16.73 21.48
N SER B 236 -6.41 -16.75 20.68
CA SER B 236 -6.32 -15.84 19.55
C SER B 236 -7.20 -16.48 18.47
N ASP B 237 -8.38 -15.89 18.26
CA ASP B 237 -9.33 -16.43 17.29
C ASP B 237 -9.32 -15.69 15.97
N GLY B 238 -8.88 -16.39 14.92
CA GLY B 238 -8.82 -15.79 13.60
C GLY B 238 -7.64 -14.86 13.42
N GLY B 239 -7.38 -14.50 12.16
CA GLY B 239 -6.27 -13.60 11.86
C GLY B 239 -5.02 -14.24 11.29
N CYS B 240 -4.84 -15.54 11.51
CA CYS B 240 -3.66 -16.22 11.03
C CYS B 240 -3.82 -16.79 9.64
N SER B 241 -2.80 -16.56 8.81
CA SER B 241 -2.81 -17.03 7.44
C SER B 241 -1.60 -17.90 7.17
N CYS B 242 -0.59 -17.78 8.02
CA CYS B 242 0.62 -18.57 7.88
C CYS B 242 1.14 -18.93 9.27
N PRO B 243 2.00 -19.94 9.37
CA PRO B 243 2.54 -20.34 10.67
C PRO B 243 3.15 -19.18 11.45
N GLY B 244 3.82 -18.29 10.73
CA GLY B 244 4.44 -17.15 11.37
C GLY B 244 3.49 -16.33 12.20
N ASP B 245 2.24 -16.23 11.72
CA ASP B 245 1.23 -15.47 12.45
C ASP B 245 0.88 -16.20 13.72
N VAL B 246 0.79 -17.52 13.63
CA VAL B 246 0.48 -18.31 14.81
C VAL B 246 1.59 -18.11 15.81
N ALA B 247 2.82 -18.09 15.32
CA ALA B 247 3.97 -17.88 16.18
C ALA B 247 3.81 -16.50 16.80
N LYS B 248 3.61 -15.51 15.96
CA LYS B 248 3.44 -14.15 16.42
C LYS B 248 2.37 -14.09 17.51
N ALA B 249 1.27 -14.80 17.31
CA ALA B 249 0.18 -14.79 18.28
C ALA B 249 0.64 -15.34 19.62
N PHE B 250 1.30 -16.48 19.60
CA PHE B 250 1.79 -17.07 20.84
C PHE B 250 2.76 -16.11 21.54
N GLY B 251 3.71 -15.58 20.77
CA GLY B 251 4.68 -14.64 21.31
C GLY B 251 3.98 -13.40 21.87
N ALA B 252 2.86 -13.03 21.27
CA ALA B 252 2.11 -11.88 21.75
C ALA B 252 1.44 -12.13 23.09
N GLY B 253 1.42 -13.39 23.53
CA GLY B 253 0.79 -13.74 24.79
C GLY B 253 -0.42 -14.68 24.74
N ALA B 254 -0.87 -15.01 23.55
CA ALA B 254 -2.01 -15.92 23.44
C ALA B 254 -1.62 -17.25 24.06
N ASP B 255 -2.54 -17.83 24.81
CA ASP B 255 -2.34 -19.12 25.44
C ASP B 255 -2.67 -20.19 24.39
N PHE B 256 -3.76 -19.98 23.66
CA PHE B 256 -4.18 -20.87 22.59
C PHE B 256 -4.36 -20.04 21.32
N VAL B 257 -4.13 -20.65 20.17
CA VAL B 257 -4.34 -19.98 18.90
C VAL B 257 -5.36 -20.84 18.19
N MET B 258 -6.46 -20.24 17.76
CA MET B 258 -7.51 -21.00 17.07
C MET B 258 -7.46 -20.76 15.58
N LEU B 259 -7.33 -21.84 14.82
CA LEU B 259 -7.25 -21.71 13.39
C LEU B 259 -8.55 -22.03 12.68
N GLY B 260 -8.93 -21.17 11.75
CA GLY B 260 -10.13 -21.38 10.97
C GLY B 260 -9.78 -21.61 9.51
N GLY B 261 -9.61 -20.49 8.78
CA GLY B 261 -9.26 -20.56 7.38
C GLY B 261 -8.01 -21.37 7.10
N MET B 262 -6.97 -21.19 7.91
CA MET B 262 -5.75 -21.96 7.70
C MET B 262 -6.00 -23.47 7.67
N LEU B 263 -7.14 -23.90 8.19
CA LEU B 263 -7.46 -25.32 8.23
C LEU B 263 -8.51 -25.72 7.22
N ALA B 264 -9.23 -24.74 6.69
CA ALA B 264 -10.26 -25.00 5.69
C ALA B 264 -9.64 -25.59 4.41
N GLY B 265 -10.49 -26.07 3.51
CA GLY B 265 -9.98 -26.62 2.26
C GLY B 265 -9.19 -27.92 2.29
N HIS B 266 -9.29 -28.71 3.35
CA HIS B 266 -8.57 -29.97 3.37
C HIS B 266 -9.56 -31.10 3.18
N SER B 267 -9.05 -32.33 3.14
CA SER B 267 -9.90 -33.49 2.98
C SER B 267 -10.82 -33.53 4.20
N GLU B 268 -10.19 -33.66 5.37
CA GLU B 268 -10.91 -33.73 6.64
C GLU B 268 -11.76 -32.49 6.88
N SER B 269 -11.58 -31.49 6.04
CA SER B 269 -12.31 -30.25 6.14
C SER B 269 -13.73 -30.42 5.63
N GLY B 270 -14.56 -29.39 5.81
CA GLY B 270 -15.94 -29.45 5.34
C GLY B 270 -16.02 -28.86 3.94
N GLY B 271 -17.06 -28.08 3.65
CA GLY B 271 -17.21 -27.45 2.33
C GLY B 271 -17.42 -28.29 1.08
N GLU B 272 -17.98 -27.65 0.04
CA GLU B 272 -18.26 -28.32 -1.23
C GLU B 272 -17.06 -28.27 -2.16
N LEU B 273 -16.62 -29.45 -2.62
CA LEU B 273 -15.47 -29.58 -3.52
C LEU B 273 -15.66 -28.89 -4.88
N ILE B 274 -16.40 -27.79 -4.91
CA ILE B 274 -16.68 -27.03 -6.14
C ILE B 274 -15.45 -26.73 -7.00
N GLU B 275 -14.93 -27.73 -7.70
CA GLU B 275 -13.76 -27.59 -8.58
C GLU B 275 -13.97 -26.56 -9.69
N ARG B 276 -12.86 -25.94 -10.12
CA ARG B 276 -12.92 -24.92 -11.17
C ARG B 276 -11.59 -24.71 -11.92
N ASP B 277 -11.68 -24.77 -13.25
CA ASP B 277 -10.53 -24.59 -14.13
C ASP B 277 -9.40 -25.55 -13.81
N GLY B 278 -9.71 -26.84 -13.70
CA GLY B 278 -8.68 -27.82 -13.38
C GLY B 278 -8.03 -27.50 -12.05
N LYS B 279 -8.83 -26.94 -11.15
CA LYS B 279 -8.38 -26.55 -9.81
C LYS B 279 -9.46 -26.96 -8.80
N LYS B 280 -9.13 -27.87 -7.89
CA LYS B 280 -10.09 -28.32 -6.88
C LYS B 280 -10.21 -27.33 -5.70
N TYR B 281 -11.38 -26.73 -5.50
CA TYR B 281 -11.62 -25.79 -4.41
C TYR B 281 -12.52 -26.38 -3.29
N LYS B 282 -12.86 -25.55 -2.32
CA LYS B 282 -13.71 -25.94 -1.18
C LYS B 282 -14.38 -24.70 -0.59
N LEU B 283 -15.62 -24.86 -0.16
CA LEU B 283 -16.36 -23.74 0.38
C LEU B 283 -15.91 -23.36 1.78
N PHE B 284 -16.07 -22.09 2.11
CA PHE B 284 -15.71 -21.62 3.44
C PHE B 284 -16.65 -20.50 3.85
N TYR B 285 -17.56 -20.84 4.76
CA TYR B 285 -18.54 -19.93 5.32
C TYR B 285 -18.43 -20.31 6.78
N GLY B 286 -19.23 -19.72 7.66
CA GLY B 286 -19.06 -20.13 9.04
C GLY B 286 -19.93 -19.58 10.15
N MET B 287 -20.86 -20.42 10.62
CA MET B 287 -21.71 -20.07 11.74
C MET B 287 -22.74 -18.94 11.55
N SER B 288 -22.49 -18.01 10.62
CA SER B 288 -23.43 -16.91 10.41
C SER B 288 -23.64 -16.46 8.97
N SER B 289 -23.37 -17.34 8.01
CA SER B 289 -23.52 -17.00 6.59
C SER B 289 -24.88 -17.40 6.00
N GLU B 290 -25.08 -17.08 4.72
CA GLU B 290 -26.31 -17.40 4.02
C GLU B 290 -26.51 -18.92 3.89
N MET B 291 -25.41 -19.65 3.87
CA MET B 291 -25.44 -21.11 3.78
C MET B 291 -25.61 -21.70 5.18
N ALA B 292 -25.25 -20.91 6.18
CA ALA B 292 -25.39 -21.35 7.56
C ALA B 292 -26.89 -21.27 7.84
N MET B 293 -27.49 -20.16 7.40
CA MET B 293 -28.92 -19.93 7.58
C MET B 293 -29.71 -20.92 6.73
N LYS B 294 -29.25 -21.13 5.51
CA LYS B 294 -29.90 -22.08 4.61
C LYS B 294 -29.81 -23.49 5.17
N LYS B 295 -28.58 -23.98 5.35
CA LYS B 295 -28.32 -25.33 5.85
C LYS B 295 -28.73 -25.64 7.30
N TYR B 296 -28.93 -24.60 8.11
CA TYR B 296 -29.33 -24.80 9.51
C TYR B 296 -30.83 -24.61 9.65
N ALA B 297 -31.44 -25.37 10.55
CA ALA B 297 -32.87 -25.28 10.81
C ALA B 297 -33.27 -23.85 11.18
N GLY B 298 -32.29 -23.09 11.68
CA GLY B 298 -32.52 -21.72 12.11
C GLY B 298 -31.89 -21.44 13.47
N GLY B 299 -31.46 -20.20 13.68
CA GLY B 299 -30.85 -19.84 14.94
C GLY B 299 -29.34 -19.67 14.86
N VAL B 300 -28.88 -18.93 13.87
CA VAL B 300 -27.45 -18.69 13.71
C VAL B 300 -27.22 -17.25 13.27
N ALA B 301 -28.31 -16.54 12.98
CA ALA B 301 -28.23 -15.16 12.55
C ALA B 301 -27.42 -14.27 13.49
N GLU B 302 -27.56 -14.48 14.80
CA GLU B 302 -26.86 -13.69 15.81
C GLU B 302 -25.76 -14.49 16.51
N TYR B 303 -25.21 -15.47 15.80
CA TYR B 303 -24.17 -16.34 16.36
C TYR B 303 -22.77 -15.73 16.37
N ARG B 304 -22.39 -15.05 15.29
CA ARG B 304 -21.07 -14.42 15.19
C ARG B 304 -21.10 -12.89 15.16
N SER B 306 -20.76 -10.58 12.52
CA SER B 306 -21.22 -10.32 11.15
C SER B 306 -21.70 -11.59 10.45
N GLU B 307 -22.29 -11.40 9.26
CA GLU B 307 -22.77 -12.52 8.45
C GLU B 307 -21.58 -13.00 7.63
N GLY B 308 -21.01 -14.12 8.03
CA GLY B 308 -19.86 -14.67 7.33
C GLY B 308 -19.96 -14.69 5.82
N LYS B 309 -18.83 -14.48 5.16
CA LYS B 309 -18.74 -14.49 3.71
C LYS B 309 -18.46 -15.93 3.28
N THR B 310 -19.17 -16.38 2.26
CA THR B 310 -18.96 -17.74 1.77
C THR B 310 -17.83 -17.67 0.74
N VAL B 311 -16.59 -17.78 1.20
CA VAL B 311 -15.42 -17.71 0.33
C VAL B 311 -15.02 -19.09 -0.18
N GLU B 312 -14.15 -19.13 -1.18
CA GLU B 312 -13.66 -20.40 -1.72
C GLU B 312 -12.20 -20.57 -1.29
N VAL B 313 -11.82 -21.79 -0.92
CA VAL B 313 -10.45 -22.08 -0.47
C VAL B 313 -9.87 -23.23 -1.27
N PRO B 314 -8.78 -22.99 -2.01
CA PRO B 314 -8.18 -24.05 -2.81
C PRO B 314 -7.89 -25.32 -2.02
N PHE B 315 -8.30 -26.46 -2.59
CA PHE B 315 -8.12 -27.75 -1.95
C PHE B 315 -6.67 -27.95 -1.55
N LYS B 316 -6.48 -28.14 -0.24
CA LYS B 316 -5.17 -28.29 0.35
C LYS B 316 -4.74 -29.74 0.56
N GLY B 317 -5.64 -30.68 0.36
CA GLY B 317 -5.27 -32.07 0.58
C GLY B 317 -5.46 -32.49 2.02
N ASP B 318 -4.47 -33.16 2.60
CA ASP B 318 -4.58 -33.62 3.98
C ASP B 318 -4.10 -32.61 5.02
N VAL B 319 -4.92 -32.40 6.04
CA VAL B 319 -4.60 -31.48 7.14
C VAL B 319 -3.28 -31.95 7.73
N GLU B 320 -3.13 -33.27 7.71
CA GLU B 320 -1.97 -33.99 8.18
C GLU B 320 -0.69 -33.20 7.96
N HIS B 321 -0.49 -32.75 6.72
CA HIS B 321 0.70 -31.99 6.37
C HIS B 321 0.69 -30.63 7.01
N THR B 322 -0.38 -29.90 6.75
CA THR B 322 -0.53 -28.56 7.27
C THR B 322 -0.21 -28.50 8.74
N ILE B 323 -0.63 -29.49 9.50
CA ILE B 323 -0.34 -29.47 10.92
C ILE B 323 1.16 -29.57 11.13
N ARG B 324 1.82 -30.49 10.43
CA ARG B 324 3.26 -30.67 10.55
C ARG B 324 3.99 -29.40 10.14
N ASP B 325 3.40 -28.68 9.21
CA ASP B 325 3.98 -27.46 8.69
C ASP B 325 3.88 -26.33 9.72
N ILE B 326 2.76 -26.28 10.43
CA ILE B 326 2.53 -25.26 11.44
C ILE B 326 3.40 -25.51 12.64
N LEU B 327 3.26 -26.67 13.25
CA LEU B 327 4.05 -27.04 14.42
C LEU B 327 5.51 -26.86 14.08
N GLY B 328 5.86 -27.18 12.84
CA GLY B 328 7.24 -27.04 12.39
C GLY B 328 7.70 -25.61 12.47
N GLY B 329 6.89 -24.70 11.93
CA GLY B 329 7.23 -23.29 11.97
C GLY B 329 7.34 -22.76 13.40
N ILE B 330 6.39 -23.14 14.26
CA ILE B 330 6.42 -22.67 15.64
C ILE B 330 7.71 -23.13 16.31
N ARG B 331 8.12 -24.36 16.00
CA ARG B 331 9.34 -24.91 16.59
C ARG B 331 10.55 -24.05 16.22
N SER B 332 10.62 -23.62 14.97
CA SER B 332 11.73 -22.78 14.52
C SER B 332 11.70 -21.44 15.24
N THR B 333 10.51 -20.84 15.33
CA THR B 333 10.35 -19.56 15.98
C THR B 333 10.98 -19.62 17.35
N CYS B 334 10.72 -20.70 18.08
CA CYS B 334 11.28 -20.86 19.41
C CYS B 334 12.79 -21.01 19.38
N THR B 335 13.29 -21.82 18.46
CA THR B 335 14.72 -22.00 18.33
C THR B 335 15.40 -20.66 18.15
N TYR B 336 14.87 -19.91 17.19
CA TYR B 336 15.34 -18.59 16.82
C TYR B 336 15.38 -17.57 17.97
N VAL B 337 14.41 -17.67 18.88
CA VAL B 337 14.26 -16.78 20.01
C VAL B 337 14.88 -17.29 21.30
N GLY B 338 15.14 -18.59 21.37
CA GLY B 338 15.75 -19.14 22.56
C GLY B 338 14.77 -19.75 23.54
N ALA B 339 13.58 -20.10 23.08
CA ALA B 339 12.58 -20.71 23.94
C ALA B 339 12.63 -22.22 23.73
N ALA B 340 12.98 -22.95 24.77
CA ALA B 340 13.06 -24.41 24.69
C ALA B 340 11.65 -24.99 24.75
N LYS B 341 10.68 -24.20 25.20
CA LYS B 341 9.31 -24.66 25.31
C LYS B 341 8.42 -23.47 25.04
N LEU B 342 7.23 -23.73 24.50
CA LEU B 342 6.28 -22.67 24.15
C LEU B 342 6.08 -21.66 25.28
N LYS B 343 6.03 -22.17 26.51
CA LYS B 343 5.85 -21.35 27.71
C LYS B 343 6.83 -20.16 27.71
N GLU B 344 8.02 -20.40 27.17
CA GLU B 344 9.02 -19.35 27.14
C GLU B 344 8.96 -18.43 25.93
N LEU B 345 8.24 -18.82 24.89
CA LEU B 345 8.17 -18.00 23.68
C LEU B 345 7.86 -16.53 23.89
N SER B 346 6.72 -16.21 24.49
CA SER B 346 6.39 -14.81 24.70
C SER B 346 7.38 -14.15 25.65
N ARG B 347 7.78 -14.88 26.69
CA ARG B 347 8.75 -14.36 27.65
C ARG B 347 9.97 -13.82 26.94
N ARG B 348 10.31 -14.49 25.86
CA ARG B 348 11.49 -14.10 25.10
C ARG B 348 11.19 -13.31 23.84
N THR B 349 9.96 -12.85 23.71
CA THR B 349 9.60 -12.12 22.51
C THR B 349 9.81 -10.61 22.49
N THR B 350 10.47 -10.15 21.44
CA THR B 350 10.70 -8.73 21.20
C THR B 350 10.23 -8.48 19.78
N PHE B 351 9.13 -7.74 19.63
CA PHE B 351 8.59 -7.45 18.32
C PHE B 351 9.25 -6.25 17.69
N ILE B 352 9.69 -6.39 16.44
CA ILE B 352 10.32 -5.30 15.70
C ILE B 352 9.22 -4.80 14.78
N ARG B 353 9.15 -3.49 14.53
CA ARG B 353 8.10 -2.98 13.64
C ARG B 353 8.62 -2.82 12.23
N VAL B 354 7.85 -3.37 11.31
CA VAL B 354 8.17 -3.35 9.90
C VAL B 354 7.49 -2.19 9.22
N THR B 355 8.19 -1.55 8.28
CA THR B 355 7.67 -0.39 7.54
C THR B 355 6.53 -0.75 6.57
N GLN B 356 6.67 -1.89 5.88
CA GLN B 356 5.68 -2.35 4.93
C GLN B 356 6.25 -3.46 4.05
N MET C 19 2.88 30.54 2.00
CA MET C 19 2.29 29.47 1.15
C MET C 19 3.04 29.27 -0.18
N PRO C 20 2.94 28.05 -0.76
CA PRO C 20 2.16 26.93 -0.22
C PRO C 20 2.73 26.36 1.07
N HIS C 21 1.84 25.97 1.98
CA HIS C 21 2.22 25.37 3.26
C HIS C 21 1.54 24.02 3.36
N ILE C 22 2.11 23.13 4.15
CA ILE C 22 1.54 21.81 4.30
C ILE C 22 0.89 21.66 5.67
N ASP C 23 -0.32 21.13 5.69
CA ASP C 23 -1.03 20.93 6.93
C ASP C 23 -0.40 19.75 7.66
N ASN C 24 0.09 20.01 8.87
CA ASN C 24 0.73 19.01 9.72
C ASN C 24 -0.16 17.79 10.01
N ASP C 25 -1.35 18.05 10.52
CA ASP C 25 -2.30 16.99 10.86
C ASP C 25 -2.74 16.19 9.64
N VAL C 26 -2.51 14.88 9.69
CA VAL C 26 -2.90 14.01 8.58
C VAL C 26 -4.39 13.68 8.62
N LYS C 27 -5.05 13.99 7.53
CA LYS C 27 -6.48 13.73 7.38
C LYS C 27 -6.63 12.27 7.04
N LEU C 28 -7.54 11.58 7.71
CA LEU C 28 -7.75 10.17 7.41
C LEU C 28 -9.12 9.83 6.87
N ASP C 29 -9.18 8.73 6.10
CA ASP C 29 -10.40 8.24 5.47
C ASP C 29 -10.99 7.07 6.23
N PHE C 30 -12.13 6.59 5.74
CA PHE C 30 -12.82 5.46 6.37
C PHE C 30 -11.89 4.28 6.54
N LYS C 31 -11.01 4.11 5.56
CA LYS C 31 -10.02 3.02 5.55
C LYS C 31 -9.07 3.07 6.75
N ASP C 32 -8.62 4.25 7.12
CA ASP C 32 -7.68 4.38 8.22
C ASP C 32 -8.29 4.16 9.60
N VAL C 33 -9.54 3.73 9.65
CA VAL C 33 -10.17 3.63 10.96
C VAL C 33 -11.19 2.51 11.12
N LEU C 34 -11.44 2.14 12.38
CA LEU C 34 -12.43 1.12 12.70
C LEU C 34 -13.20 1.57 13.93
N LEU C 35 -14.31 0.88 14.22
CA LEU C 35 -15.12 1.20 15.39
C LEU C 35 -14.88 0.17 16.52
N ARG C 36 -14.48 0.66 17.67
CA ARG C 36 -14.19 -0.17 18.82
C ARG C 36 -15.46 -0.71 19.48
N PRO C 37 -15.57 -2.04 19.64
CA PRO C 37 -16.74 -2.64 20.27
C PRO C 37 -16.88 -2.11 21.70
N LYS C 38 -18.10 -2.09 22.23
CA LYS C 38 -18.33 -1.60 23.56
C LYS C 38 -19.41 -2.34 24.34
N ARG C 39 -19.25 -2.31 25.66
CA ARG C 39 -20.18 -2.97 26.57
C ARG C 39 -21.56 -2.39 26.41
N SER C 40 -22.53 -3.28 26.29
CA SER C 40 -23.90 -2.83 26.14
C SER C 40 -24.85 -3.80 26.77
N THR C 41 -26.13 -3.49 26.62
CA THR C 41 -27.18 -4.30 27.18
C THR C 41 -28.17 -4.67 26.07
N LEU C 42 -27.76 -4.44 24.83
CA LEU C 42 -28.63 -4.71 23.70
C LEU C 42 -29.02 -6.16 23.51
N LYS C 43 -30.31 -6.37 23.25
CA LYS C 43 -30.88 -7.71 23.03
C LYS C 43 -30.22 -8.32 21.78
N SER C 44 -30.87 -8.12 20.63
CA SER C 44 -30.37 -8.62 19.36
C SER C 44 -30.28 -7.45 18.39
N ARG C 45 -29.68 -7.70 17.22
CA ARG C 45 -29.51 -6.66 16.20
C ARG C 45 -30.86 -6.05 15.81
N SER C 46 -31.94 -6.74 16.16
CA SER C 46 -33.29 -6.29 15.84
C SER C 46 -33.78 -5.16 16.76
N GLU C 47 -33.26 -5.13 17.98
CA GLU C 47 -33.62 -4.10 18.95
C GLU C 47 -33.03 -2.74 18.55
N VAL C 48 -32.55 -2.63 17.32
CA VAL C 48 -31.94 -1.39 16.86
C VAL C 48 -32.86 -0.58 15.97
N ASP C 49 -33.03 0.68 16.34
CA ASP C 49 -33.88 1.59 15.59
C ASP C 49 -33.03 2.51 14.69
N LEU C 50 -33.10 2.30 13.39
CA LEU C 50 -32.34 3.09 12.43
C LEU C 50 -33.02 4.35 11.95
N THR C 51 -34.08 4.78 12.63
CA THR C 51 -34.78 5.98 12.19
C THR C 51 -34.37 7.17 13.05
N ARG C 52 -34.52 8.38 12.51
CA ARG C 52 -34.17 9.57 13.26
C ARG C 52 -35.12 10.73 13.04
N SER C 53 -35.30 11.53 14.09
CA SER C 53 -36.15 12.69 14.02
C SER C 53 -35.25 13.91 14.02
N PHE C 54 -35.42 14.77 13.02
CA PHE C 54 -34.64 15.98 12.90
C PHE C 54 -35.56 17.17 12.79
N SER C 55 -35.12 18.29 13.31
CA SER C 55 -35.89 19.53 13.23
C SER C 55 -34.91 20.51 12.59
N PHE C 56 -35.09 20.72 11.29
CA PHE C 56 -34.21 21.56 10.52
C PHE C 56 -34.18 23.03 10.94
N ARG C 57 -32.96 23.53 11.05
CA ARG C 57 -32.69 24.88 11.50
C ARG C 57 -33.36 26.01 10.75
N ASN C 58 -33.31 25.98 9.43
CA ASN C 58 -33.90 27.09 8.69
C ASN C 58 -35.35 26.90 8.18
N SER C 59 -35.62 25.77 7.53
CA SER C 59 -36.96 25.52 7.00
C SER C 59 -37.91 25.24 8.15
N LYS C 60 -37.34 25.06 9.34
CA LYS C 60 -38.11 24.77 10.54
C LYS C 60 -38.96 23.51 10.39
N GLN C 61 -38.71 22.74 9.34
CA GLN C 61 -39.48 21.52 9.10
C GLN C 61 -38.97 20.35 9.91
N THR C 62 -39.71 19.26 9.84
CA THR C 62 -39.34 18.04 10.57
C THR C 62 -39.11 16.84 9.66
N TYR C 63 -38.22 15.96 10.10
CA TYR C 63 -37.90 14.76 9.34
C TYR C 63 -38.01 13.54 10.24
N SER C 64 -38.29 12.41 9.61
CA SER C 64 -38.38 11.13 10.31
C SER C 64 -38.29 9.99 9.30
N GLY C 65 -37.33 9.10 9.54
CA GLY C 65 -37.07 7.99 8.63
C GLY C 65 -35.62 7.58 8.74
N VAL C 66 -35.20 6.56 7.98
CA VAL C 66 -33.80 6.18 7.99
C VAL C 66 -33.09 7.24 7.13
N PRO C 67 -32.12 7.96 7.72
CA PRO C 67 -31.38 9.02 7.03
C PRO C 67 -30.31 8.61 5.99
N ILE C 68 -30.65 7.70 5.10
CA ILE C 68 -29.71 7.30 4.06
C ILE C 68 -30.35 7.77 2.75
N ILE C 69 -29.62 8.55 1.98
CA ILE C 69 -30.14 9.11 0.73
C ILE C 69 -29.52 8.54 -0.54
N ALA C 70 -30.35 8.24 -1.53
CA ALA C 70 -29.84 7.77 -2.81
C ALA C 70 -29.38 9.06 -3.51
N ALA C 71 -28.13 9.07 -3.96
CA ALA C 71 -27.56 10.26 -4.60
C ALA C 71 -28.33 10.71 -5.84
N ASN C 72 -28.37 12.03 -6.03
CA ASN C 72 -29.07 12.62 -7.15
C ASN C 72 -28.30 12.52 -8.47
N MET C 73 -27.82 11.32 -8.77
CA MET C 73 -27.08 11.08 -10.00
C MET C 73 -28.02 10.45 -10.99
N ASP C 74 -27.80 10.75 -12.26
CA ASP C 74 -28.66 10.24 -13.32
C ASP C 74 -28.93 8.76 -13.22
N THR C 75 -27.90 7.99 -12.87
CA THR C 75 -28.03 6.56 -12.78
C THR C 75 -28.57 6.04 -11.45
N VAL C 76 -28.59 6.90 -10.44
CA VAL C 76 -29.04 6.49 -9.12
C VAL C 76 -30.35 7.11 -8.61
N GLY C 77 -30.47 8.44 -8.73
CA GLY C 77 -31.68 9.12 -8.28
C GLY C 77 -32.85 8.99 -9.23
N THR C 78 -33.26 7.76 -9.49
CA THR C 78 -34.37 7.50 -10.39
C THR C 78 -35.64 7.23 -9.60
N PHE C 79 -36.79 7.49 -10.23
CA PHE C 79 -38.06 7.25 -9.56
C PHE C 79 -38.16 5.77 -9.28
N GLU C 80 -37.70 4.98 -10.25
CA GLU C 80 -37.73 3.53 -10.11
C GLU C 80 -37.01 3.14 -8.81
N MET C 81 -35.91 3.84 -8.53
CA MET C 81 -35.10 3.61 -7.33
C MET C 81 -35.89 4.09 -6.10
N ALA C 82 -36.37 5.33 -6.19
CA ALA C 82 -37.14 5.93 -5.10
C ALA C 82 -38.28 5.04 -4.61
N LYS C 83 -38.97 4.39 -5.54
CA LYS C 83 -40.09 3.54 -5.17
C LYS C 83 -39.66 2.46 -4.16
N VAL C 84 -38.50 1.84 -4.39
CA VAL C 84 -38.02 0.80 -3.49
C VAL C 84 -37.49 1.39 -2.18
N LEU C 85 -36.60 2.37 -2.26
CA LEU C 85 -36.06 2.97 -1.04
C LEU C 85 -37.19 3.42 -0.15
N CYS C 86 -38.29 3.83 -0.77
CA CYS C 86 -39.44 4.29 -0.03
C CYS C 86 -39.99 3.17 0.84
N LYS C 87 -39.97 1.94 0.33
CA LYS C 87 -40.49 0.81 1.10
C LYS C 87 -39.71 0.62 2.40
N PHE C 88 -38.51 1.21 2.47
CA PHE C 88 -37.67 1.08 3.65
C PHE C 88 -37.48 2.36 4.43
N SER C 89 -38.08 3.45 3.96
CA SER C 89 -37.95 4.76 4.62
C SER C 89 -36.70 5.51 4.26
N LEU C 90 -36.08 5.12 3.15
CA LEU C 90 -34.86 5.79 2.72
C LEU C 90 -35.20 6.98 1.82
N PHE C 91 -34.41 8.03 1.96
CA PHE C 91 -34.58 9.27 1.20
C PHE C 91 -34.02 9.17 -0.21
N THR C 92 -34.55 9.98 -1.12
CA THR C 92 -34.06 9.98 -2.48
C THR C 92 -33.96 11.38 -3.05
N ALA C 93 -32.82 11.72 -3.61
CA ALA C 93 -32.63 13.03 -4.22
C ALA C 93 -32.74 12.71 -5.70
N VAL C 94 -33.89 13.02 -6.28
CA VAL C 94 -34.14 12.73 -7.69
C VAL C 94 -33.21 13.52 -8.60
N HIS C 95 -32.64 12.86 -9.60
CA HIS C 95 -31.72 13.54 -10.53
C HIS C 95 -32.45 14.67 -11.27
N LYS C 96 -31.72 15.74 -11.60
CA LYS C 96 -32.30 16.91 -12.25
C LYS C 96 -32.61 16.77 -13.74
N HIS C 97 -33.24 15.67 -14.14
CA HIS C 97 -33.56 15.49 -15.56
C HIS C 97 -35.02 15.16 -15.84
N TYR C 98 -35.65 14.40 -14.95
CA TYR C 98 -37.05 14.04 -15.15
C TYR C 98 -37.92 15.26 -15.49
N SER C 99 -38.77 15.12 -16.52
CA SER C 99 -39.64 16.21 -16.93
C SER C 99 -40.80 16.36 -15.96
N LEU C 100 -41.35 17.57 -15.88
CA LEU C 100 -42.45 17.87 -14.98
C LEU C 100 -43.52 16.81 -15.08
N VAL C 101 -43.62 16.19 -16.25
CA VAL C 101 -44.61 15.15 -16.48
C VAL C 101 -44.34 13.89 -15.66
N GLN C 102 -43.12 13.36 -15.74
CA GLN C 102 -42.80 12.14 -14.99
C GLN C 102 -43.01 12.37 -13.51
N TRP C 103 -42.67 13.56 -13.03
CA TRP C 103 -42.87 13.86 -11.61
C TRP C 103 -44.35 13.68 -11.29
N GLN C 104 -45.22 14.42 -11.99
CA GLN C 104 -46.66 14.31 -11.74
C GLN C 104 -47.10 12.85 -11.86
N GLU C 105 -46.53 12.13 -12.82
CA GLU C 105 -46.85 10.72 -13.02
C GLU C 105 -46.48 9.94 -11.76
N PHE C 106 -45.22 10.04 -11.36
CA PHE C 106 -44.69 9.36 -10.18
C PHE C 106 -45.50 9.75 -8.96
N ALA C 107 -45.60 11.06 -8.73
CA ALA C 107 -46.35 11.59 -7.62
C ALA C 107 -47.72 10.95 -7.60
N GLY C 108 -48.27 10.78 -8.80
CA GLY C 108 -49.57 10.17 -8.93
C GLY C 108 -49.64 8.75 -8.43
N GLN C 109 -48.88 7.87 -9.09
CA GLN C 109 -48.88 6.45 -8.73
C GLN C 109 -48.27 6.13 -7.35
N ASN C 110 -47.58 7.08 -6.74
CA ASN C 110 -46.95 6.85 -5.43
C ASN C 110 -47.17 7.99 -4.46
N PRO C 111 -48.45 8.28 -4.15
CA PRO C 111 -48.82 9.36 -3.26
C PRO C 111 -47.94 9.49 -1.99
N ASP C 112 -47.93 8.42 -1.20
CA ASP C 112 -47.17 8.36 0.04
C ASP C 112 -45.66 8.67 -0.03
N CYS C 113 -44.98 8.15 -1.04
CA CYS C 113 -43.55 8.35 -1.20
C CYS C 113 -43.10 9.76 -1.63
N LEU C 114 -43.91 10.77 -1.32
CA LEU C 114 -43.58 12.13 -1.72
C LEU C 114 -42.70 12.85 -0.69
N GLU C 115 -42.79 12.46 0.57
CA GLU C 115 -41.96 13.03 1.62
C GLU C 115 -40.72 12.18 1.44
N HIS C 116 -39.58 12.60 1.98
CA HIS C 116 -38.39 11.78 1.81
C HIS C 116 -38.01 11.73 0.33
N LEU C 117 -38.18 12.86 -0.34
CA LEU C 117 -37.86 12.97 -1.74
C LEU C 117 -37.43 14.41 -1.91
N ALA C 118 -36.37 14.64 -2.69
CA ALA C 118 -35.90 16.00 -2.91
C ALA C 118 -35.74 16.28 -4.40
N ALA C 119 -36.03 17.52 -4.80
CA ALA C 119 -35.89 17.92 -6.18
C ALA C 119 -34.52 18.58 -6.24
N SER C 120 -33.71 18.17 -7.21
CA SER C 120 -32.35 18.68 -7.35
C SER C 120 -32.25 19.86 -8.30
N SER C 121 -31.12 20.56 -8.26
CA SER C 121 -30.94 21.70 -9.14
C SER C 121 -29.57 22.34 -9.03
N GLY C 122 -29.12 22.92 -10.13
CA GLY C 122 -27.83 23.60 -10.15
C GLY C 122 -28.10 25.09 -10.02
N THR C 123 -27.06 25.90 -10.17
CA THR C 123 -27.20 27.34 -10.07
C THR C 123 -27.77 27.93 -11.36
N GLY C 124 -27.70 27.16 -12.45
CA GLY C 124 -28.20 27.62 -13.73
C GLY C 124 -29.67 28.05 -13.75
N SER C 125 -29.94 29.13 -14.47
CA SER C 125 -31.30 29.67 -14.60
C SER C 125 -32.29 28.59 -15.04
N SER C 126 -31.92 27.86 -16.10
CA SER C 126 -32.78 26.78 -16.61
C SER C 126 -33.16 25.87 -15.45
N ASP C 127 -32.13 25.38 -14.76
CA ASP C 127 -32.31 24.49 -13.61
C ASP C 127 -33.26 25.06 -12.58
N PHE C 128 -33.01 26.30 -12.16
CA PHE C 128 -33.85 26.93 -11.17
C PHE C 128 -35.29 27.04 -11.64
N GLU C 129 -35.48 27.31 -12.92
CA GLU C 129 -36.82 27.43 -13.49
C GLU C 129 -37.49 26.05 -13.53
N GLN C 130 -36.69 25.00 -13.71
CA GLN C 130 -37.21 23.64 -13.76
C GLN C 130 -37.49 23.14 -12.33
N LEU C 131 -36.83 23.79 -11.38
CA LEU C 131 -37.00 23.45 -9.97
C LEU C 131 -38.31 24.03 -9.46
N GLU C 132 -38.52 25.32 -9.70
CA GLU C 132 -39.74 26.00 -9.30
C GLU C 132 -40.92 25.19 -9.81
N GLN C 133 -40.94 25.04 -11.13
CA GLN C 133 -42.00 24.32 -11.82
C GLN C 133 -42.42 23.07 -11.06
N ILE C 134 -41.42 22.30 -10.63
CA ILE C 134 -41.68 21.06 -9.92
C ILE C 134 -42.19 21.27 -8.50
N LEU C 135 -41.58 22.18 -7.77
CA LEU C 135 -41.99 22.44 -6.39
C LEU C 135 -43.41 23.00 -6.34
N GLU C 136 -43.74 23.82 -7.34
CA GLU C 136 -45.07 24.44 -7.44
C GLU C 136 -46.09 23.36 -7.72
N ALA C 137 -45.82 22.53 -8.73
CA ALA C 137 -46.69 21.45 -9.14
C ALA C 137 -46.92 20.38 -8.07
N ILE C 138 -45.84 19.82 -7.53
CA ILE C 138 -45.97 18.81 -6.47
C ILE C 138 -45.59 19.48 -5.16
N PRO C 139 -46.57 19.67 -4.25
CA PRO C 139 -46.36 20.31 -2.95
C PRO C 139 -45.91 19.33 -1.89
N GLN C 140 -46.16 18.05 -2.15
CA GLN C 140 -45.78 17.00 -1.22
C GLN C 140 -44.28 16.87 -1.13
N VAL C 141 -43.56 17.62 -1.96
CA VAL C 141 -42.09 17.59 -1.98
C VAL C 141 -41.51 18.83 -1.31
N LYS C 142 -41.15 18.66 -0.04
CA LYS C 142 -40.63 19.74 0.77
C LYS C 142 -39.11 19.86 0.89
N TYR C 143 -38.37 19.20 0.00
CA TYR C 143 -36.91 19.28 0.04
C TYR C 143 -36.29 19.64 -1.29
N ILE C 144 -35.25 20.47 -1.21
CA ILE C 144 -34.52 20.94 -2.38
C ILE C 144 -33.06 20.50 -2.23
N CYS C 145 -32.47 20.04 -3.34
CA CYS C 145 -31.09 19.61 -3.34
C CYS C 145 -30.25 20.47 -4.29
N LEU C 146 -29.44 21.37 -3.72
CA LEU C 146 -28.61 22.25 -4.52
C LEU C 146 -27.19 21.72 -4.63
N ASP C 147 -26.74 21.47 -5.86
CA ASP C 147 -25.40 20.96 -6.15
C ASP C 147 -24.64 21.81 -7.13
N VAL C 148 -23.60 22.50 -6.65
CA VAL C 148 -22.78 23.33 -7.51
C VAL C 148 -21.43 22.63 -7.68
N ALA C 149 -20.63 23.12 -8.62
CA ALA C 149 -19.29 22.57 -8.86
C ALA C 149 -18.47 22.83 -7.59
N ASN C 150 -18.16 24.11 -7.38
CA ASN C 150 -17.40 24.56 -6.22
C ASN C 150 -18.34 25.14 -5.18
N GLY C 151 -18.59 24.42 -4.10
CA GLY C 151 -19.48 24.91 -3.07
C GLY C 151 -18.82 26.00 -2.24
N TYR C 152 -17.63 26.41 -2.62
CA TYR C 152 -16.93 27.45 -1.88
C TYR C 152 -17.05 28.78 -2.60
N SER C 153 -17.75 28.76 -3.73
CA SER C 153 -17.97 29.93 -4.58
C SER C 153 -19.01 30.89 -4.03
N GLU C 154 -18.62 32.15 -3.88
CA GLU C 154 -19.55 33.16 -3.38
C GLU C 154 -20.85 33.04 -4.20
N HIS C 155 -20.71 32.90 -5.51
CA HIS C 155 -21.86 32.77 -6.38
C HIS C 155 -22.85 31.75 -5.82
N PHE C 156 -22.32 30.71 -5.19
CA PHE C 156 -23.16 29.66 -4.63
C PHE C 156 -23.86 30.17 -3.38
N VAL C 157 -23.07 30.76 -2.49
CA VAL C 157 -23.63 31.30 -1.26
C VAL C 157 -24.87 32.15 -1.56
N GLU C 158 -24.76 33.05 -2.55
CA GLU C 158 -25.89 33.89 -2.91
C GLU C 158 -27.01 33.04 -3.53
N PHE C 159 -26.68 32.16 -4.47
CA PHE C 159 -27.74 31.35 -5.07
C PHE C 159 -28.52 30.67 -3.95
N VAL C 160 -27.80 30.22 -2.93
CA VAL C 160 -28.41 29.56 -1.79
C VAL C 160 -29.40 30.50 -1.12
N LYS C 161 -28.92 31.68 -0.68
CA LYS C 161 -29.79 32.67 -0.05
C LYS C 161 -31.03 32.84 -0.92
N ASP C 162 -30.83 33.16 -2.18
CA ASP C 162 -31.98 33.36 -3.05
C ASP C 162 -33.00 32.25 -2.88
N VAL C 163 -32.56 31.00 -3.04
CA VAL C 163 -33.49 29.87 -2.91
C VAL C 163 -34.16 29.87 -1.55
N ARG C 164 -33.44 30.33 -0.53
CA ARG C 164 -33.98 30.38 0.81
C ARG C 164 -35.20 31.29 0.81
N LYS C 165 -35.00 32.51 0.30
CA LYS C 165 -36.06 33.49 0.22
C LYS C 165 -37.25 32.98 -0.59
N ARG C 166 -36.98 32.53 -1.81
CA ARG C 166 -38.03 32.03 -2.69
C ARG C 166 -38.82 30.82 -2.17
N PHE C 167 -38.25 30.06 -1.25
CA PHE C 167 -38.96 28.90 -0.65
C PHE C 167 -38.58 28.84 0.81
N PRO C 168 -38.97 29.86 1.59
CA PRO C 168 -38.66 29.96 3.01
C PRO C 168 -39.07 28.76 3.86
N GLN C 169 -39.87 27.86 3.32
CA GLN C 169 -40.28 26.71 4.10
C GLN C 169 -39.93 25.34 3.58
N HIS C 170 -38.98 25.31 2.64
CA HIS C 170 -38.52 24.05 2.11
C HIS C 170 -37.16 23.79 2.81
N THR C 171 -36.90 22.52 3.10
CA THR C 171 -35.65 22.15 3.74
C THR C 171 -34.63 22.14 2.60
N ILE C 172 -33.53 22.87 2.78
CA ILE C 172 -32.53 22.95 1.74
C ILE C 172 -31.25 22.18 2.00
N MET C 173 -30.87 21.35 1.04
CA MET C 173 -29.64 20.57 1.07
C MET C 173 -28.72 21.28 0.06
N ALA C 174 -27.54 21.70 0.51
CA ALA C 174 -26.63 22.37 -0.40
C ALA C 174 -25.19 21.92 -0.19
N GLY C 175 -24.50 21.64 -1.29
CA GLY C 175 -23.13 21.20 -1.21
C GLY C 175 -22.42 21.41 -2.53
N ASN C 176 -21.17 20.96 -2.63
CA ASN C 176 -20.50 20.27 -1.53
C ASN C 176 -19.33 21.05 -0.97
N VAL C 177 -18.98 20.76 0.27
CA VAL C 177 -17.83 21.40 0.91
C VAL C 177 -17.19 20.31 1.74
N VAL C 178 -16.06 20.64 2.37
CA VAL C 178 -15.35 19.65 3.18
C VAL C 178 -14.75 20.30 4.41
N THR C 179 -15.10 21.56 4.64
CA THR C 179 -14.55 22.29 5.78
C THR C 179 -15.58 23.02 6.63
N GLY C 180 -15.41 22.93 7.94
CA GLY C 180 -16.34 23.57 8.87
C GLY C 180 -16.73 24.98 8.52
N GLU C 181 -15.75 25.81 8.20
CA GLU C 181 -15.99 27.19 7.83
C GLU C 181 -17.08 27.34 6.77
N MET C 182 -16.83 26.82 5.58
CA MET C 182 -17.81 26.92 4.51
C MET C 182 -19.12 26.24 4.92
N VAL C 183 -19.04 25.39 5.93
CA VAL C 183 -20.25 24.70 6.40
C VAL C 183 -21.15 25.71 7.10
N GLU C 184 -20.51 26.51 7.96
CA GLU C 184 -21.22 27.53 8.71
C GLU C 184 -21.75 28.58 7.76
N GLU C 185 -20.88 29.05 6.88
CA GLU C 185 -21.26 30.05 5.92
C GLU C 185 -22.57 29.66 5.24
N LEU C 186 -22.62 28.46 4.71
CA LEU C 186 -23.81 27.97 4.03
C LEU C 186 -25.03 27.81 4.93
N ILE C 187 -24.81 27.40 6.17
CA ILE C 187 -25.93 27.23 7.09
C ILE C 187 -26.53 28.59 7.40
N LEU C 188 -25.66 29.58 7.59
CA LEU C 188 -26.11 30.93 7.88
C LEU C 188 -26.71 31.60 6.63
N SER C 189 -26.17 31.35 5.45
CA SER C 189 -26.76 31.95 4.27
C SER C 189 -28.08 31.26 3.91
N GLY C 190 -28.56 30.36 4.77
CA GLY C 190 -29.85 29.73 4.53
C GLY C 190 -30.06 28.23 4.38
N ALA C 191 -29.01 27.48 4.07
CA ALA C 191 -29.15 26.03 3.89
C ALA C 191 -29.41 25.28 5.20
N ASP C 192 -30.14 24.18 5.09
CA ASP C 192 -30.49 23.34 6.25
C ASP C 192 -29.51 22.19 6.45
N ILE C 193 -29.25 21.47 5.38
CA ILE C 193 -28.32 20.34 5.41
C ILE C 193 -27.17 20.66 4.47
N ILE C 194 -25.94 20.47 4.92
CA ILE C 194 -24.79 20.72 4.05
C ILE C 194 -24.22 19.37 3.55
N LYS C 195 -24.08 19.26 2.23
CA LYS C 195 -23.55 18.04 1.58
C LYS C 195 -22.03 18.07 1.67
N VAL C 196 -21.47 17.16 2.46
CA VAL C 196 -20.03 17.09 2.68
C VAL C 196 -19.32 16.08 1.77
N GLY C 197 -18.29 16.53 1.07
CA GLY C 197 -17.55 15.62 0.21
C GLY C 197 -17.04 16.11 -1.14
N ILE C 198 -15.73 16.04 -1.32
CA ILE C 198 -15.10 16.46 -2.56
C ILE C 198 -13.91 15.55 -2.88
N GLY C 199 -14.02 14.77 -3.95
CA GLY C 199 -12.92 13.89 -4.35
C GLY C 199 -13.15 12.39 -4.23
N PRO C 200 -13.51 11.89 -3.05
CA PRO C 200 -13.75 10.48 -2.75
C PRO C 200 -14.86 9.77 -3.53
N GLY C 201 -15.59 10.50 -4.37
CA GLY C 201 -16.65 9.87 -5.15
C GLY C 201 -16.16 8.76 -6.08
N SER C 202 -17.03 7.78 -6.34
CA SER C 202 -16.74 6.66 -7.23
C SER C 202 -16.47 7.17 -8.67
N VAL C 203 -17.53 7.71 -9.29
CA VAL C 203 -17.43 8.29 -10.63
C VAL C 203 -16.77 9.68 -10.53
N CYS C 204 -16.51 10.07 -9.28
CA CYS C 204 -15.87 11.35 -8.99
C CYS C 204 -14.35 11.19 -9.19
N THR C 205 -13.72 12.19 -9.78
CA THR C 205 -12.29 12.13 -10.04
C THR C 205 -11.64 13.51 -9.93
N THR C 206 -12.09 14.25 -8.93
CA THR C 206 -11.58 15.59 -8.67
C THR C 206 -10.06 15.56 -8.44
N ARG C 207 -9.61 14.56 -7.67
CA ARG C 207 -8.21 14.42 -7.33
C ARG C 207 -7.31 14.16 -8.52
N LYS C 208 -7.75 13.31 -9.42
CA LYS C 208 -6.96 13.02 -10.60
C LYS C 208 -6.89 14.25 -11.51
N LYS C 209 -8.04 14.89 -11.73
CA LYS C 209 -8.16 16.06 -12.60
C LYS C 209 -7.82 17.40 -12.00
N THR C 210 -7.79 17.51 -10.69
CA THR C 210 -7.48 18.81 -10.09
C THR C 210 -6.54 18.77 -8.90
N GLY C 211 -6.35 17.58 -8.32
CA GLY C 211 -5.47 17.45 -7.17
C GLY C 211 -6.13 18.02 -5.93
N VAL C 212 -7.41 18.31 -6.02
CA VAL C 212 -8.17 18.87 -4.91
C VAL C 212 -9.06 17.80 -4.29
N GLY C 213 -9.03 17.72 -2.96
CA GLY C 213 -9.85 16.73 -2.29
C GLY C 213 -9.73 16.87 -0.79
N TYR C 214 -10.29 15.89 -0.08
CA TYR C 214 -10.26 15.88 1.38
C TYR C 214 -10.84 14.54 1.80
N PRO C 215 -10.12 13.79 2.64
CA PRO C 215 -10.56 12.48 3.13
C PRO C 215 -11.96 12.56 3.77
N GLN C 216 -12.87 11.68 3.36
CA GLN C 216 -14.21 11.69 3.92
C GLN C 216 -14.29 11.75 5.45
N LEU C 217 -13.72 10.76 6.13
CA LEU C 217 -13.82 10.72 7.59
C LEU C 217 -13.45 12.03 8.25
N SER C 218 -12.29 12.57 7.92
CA SER C 218 -11.90 13.82 8.55
C SER C 218 -12.85 14.94 8.20
N ALA C 219 -13.30 14.97 6.94
CA ALA C 219 -14.22 16.00 6.50
C ALA C 219 -15.49 15.89 7.34
N VAL C 220 -16.14 14.72 7.32
CA VAL C 220 -17.36 14.51 8.06
C VAL C 220 -17.21 14.93 9.51
N MET C 221 -16.19 14.43 10.19
CA MET C 221 -16.05 14.81 11.59
C MET C 221 -15.95 16.31 11.79
N GLU C 222 -15.09 16.95 11.01
CA GLU C 222 -14.90 18.40 11.12
C GLU C 222 -16.17 19.16 10.74
N CYS C 223 -16.78 18.80 9.62
CA CYS C 223 -17.98 19.47 9.18
C CYS C 223 -19.17 19.21 10.10
N ALA C 224 -19.36 17.94 10.46
CA ALA C 224 -20.49 17.60 11.33
C ALA C 224 -20.44 18.44 12.58
N ASP C 225 -19.25 18.63 13.12
CA ASP C 225 -19.08 19.43 14.31
C ASP C 225 -19.55 20.86 14.09
N ALA C 226 -19.05 21.47 13.03
CA ALA C 226 -19.38 22.83 12.67
C ALA C 226 -20.90 23.01 12.55
N ALA C 227 -21.51 22.23 11.66
CA ALA C 227 -22.94 22.29 11.44
C ALA C 227 -23.74 22.14 12.72
N HIS C 228 -23.38 21.15 13.54
CA HIS C 228 -24.08 20.93 14.78
C HIS C 228 -24.01 22.11 15.77
N GLY C 229 -22.93 22.86 15.74
CA GLY C 229 -22.85 24.02 16.62
C GLY C 229 -23.93 25.04 16.27
N LEU C 230 -24.24 25.18 14.98
CA LEU C 230 -25.27 26.11 14.52
C LEU C 230 -26.64 25.42 14.50
N LYS C 231 -26.72 24.27 15.15
CA LYS C 231 -27.98 23.53 15.20
C LYS C 231 -28.42 23.12 13.80
N GLY C 232 -27.43 22.89 12.92
CA GLY C 232 -27.72 22.46 11.56
C GLY C 232 -27.32 20.99 11.36
N HIS C 233 -27.39 20.50 10.12
CA HIS C 233 -27.05 19.12 9.81
C HIS C 233 -26.20 18.97 8.56
N ILE C 234 -25.59 17.80 8.41
CA ILE C 234 -24.75 17.52 7.23
C ILE C 234 -25.08 16.18 6.62
N ILE C 235 -24.63 16.01 5.39
CA ILE C 235 -24.81 14.78 4.65
C ILE C 235 -23.43 14.32 4.18
N SER C 236 -23.09 13.06 4.47
CA SER C 236 -21.82 12.51 4.04
C SER C 236 -22.07 12.10 2.59
N ASP C 237 -21.52 12.87 1.65
CA ASP C 237 -21.75 12.61 0.24
C ASP C 237 -20.59 11.92 -0.42
N GLY C 238 -20.82 10.69 -0.86
CA GLY C 238 -19.77 9.91 -1.51
C GLY C 238 -18.75 9.37 -0.54
N GLY C 239 -17.93 8.44 -1.03
CA GLY C 239 -16.89 7.86 -0.19
C GLY C 239 -17.18 6.45 0.33
N CYS C 240 -18.45 6.06 0.35
CA CYS C 240 -18.82 4.75 0.86
C CYS C 240 -18.84 3.68 -0.23
N SER C 241 -18.23 2.54 0.09
CA SER C 241 -18.14 1.40 -0.82
C SER C 241 -18.74 0.16 -0.18
N CYS C 242 -18.87 0.18 1.13
CA CYS C 242 -19.44 -0.95 1.87
C CYS C 242 -20.25 -0.41 3.04
N PRO C 243 -21.15 -1.23 3.59
CA PRO C 243 -21.98 -0.81 4.73
C PRO C 243 -21.15 -0.23 5.89
N GLY C 244 -20.00 -0.84 6.13
CA GLY C 244 -19.13 -0.39 7.20
C GLY C 244 -18.78 1.07 7.08
N ASP C 245 -18.58 1.52 5.85
CA ASP C 245 -18.25 2.92 5.61
C ASP C 245 -19.41 3.80 6.02
N VAL C 246 -20.60 3.37 5.65
CA VAL C 246 -21.80 4.11 5.99
C VAL C 246 -21.90 4.19 7.49
N ALA C 247 -21.60 3.08 8.15
CA ALA C 247 -21.65 3.05 9.59
C ALA C 247 -20.57 4.00 10.10
N LYS C 248 -19.36 3.88 9.57
CA LYS C 248 -18.30 4.77 9.99
C LYS C 248 -18.71 6.21 9.84
N ALA C 249 -19.38 6.53 8.73
CA ALA C 249 -19.84 7.89 8.46
C ALA C 249 -20.79 8.39 9.55
N PHE C 250 -21.79 7.57 9.85
CA PHE C 250 -22.76 7.92 10.88
C PHE C 250 -22.03 8.14 12.21
N GLY C 251 -21.23 7.17 12.61
CA GLY C 251 -20.48 7.28 13.84
C GLY C 251 -19.58 8.51 13.85
N ALA C 252 -19.13 8.94 12.68
CA ALA C 252 -18.28 10.12 12.58
C ALA C 252 -19.07 11.40 12.85
N GLY C 253 -20.39 11.31 12.82
CA GLY C 253 -21.22 12.48 13.07
C GLY C 253 -22.19 12.87 11.95
N ALA C 254 -22.09 12.21 10.81
CA ALA C 254 -22.97 12.54 9.70
C ALA C 254 -24.41 12.31 10.13
N ASP C 255 -25.31 13.21 9.76
CA ASP C 255 -26.72 13.07 10.10
C ASP C 255 -27.33 12.18 9.03
N PHE C 256 -26.94 12.42 7.79
CA PHE C 256 -27.42 11.63 6.67
C PHE C 256 -26.19 11.12 5.92
N VAL C 257 -26.33 9.97 5.28
CA VAL C 257 -25.25 9.41 4.46
C VAL C 257 -25.86 9.26 3.07
N MET C 258 -25.23 9.87 2.06
CA MET C 258 -25.76 9.78 0.70
C MET C 258 -24.99 8.78 -0.12
N LEU C 259 -25.70 7.80 -0.66
CA LEU C 259 -25.05 6.77 -1.45
C LEU C 259 -25.19 6.98 -2.96
N GLY C 260 -24.07 6.87 -3.65
CA GLY C 260 -24.09 7.00 -5.10
C GLY C 260 -23.70 5.68 -5.77
N GLY C 261 -22.40 5.43 -5.85
CA GLY C 261 -21.92 4.21 -6.46
C GLY C 261 -22.48 2.95 -5.80
N MET C 262 -22.50 2.93 -4.48
CA MET C 262 -23.03 1.75 -3.82
C MET C 262 -24.43 1.40 -4.28
N LEU C 263 -25.12 2.33 -4.92
CA LEU C 263 -26.48 2.09 -5.40
C LEU C 263 -26.57 1.91 -6.90
N ALA C 264 -25.52 2.31 -7.59
CA ALA C 264 -25.46 2.18 -9.05
C ALA C 264 -25.51 0.70 -9.45
N GLY C 265 -25.67 0.43 -10.74
CA GLY C 265 -25.69 -0.95 -11.20
C GLY C 265 -26.84 -1.86 -10.81
N HIS C 266 -27.96 -1.32 -10.34
CA HIS C 266 -29.08 -2.20 -9.99
C HIS C 266 -30.14 -2.09 -11.07
N SER C 267 -31.22 -2.85 -10.93
CA SER C 267 -32.29 -2.80 -11.91
C SER C 267 -32.85 -1.40 -11.88
N GLU C 268 -33.37 -1.01 -10.71
CA GLU C 268 -33.96 0.31 -10.49
C GLU C 268 -32.98 1.43 -10.80
N SER C 269 -31.71 1.05 -10.98
CA SER C 269 -30.65 2.00 -11.26
C SER C 269 -30.74 2.48 -12.70
N GLY C 270 -29.93 3.47 -13.05
CA GLY C 270 -29.91 4.00 -14.41
C GLY C 270 -28.94 3.26 -15.30
N GLY C 271 -28.38 3.97 -16.28
CA GLY C 271 -27.41 3.39 -17.21
C GLY C 271 -27.91 2.29 -18.13
N GLU C 272 -27.13 2.01 -19.18
CA GLU C 272 -27.47 0.99 -20.17
C GLU C 272 -26.89 -0.37 -19.78
N LEU C 273 -27.76 -1.39 -19.68
CA LEU C 273 -27.37 -2.75 -19.31
C LEU C 273 -26.39 -3.42 -20.28
N ILE C 274 -25.34 -2.67 -20.69
CA ILE C 274 -24.31 -3.16 -21.61
C ILE C 274 -23.43 -4.25 -21.01
N GLU C 275 -24.04 -5.43 -20.80
CA GLU C 275 -23.44 -6.64 -20.22
C GLU C 275 -22.33 -7.32 -21.05
N ARG C 276 -21.18 -7.55 -20.42
CA ARG C 276 -20.03 -8.18 -21.08
C ARG C 276 -19.89 -9.66 -20.71
N ASP C 277 -19.27 -10.43 -21.61
CA ASP C 277 -19.06 -11.87 -21.45
C ASP C 277 -19.52 -12.43 -20.11
N GLY C 278 -20.85 -12.57 -19.95
CA GLY C 278 -21.41 -13.08 -18.71
C GLY C 278 -21.25 -12.07 -17.59
N LYS C 279 -20.03 -11.55 -17.48
CA LYS C 279 -19.65 -10.55 -16.49
C LYS C 279 -20.24 -9.20 -16.90
N LYS C 280 -21.57 -9.10 -16.84
CA LYS C 280 -22.33 -7.91 -17.21
C LYS C 280 -21.86 -6.62 -16.53
N TYR C 281 -21.91 -5.53 -17.29
CA TYR C 281 -21.52 -4.21 -16.78
C TYR C 281 -22.59 -3.19 -17.19
N LYS C 282 -23.17 -2.48 -16.21
CA LYS C 282 -24.17 -1.47 -16.52
C LYS C 282 -23.46 -0.12 -16.61
N LEU C 283 -24.06 0.83 -17.32
CA LEU C 283 -23.47 2.15 -17.48
C LEU C 283 -23.62 3.02 -16.22
N PHE C 284 -22.52 3.68 -15.83
CA PHE C 284 -22.56 4.55 -14.66
C PHE C 284 -21.75 5.82 -14.88
N TYR C 285 -22.40 6.87 -15.34
CA TYR C 285 -21.72 8.12 -15.57
C TYR C 285 -21.94 9.09 -14.42
N GLY C 286 -20.91 9.88 -14.10
CA GLY C 286 -21.05 10.85 -13.03
C GLY C 286 -22.16 11.81 -13.39
N MET C 287 -22.28 12.92 -12.66
CA MET C 287 -23.31 13.90 -12.96
C MET C 287 -22.84 14.95 -13.95
N SER C 288 -21.52 15.09 -14.05
CA SER C 288 -20.88 16.06 -14.98
C SER C 288 -19.94 15.31 -15.93
N SER C 289 -20.17 14.00 -16.07
CA SER C 289 -19.36 13.14 -16.92
C SER C 289 -19.30 13.55 -18.39
N GLU C 290 -18.65 12.70 -19.18
CA GLU C 290 -18.53 12.93 -20.62
C GLU C 290 -19.84 12.47 -21.25
N MET C 291 -20.42 11.42 -20.68
CA MET C 291 -21.69 10.86 -21.17
C MET C 291 -22.89 11.70 -20.74
N ALA C 292 -22.78 12.34 -19.58
CA ALA C 292 -23.86 13.19 -19.08
C ALA C 292 -23.94 14.43 -19.97
N MET C 293 -22.77 14.99 -20.32
CA MET C 293 -22.70 16.18 -21.17
C MET C 293 -23.29 15.92 -22.55
N LYS C 294 -22.84 14.84 -23.17
CA LYS C 294 -23.31 14.45 -24.51
C LYS C 294 -24.79 14.06 -24.50
N LYS C 295 -25.28 13.56 -23.36
CA LYS C 295 -26.67 13.13 -23.25
C LYS C 295 -27.65 14.23 -22.86
N TYR C 296 -27.30 15.03 -21.86
CA TYR C 296 -28.17 16.11 -21.40
C TYR C 296 -28.21 17.28 -22.39
N GLY C 308 -16.05 13.97 -14.82
CA GLY C 308 -16.78 12.81 -14.35
C GLY C 308 -16.51 11.59 -15.20
N LYS C 309 -16.16 10.48 -14.57
CA LYS C 309 -15.85 9.26 -15.31
C LYS C 309 -17.10 8.46 -15.63
N THR C 310 -17.06 7.77 -16.77
CA THR C 310 -18.14 6.90 -17.21
C THR C 310 -17.55 5.53 -16.93
N VAL C 311 -18.19 4.75 -16.08
CA VAL C 311 -17.66 3.44 -15.74
C VAL C 311 -18.71 2.34 -15.82
N GLU C 312 -18.24 1.10 -15.68
CA GLU C 312 -19.13 -0.04 -15.76
C GLU C 312 -19.33 -0.76 -14.43
N VAL C 313 -20.36 -0.38 -13.69
CA VAL C 313 -20.62 -1.04 -12.43
C VAL C 313 -21.22 -2.40 -12.75
N PRO C 314 -20.69 -3.48 -12.15
CA PRO C 314 -21.28 -4.78 -12.45
C PRO C 314 -22.74 -4.85 -11.97
N PHE C 315 -23.60 -5.36 -12.82
CA PHE C 315 -25.01 -5.50 -12.50
C PHE C 315 -25.23 -6.20 -11.16
N LYS C 316 -25.88 -5.48 -10.24
CA LYS C 316 -26.12 -6.00 -8.91
C LYS C 316 -27.55 -6.50 -8.66
N GLY C 317 -28.38 -6.48 -9.69
CA GLY C 317 -29.74 -6.96 -9.51
C GLY C 317 -30.67 -5.94 -8.86
N ASP C 318 -31.42 -6.38 -7.85
CA ASP C 318 -32.37 -5.50 -7.17
C ASP C 318 -31.78 -4.73 -6.00
N VAL C 319 -32.02 -3.42 -5.99
CA VAL C 319 -31.56 -2.54 -4.91
C VAL C 319 -32.11 -3.11 -3.60
N GLU C 320 -33.30 -3.68 -3.73
CA GLU C 320 -34.06 -4.32 -2.68
C GLU C 320 -33.15 -5.01 -1.66
N HIS C 321 -32.30 -5.89 -2.15
CA HIS C 321 -31.40 -6.63 -1.27
C HIS C 321 -30.31 -5.72 -0.70
N THR C 322 -29.63 -4.97 -1.58
CA THR C 322 -28.57 -4.06 -1.16
C THR C 322 -29.03 -3.18 0.00
N ILE C 323 -30.27 -2.71 -0.04
CA ILE C 323 -30.75 -1.88 1.05
C ILE C 323 -30.79 -2.71 2.33
N ARG C 324 -31.34 -3.91 2.24
CA ARG C 324 -31.44 -4.78 3.42
C ARG C 324 -30.05 -5.11 3.94
N ASP C 325 -29.11 -5.16 3.05
CA ASP C 325 -27.73 -5.47 3.39
C ASP C 325 -27.08 -4.30 4.14
N ILE C 326 -27.38 -3.08 3.71
CA ILE C 326 -26.82 -1.89 4.32
C ILE C 326 -27.43 -1.67 5.71
N LEU C 327 -28.74 -1.54 5.76
CA LEU C 327 -29.44 -1.34 7.02
C LEU C 327 -29.01 -2.44 7.96
N GLY C 328 -28.86 -3.64 7.41
CA GLY C 328 -28.43 -4.77 8.22
C GLY C 328 -27.11 -4.50 8.89
N GLY C 329 -26.12 -4.09 8.10
CA GLY C 329 -24.81 -3.80 8.63
C GLY C 329 -24.83 -2.69 9.67
N ILE C 330 -25.60 -1.63 9.39
CA ILE C 330 -25.69 -0.51 10.31
C ILE C 330 -26.25 -1.00 11.64
N ARG C 331 -27.23 -1.90 11.55
CA ARG C 331 -27.85 -2.43 12.75
C ARG C 331 -26.83 -3.14 13.63
N SER C 332 -25.96 -3.93 13.01
CA SER C 332 -24.94 -4.64 13.74
C SER C 332 -23.98 -3.66 14.40
N THR C 333 -23.52 -2.68 13.63
CA THR C 333 -22.60 -1.68 14.14
C THR C 333 -23.11 -1.13 15.47
N CYS C 334 -24.40 -0.81 15.50
CA CYS C 334 -25.01 -0.26 16.71
C CYS C 334 -25.01 -1.29 17.85
N THR C 335 -25.38 -2.52 17.53
CA THR C 335 -25.39 -3.55 18.54
C THR C 335 -24.00 -3.64 19.17
N TYR C 336 -22.97 -3.76 18.33
CA TYR C 336 -21.59 -3.90 18.77
C TYR C 336 -21.10 -2.74 19.64
N VAL C 337 -21.60 -1.54 19.36
CA VAL C 337 -21.20 -0.35 20.09
C VAL C 337 -22.10 -0.01 21.28
N GLY C 338 -23.31 -0.54 21.29
CA GLY C 338 -24.20 -0.27 22.40
C GLY C 338 -25.22 0.83 22.13
N ALA C 339 -25.46 1.13 20.87
CA ALA C 339 -26.42 2.16 20.50
C ALA C 339 -27.75 1.49 20.15
N ALA C 340 -28.76 1.77 20.95
CA ALA C 340 -30.09 1.20 20.74
C ALA C 340 -30.76 1.91 19.56
N LYS C 341 -30.33 3.15 19.33
CA LYS C 341 -30.86 3.94 18.23
C LYS C 341 -29.73 4.72 17.53
N LEU C 342 -29.79 4.75 16.20
CA LEU C 342 -28.81 5.43 15.36
C LEU C 342 -28.31 6.75 15.95
N LYS C 343 -29.19 7.43 16.66
CA LYS C 343 -28.84 8.70 17.28
C LYS C 343 -27.71 8.52 18.29
N GLU C 344 -27.69 7.36 18.95
CA GLU C 344 -26.64 7.10 19.93
C GLU C 344 -25.34 6.59 19.30
N LEU C 345 -25.39 6.18 18.04
CA LEU C 345 -24.21 5.65 17.36
C LEU C 345 -22.93 6.47 17.51
N SER C 346 -22.95 7.72 17.07
CA SER C 346 -21.74 8.52 17.17
C SER C 346 -21.40 8.80 18.62
N ARG C 347 -22.43 9.06 19.42
CA ARG C 347 -22.22 9.36 20.83
C ARG C 347 -21.42 8.23 21.51
N ARG C 348 -21.54 7.02 20.98
CA ARG C 348 -20.85 5.87 21.52
C ARG C 348 -19.68 5.43 20.64
N THR C 349 -19.27 6.28 19.72
CA THR C 349 -18.18 5.90 18.82
C THR C 349 -16.76 6.26 19.22
N THR C 350 -15.90 5.25 19.19
CA THR C 350 -14.49 5.43 19.47
C THR C 350 -13.77 4.80 18.30
N PHE C 351 -13.12 5.62 17.49
CA PHE C 351 -12.40 5.16 16.31
C PHE C 351 -11.01 4.71 16.68
N ILE C 352 -10.68 3.49 16.25
CA ILE C 352 -9.38 2.88 16.44
C ILE C 352 -8.60 3.10 15.14
N ARG C 353 -7.30 3.44 15.19
CA ARG C 353 -6.53 3.59 13.92
C ARG C 353 -5.82 2.32 13.46
N VAL C 354 -6.19 1.85 12.28
CA VAL C 354 -5.68 0.62 11.67
C VAL C 354 -4.46 0.89 10.82
N THR C 355 -3.50 -0.03 10.88
CA THR C 355 -2.25 0.08 10.13
C THR C 355 -2.56 0.10 8.65
N GLN C 356 -3.28 -0.93 8.18
CA GLN C 356 -3.65 -1.05 6.77
C GLN C 356 -4.55 -2.26 6.53
N MET D 19 9.44 -9.30 26.94
CA MET D 19 8.47 -8.78 27.95
C MET D 19 7.10 -9.44 27.90
N PRO D 20 6.47 -9.57 26.73
CA PRO D 20 6.84 -9.20 25.35
C PRO D 20 6.62 -7.74 25.04
N HIS D 21 7.62 -7.11 24.42
CA HIS D 21 7.55 -5.70 24.07
C HIS D 21 7.73 -5.45 22.58
N ILE D 22 7.13 -4.38 22.11
CA ILE D 22 7.27 -4.01 20.72
C ILE D 22 8.34 -2.93 20.63
N ASP D 23 9.23 -3.06 19.66
CA ASP D 23 10.30 -2.10 19.48
C ASP D 23 9.70 -0.88 18.81
N ASN D 24 9.85 0.26 19.48
CA ASN D 24 9.34 1.55 19.03
C ASN D 24 9.84 1.93 17.65
N ASP D 25 11.16 1.97 17.52
CA ASP D 25 11.80 2.33 16.26
C ASP D 25 11.45 1.40 15.12
N VAL D 26 10.87 1.95 14.05
CA VAL D 26 10.51 1.14 12.89
C VAL D 26 11.71 0.85 12.00
N LYS D 27 11.95 -0.43 11.79
CA LYS D 27 13.05 -0.89 10.95
C LYS D 27 12.62 -0.76 9.50
N LEU D 28 13.48 -0.18 8.67
CA LEU D 28 13.11 -0.03 7.26
C LEU D 28 13.97 -0.81 6.30
N ASP D 29 13.39 -1.11 5.14
CA ASP D 29 14.07 -1.86 4.09
C ASP D 29 14.57 -0.96 2.95
N PHE D 30 15.20 -1.56 1.96
CA PHE D 30 15.72 -0.83 0.82
C PHE D 30 14.62 0.00 0.17
N LYS D 31 13.41 -0.56 0.16
CA LYS D 31 12.23 0.08 -0.41
C LYS D 31 11.86 1.40 0.26
N ASP D 32 12.00 1.46 1.58
CA ASP D 32 11.65 2.68 2.30
C ASP D 32 12.67 3.81 2.16
N VAL D 33 13.64 3.65 1.29
CA VAL D 33 14.66 4.66 1.22
C VAL D 33 15.27 4.90 -0.17
N LEU D 34 15.91 6.05 -0.32
CA LEU D 34 16.59 6.41 -1.57
C LEU D 34 17.90 7.13 -1.24
N LEU D 35 18.75 7.29 -2.24
CA LEU D 35 20.03 7.99 -2.04
C LEU D 35 19.97 9.41 -2.62
N ARG D 36 20.24 10.39 -1.77
CA ARG D 36 20.21 11.81 -2.13
C ARG D 36 21.40 12.21 -3.02
N PRO D 37 21.13 12.79 -4.20
CA PRO D 37 22.21 13.20 -5.09
C PRO D 37 23.06 14.23 -4.37
N LYS D 38 24.33 14.32 -4.76
CA LYS D 38 25.21 15.31 -4.13
C LYS D 38 26.21 15.93 -5.10
N ARG D 39 26.56 17.18 -4.78
CA ARG D 39 27.54 17.97 -5.53
C ARG D 39 28.85 17.20 -5.61
N SER D 40 29.45 17.14 -6.78
CA SER D 40 30.70 16.43 -6.92
C SER D 40 31.50 17.02 -8.05
N THR D 41 32.66 16.41 -8.30
CA THR D 41 33.55 16.86 -9.35
C THR D 41 33.86 15.70 -10.30
N LEU D 42 33.08 14.63 -10.18
CA LEU D 42 33.30 13.45 -11.01
C LEU D 42 33.14 13.68 -12.51
N LYS D 43 34.08 13.12 -13.27
CA LYS D 43 34.08 13.20 -14.73
C LYS D 43 32.83 12.49 -15.28
N SER D 44 32.99 11.21 -15.58
CA SER D 44 31.90 10.38 -16.10
C SER D 44 31.78 9.15 -15.21
N ARG D 45 30.72 8.37 -15.43
CA ARG D 45 30.48 7.17 -14.66
C ARG D 45 31.67 6.20 -14.74
N SER D 46 32.56 6.45 -15.71
CA SER D 46 33.73 5.60 -15.92
C SER D 46 34.85 5.90 -14.92
N GLU D 47 34.88 7.14 -14.43
CA GLU D 47 35.89 7.55 -13.46
C GLU D 47 35.63 6.92 -12.08
N VAL D 48 34.76 5.91 -12.03
CA VAL D 48 34.42 5.25 -10.77
C VAL D 48 35.09 3.90 -10.60
N ASP D 49 35.79 3.74 -9.49
CA ASP D 49 36.49 2.51 -9.17
C ASP D 49 35.68 1.66 -8.21
N LEU D 50 35.15 0.53 -8.69
CA LEU D 50 34.33 -0.35 -7.87
C LEU D 50 35.11 -1.43 -7.11
N THR D 51 36.43 -1.27 -7.02
CA THR D 51 37.25 -2.26 -6.32
C THR D 51 37.59 -1.77 -4.92
N ARG D 52 37.84 -2.72 -4.01
CA ARG D 52 38.18 -2.37 -2.64
C ARG D 52 39.26 -3.23 -2.04
N SER D 53 40.06 -2.61 -1.18
CA SER D 53 41.14 -3.30 -0.51
C SER D 53 40.71 -3.47 0.95
N PHE D 54 40.73 -4.70 1.43
CA PHE D 54 40.35 -5.00 2.81
C PHE D 54 41.47 -5.78 3.46
N SER D 55 41.64 -5.57 4.76
CA SER D 55 42.63 -6.29 5.54
C SER D 55 41.82 -6.90 6.68
N PHE D 56 41.51 -8.18 6.51
CA PHE D 56 40.70 -8.91 7.46
C PHE D 56 41.27 -9.01 8.86
N ARG D 57 40.42 -8.69 9.82
CA ARG D 57 40.78 -8.66 11.22
C ARG D 57 41.41 -9.92 11.81
N ASN D 58 40.82 -11.09 11.55
CA ASN D 58 41.39 -12.28 12.15
C ASN D 58 42.36 -13.11 11.30
N SER D 59 41.97 -13.41 10.06
CA SER D 59 42.84 -14.18 9.18
C SER D 59 44.04 -13.31 8.76
N LYS D 60 43.97 -12.03 9.08
CA LYS D 60 45.04 -11.10 8.75
C LYS D 60 45.34 -11.07 7.26
N GLN D 61 44.47 -11.66 6.46
CA GLN D 61 44.66 -11.71 5.02
C GLN D 61 44.23 -10.44 4.33
N THR D 62 44.51 -10.36 3.04
CA THR D 62 44.12 -9.19 2.28
C THR D 62 43.19 -9.52 1.10
N TYR D 63 42.33 -8.57 0.74
CA TYR D 63 41.40 -8.74 -0.37
C TYR D 63 41.48 -7.55 -1.30
N SER D 64 41.15 -7.79 -2.56
CA SER D 64 41.11 -6.75 -3.55
C SER D 64 40.29 -7.22 -4.76
N GLY D 65 39.29 -6.43 -5.13
CA GLY D 65 38.42 -6.78 -6.24
C GLY D 65 37.08 -6.15 -5.99
N VAL D 66 36.10 -6.38 -6.85
CA VAL D 66 34.78 -5.80 -6.63
C VAL D 66 34.13 -6.72 -5.60
N PRO D 67 33.71 -6.16 -4.45
CA PRO D 67 33.09 -6.89 -3.34
C PRO D 67 31.64 -7.36 -3.49
N ILE D 68 31.29 -7.96 -4.62
CA ILE D 68 29.95 -8.49 -4.82
C ILE D 68 30.15 -9.99 -4.93
N ILE D 69 29.43 -10.75 -4.10
CA ILE D 69 29.54 -12.20 -4.07
C ILE D 69 28.33 -12.96 -4.58
N ALA D 70 28.56 -14.00 -5.38
CA ALA D 70 27.47 -14.84 -5.86
C ALA D 70 27.19 -15.75 -4.69
N ALA D 71 25.93 -15.81 -4.26
CA ALA D 71 25.52 -16.63 -3.12
C ALA D 71 25.84 -18.11 -3.27
N ASN D 72 26.16 -18.73 -2.14
CA ASN D 72 26.52 -20.14 -2.12
C ASN D 72 25.30 -21.05 -2.17
N MET D 73 24.40 -20.77 -3.10
CA MET D 73 23.21 -21.57 -3.27
C MET D 73 23.43 -22.52 -4.42
N ASP D 74 22.83 -23.70 -4.34
CA ASP D 74 22.98 -24.72 -5.37
C ASP D 74 22.82 -24.21 -6.79
N THR D 75 21.84 -23.34 -6.98
CA THR D 75 21.57 -22.80 -8.29
C THR D 75 22.41 -21.58 -8.65
N VAL D 76 23.12 -21.00 -7.70
CA VAL D 76 23.90 -19.80 -7.98
C VAL D 76 25.43 -19.94 -7.85
N GLY D 77 25.88 -20.53 -6.75
CA GLY D 77 27.31 -20.70 -6.54
C GLY D 77 27.92 -21.85 -7.31
N THR D 78 27.79 -21.79 -8.63
CA THR D 78 28.30 -22.83 -9.50
C THR D 78 29.65 -22.43 -10.07
N PHE D 79 30.46 -23.41 -10.43
CA PHE D 79 31.76 -23.11 -11.02
C PHE D 79 31.53 -22.38 -12.33
N GLU D 80 30.50 -22.83 -13.05
CA GLU D 80 30.13 -22.23 -14.33
C GLU D 80 29.92 -20.72 -14.11
N MET D 81 29.29 -20.39 -12.99
CA MET D 81 29.01 -19.01 -12.61
C MET D 81 30.32 -18.31 -12.23
N ALA D 82 31.09 -18.97 -11.37
CA ALA D 82 32.35 -18.41 -10.90
C ALA D 82 33.28 -18.00 -12.04
N LYS D 83 33.31 -18.80 -13.11
CA LYS D 83 34.17 -18.50 -14.23
C LYS D 83 33.89 -17.10 -14.82
N VAL D 84 32.60 -16.76 -14.96
CA VAL D 84 32.23 -15.47 -15.51
C VAL D 84 32.48 -14.33 -14.51
N LEU D 85 31.99 -14.49 -13.29
CA LEU D 85 32.16 -13.44 -12.30
C LEU D 85 33.64 -13.13 -12.15
N CYS D 86 34.46 -14.15 -12.36
CA CYS D 86 35.88 -13.99 -12.26
C CYS D 86 36.38 -12.99 -13.29
N LYS D 87 35.82 -13.04 -14.50
CA LYS D 87 36.22 -12.11 -15.55
C LYS D 87 36.00 -10.65 -15.13
N PHE D 88 35.17 -10.45 -14.11
CA PHE D 88 34.86 -9.11 -13.64
C PHE D 88 35.40 -8.79 -12.25
N SER D 89 36.04 -9.75 -11.60
CA SER D 89 36.60 -9.56 -10.27
C SER D 89 35.59 -9.78 -9.16
N LEU D 90 34.50 -10.46 -9.49
CA LEU D 90 33.48 -10.70 -8.47
C LEU D 90 33.77 -12.01 -7.75
N PHE D 91 33.44 -12.01 -6.47
CA PHE D 91 33.65 -13.14 -5.58
C PHE D 91 32.57 -14.22 -5.75
N THR D 92 32.92 -15.46 -5.43
CA THR D 92 31.94 -16.53 -5.52
C THR D 92 32.06 -17.50 -4.35
N ALA D 93 30.92 -17.77 -3.72
CA ALA D 93 30.88 -18.70 -2.60
C ALA D 93 30.30 -19.95 -3.23
N VAL D 94 31.15 -20.91 -3.56
CA VAL D 94 30.72 -22.14 -4.20
C VAL D 94 29.80 -22.95 -3.29
N HIS D 95 28.69 -23.45 -3.83
CA HIS D 95 27.75 -24.23 -3.05
C HIS D 95 28.45 -25.47 -2.51
N LYS D 96 28.02 -25.92 -1.34
CA LYS D 96 28.64 -27.07 -0.71
C LYS D 96 28.25 -28.44 -1.25
N HIS D 97 28.27 -28.61 -2.56
CA HIS D 97 27.91 -29.91 -3.12
C HIS D 97 28.97 -30.50 -4.06
N TYR D 98 29.65 -29.65 -4.79
CA TYR D 98 30.69 -30.10 -5.72
C TYR D 98 31.65 -31.09 -5.04
N SER D 99 31.94 -32.20 -5.71
CA SER D 99 32.86 -33.20 -5.17
C SER D 99 34.30 -32.72 -5.31
N LEU D 100 35.17 -33.21 -4.42
CA LEU D 100 36.57 -32.82 -4.43
C LEU D 100 37.14 -32.87 -5.83
N VAL D 101 36.58 -33.74 -6.65
CA VAL D 101 37.02 -33.90 -8.04
C VAL D 101 36.75 -32.66 -8.87
N GLN D 102 35.50 -32.19 -8.87
CA GLN D 102 35.14 -31.01 -9.65
C GLN D 102 36.00 -29.84 -9.25
N TRP D 103 36.26 -29.71 -7.95
CA TRP D 103 37.08 -28.60 -7.48
C TRP D 103 38.43 -28.70 -8.15
N GLN D 104 39.05 -29.87 -8.00
CA GLN D 104 40.35 -30.11 -8.58
C GLN D 104 40.36 -29.82 -10.07
N GLU D 105 39.27 -30.17 -10.75
CA GLU D 105 39.22 -29.88 -12.18
C GLU D 105 39.08 -28.37 -12.40
N PHE D 106 38.07 -27.76 -11.79
CA PHE D 106 37.87 -26.31 -11.93
C PHE D 106 39.19 -25.60 -11.64
N ALA D 107 39.76 -25.89 -10.47
CA ALA D 107 41.01 -25.27 -10.07
C ALA D 107 42.03 -25.45 -11.20
N GLY D 108 41.98 -26.63 -11.82
CA GLY D 108 42.88 -26.93 -12.91
C GLY D 108 42.71 -26.01 -14.10
N GLN D 109 41.54 -26.09 -14.74
CA GLN D 109 41.25 -25.27 -15.91
C GLN D 109 41.18 -23.76 -15.67
N ASN D 110 41.10 -23.34 -14.41
CA ASN D 110 41.01 -21.91 -14.08
C ASN D 110 41.93 -21.49 -12.95
N PRO D 111 43.23 -21.69 -13.14
CA PRO D 111 44.24 -21.36 -12.15
C PRO D 111 44.00 -20.02 -11.44
N ASP D 112 44.01 -18.95 -12.20
CA ASP D 112 43.83 -17.59 -11.69
C ASP D 112 42.60 -17.32 -10.83
N CYS D 113 41.45 -17.84 -11.23
CA CYS D 113 40.19 -17.63 -10.51
C CYS D 113 40.04 -18.36 -9.18
N LEU D 114 41.15 -18.65 -8.51
CA LEU D 114 41.03 -19.36 -7.26
C LEU D 114 40.98 -18.45 -6.05
N GLU D 115 41.44 -17.21 -6.20
CA GLU D 115 41.34 -16.23 -5.13
C GLU D 115 39.94 -15.74 -5.42
N HIS D 116 39.29 -15.06 -4.48
CA HIS D 116 37.92 -14.60 -4.77
C HIS D 116 37.00 -15.78 -4.96
N LEU D 117 37.22 -16.81 -4.18
CA LEU D 117 36.42 -18.01 -4.24
C LEU D 117 36.40 -18.53 -2.82
N ALA D 118 35.23 -18.96 -2.33
CA ALA D 118 35.14 -19.50 -0.98
C ALA D 118 34.49 -20.88 -0.96
N ALA D 119 34.96 -21.73 -0.05
CA ALA D 119 34.41 -23.06 0.09
C ALA D 119 33.39 -22.94 1.21
N SER D 120 32.19 -23.43 0.96
CA SER D 120 31.12 -23.33 1.94
C SER D 120 30.99 -24.55 2.83
N SER D 121 30.25 -24.43 3.93
CA SER D 121 30.07 -25.55 4.83
C SER D 121 29.11 -25.27 5.97
N GLY D 122 28.45 -26.33 6.42
CA GLY D 122 27.54 -26.23 7.53
C GLY D 122 28.27 -26.68 8.79
N THR D 123 27.54 -26.78 9.90
CA THR D 123 28.14 -27.20 11.17
C THR D 123 28.29 -28.72 11.20
N GLY D 124 27.55 -29.40 10.32
CA GLY D 124 27.62 -30.86 10.26
C GLY D 124 29.02 -31.43 10.06
N SER D 125 29.31 -32.53 10.76
CA SER D 125 30.59 -33.20 10.66
C SER D 125 30.93 -33.54 9.20
N SER D 126 29.98 -34.13 8.49
CA SER D 126 30.20 -34.47 7.09
C SER D 126 30.71 -33.24 6.37
N ASP D 127 29.94 -32.16 6.48
CA ASP D 127 30.28 -30.89 5.86
C ASP D 127 31.69 -30.46 6.18
N PHE D 128 32.02 -30.44 7.47
CA PHE D 128 33.34 -30.00 7.89
C PHE D 128 34.43 -30.88 7.30
N GLU D 129 34.14 -32.17 7.16
CA GLU D 129 35.10 -33.09 6.59
C GLU D 129 35.39 -32.66 5.15
N GLN D 130 34.33 -32.63 4.35
CA GLN D 130 34.45 -32.23 2.96
C GLN D 130 35.12 -30.87 2.83
N LEU D 131 34.90 -29.99 3.81
CA LEU D 131 35.51 -28.67 3.77
C LEU D 131 37.02 -28.78 3.88
N GLU D 132 37.47 -29.51 4.89
CA GLU D 132 38.91 -29.73 5.08
C GLU D 132 39.51 -30.28 3.79
N GLN D 133 39.04 -31.44 3.37
CA GLN D 133 39.52 -32.07 2.14
C GLN D 133 39.75 -31.03 1.03
N ILE D 134 38.76 -30.18 0.79
CA ILE D 134 38.89 -29.18 -0.25
C ILE D 134 39.96 -28.13 0.03
N LEU D 135 39.99 -27.63 1.26
CA LEU D 135 40.97 -26.62 1.60
C LEU D 135 42.39 -27.18 1.57
N GLU D 136 42.52 -28.45 1.94
CA GLU D 136 43.83 -29.10 1.94
C GLU D 136 44.28 -29.29 0.49
N ALA D 137 43.38 -29.86 -0.31
CA ALA D 137 43.68 -30.10 -1.70
C ALA D 137 43.99 -28.83 -2.49
N ILE D 138 43.24 -27.75 -2.26
CA ILE D 138 43.44 -26.55 -3.05
C ILE D 138 43.86 -25.27 -2.33
N PRO D 139 45.10 -25.22 -1.84
CA PRO D 139 45.67 -24.09 -1.12
C PRO D 139 45.57 -22.70 -1.75
N GLN D 140 45.01 -22.61 -2.94
CA GLN D 140 44.87 -21.30 -3.58
C GLN D 140 43.58 -20.65 -3.10
N VAL D 141 42.76 -21.43 -2.37
CA VAL D 141 41.51 -20.94 -1.82
C VAL D 141 41.69 -20.55 -0.35
N LYS D 142 41.73 -19.25 -0.11
CA LYS D 142 41.91 -18.71 1.23
C LYS D 142 40.62 -18.21 1.93
N TYR D 143 39.44 -18.71 1.52
CA TYR D 143 38.19 -18.29 2.15
C TYR D 143 37.22 -19.42 2.46
N ILE D 144 36.60 -19.32 3.63
CA ILE D 144 35.62 -20.31 4.09
C ILE D 144 34.27 -19.60 4.31
N CYS D 145 33.19 -20.26 3.92
CA CYS D 145 31.86 -19.70 4.11
C CYS D 145 31.02 -20.60 4.99
N LEU D 146 30.84 -20.18 6.24
CA LEU D 146 30.05 -20.95 7.20
C LEU D 146 28.61 -20.43 7.25
N ASP D 147 27.66 -21.33 6.97
CA ASP D 147 26.24 -21.01 6.98
C ASP D 147 25.43 -21.93 7.86
N VAL D 148 24.90 -21.42 8.96
CA VAL D 148 24.10 -22.24 9.85
C VAL D 148 22.67 -21.75 9.73
N ALA D 149 21.74 -22.51 10.31
CA ALA D 149 20.32 -22.16 10.31
C ALA D 149 20.17 -20.87 11.14
N ASN D 150 20.38 -21.00 12.44
CA ASN D 150 20.32 -19.89 13.36
C ASN D 150 21.74 -19.45 13.75
N GLY D 151 22.17 -18.31 13.22
CA GLY D 151 23.50 -17.82 13.53
C GLY D 151 23.58 -17.25 14.94
N TYR D 152 22.52 -17.42 15.71
CA TYR D 152 22.49 -16.91 17.06
C TYR D 152 22.67 -18.04 18.06
N SER D 153 22.77 -19.27 17.56
CA SER D 153 22.95 -20.46 18.40
C SER D 153 24.37 -20.52 18.92
N GLU D 154 24.55 -20.96 20.16
CA GLU D 154 25.90 -21.06 20.70
C GLU D 154 26.64 -22.18 19.96
N HIS D 155 25.86 -23.16 19.53
CA HIS D 155 26.39 -24.27 18.77
C HIS D 155 27.16 -23.76 17.56
N PHE D 156 26.81 -22.56 17.10
CA PHE D 156 27.45 -21.96 15.96
C PHE D 156 28.71 -21.22 16.39
N VAL D 157 28.57 -20.39 17.44
CA VAL D 157 29.71 -19.64 17.95
C VAL D 157 30.89 -20.58 18.16
N GLU D 158 30.58 -21.72 18.77
CA GLU D 158 31.58 -22.76 19.04
C GLU D 158 32.21 -23.25 17.75
N PHE D 159 31.35 -23.73 16.84
CA PHE D 159 31.80 -24.24 15.55
C PHE D 159 32.71 -23.24 14.88
N VAL D 160 32.34 -21.96 14.94
CA VAL D 160 33.14 -20.90 14.36
C VAL D 160 34.51 -20.93 15.00
N LYS D 161 34.52 -20.94 16.32
CA LYS D 161 35.76 -21.00 17.09
C LYS D 161 36.62 -22.18 16.62
N ASP D 162 36.00 -23.33 16.39
CA ASP D 162 36.73 -24.51 15.94
C ASP D 162 37.37 -24.26 14.59
N VAL D 163 36.56 -23.90 13.60
CA VAL D 163 37.07 -23.65 12.26
C VAL D 163 38.20 -22.63 12.30
N ARG D 164 38.12 -21.67 13.22
CA ARG D 164 39.15 -20.65 13.33
C ARG D 164 40.47 -21.31 13.64
N LYS D 165 40.47 -22.13 14.68
CA LYS D 165 41.65 -22.85 15.11
C LYS D 165 42.21 -23.74 14.01
N ARG D 166 41.36 -24.60 13.46
CA ARG D 166 41.75 -25.52 12.39
C ARG D 166 42.31 -24.88 11.11
N PHE D 167 41.98 -23.61 10.87
CA PHE D 167 42.48 -22.91 9.68
C PHE D 167 42.70 -21.46 10.08
N PRO D 168 43.66 -21.26 11.00
CA PRO D 168 43.99 -19.91 11.50
C PRO D 168 44.31 -18.86 10.47
N GLN D 169 44.50 -19.26 9.21
CA GLN D 169 44.84 -18.26 8.21
C GLN D 169 43.93 -18.15 7.01
N HIS D 170 42.74 -18.72 7.15
CA HIS D 170 41.73 -18.61 6.11
C HIS D 170 40.78 -17.51 6.55
N THR D 171 40.28 -16.73 5.60
CA THR D 171 39.33 -15.67 5.91
C THR D 171 37.98 -16.36 6.08
N ILE D 172 37.34 -16.14 7.22
CA ILE D 172 36.07 -16.80 7.49
C ILE D 172 34.82 -15.93 7.38
N MET D 173 33.87 -16.41 6.59
CA MET D 173 32.60 -15.77 6.40
C MET D 173 31.63 -16.63 7.18
N ALA D 174 30.90 -16.04 8.12
CA ALA D 174 29.94 -16.80 8.91
C ALA D 174 28.65 -16.04 9.12
N GLY D 175 27.53 -16.73 8.92
CA GLY D 175 26.22 -16.11 9.08
C GLY D 175 25.12 -17.13 9.26
N ASN D 176 23.87 -16.68 9.33
CA ASN D 176 23.54 -15.26 9.25
C ASN D 176 22.96 -14.72 10.53
N VAL D 177 23.04 -13.40 10.67
CA VAL D 177 22.51 -12.71 11.83
C VAL D 177 21.95 -11.40 11.29
N VAL D 178 21.34 -10.62 12.17
CA VAL D 178 20.78 -9.36 11.73
C VAL D 178 20.97 -8.30 12.80
N THR D 179 21.70 -8.64 13.86
CA THR D 179 21.91 -7.71 14.97
C THR D 179 23.36 -7.50 15.39
N GLY D 180 23.74 -6.26 15.64
CA GLY D 180 25.10 -5.92 16.03
C GLY D 180 25.72 -6.83 17.08
N GLU D 181 24.94 -7.17 18.10
CA GLU D 181 25.41 -8.03 19.18
C GLU D 181 26.01 -9.31 18.65
N MET D 182 25.17 -10.13 18.03
CA MET D 182 25.61 -11.40 17.50
C MET D 182 26.70 -11.20 16.46
N VAL D 183 26.78 -9.99 15.91
CA VAL D 183 27.81 -9.71 14.92
C VAL D 183 29.14 -9.67 15.64
N GLU D 184 29.18 -8.99 16.77
CA GLU D 184 30.37 -8.87 17.58
C GLU D 184 30.78 -10.23 18.11
N GLU D 185 29.82 -10.94 18.69
CA GLU D 185 30.07 -12.25 19.22
C GLU D 185 30.83 -13.09 18.21
N LEU D 186 30.31 -13.16 16.99
CA LEU D 186 30.92 -13.96 15.93
C LEU D 186 32.29 -13.46 15.51
N ILE D 187 32.47 -12.14 15.45
CA ILE D 187 33.76 -11.61 15.06
C ILE D 187 34.80 -11.96 16.11
N LEU D 188 34.43 -11.87 17.38
CA LEU D 188 35.34 -12.21 18.47
C LEU D 188 35.55 -13.71 18.53
N SER D 189 34.51 -14.47 18.19
CA SER D 189 34.62 -15.91 18.22
C SER D 189 35.59 -16.37 17.12
N GLY D 190 35.96 -15.46 16.24
CA GLY D 190 36.89 -15.82 15.18
C GLY D 190 36.56 -15.49 13.73
N ALA D 191 35.29 -15.26 13.41
CA ALA D 191 34.91 -14.97 12.04
C ALA D 191 35.46 -13.62 11.54
N ASP D 192 35.68 -13.54 10.23
CA ASP D 192 36.21 -12.33 9.60
C ASP D 192 35.11 -11.47 8.99
N ILE D 193 34.23 -12.12 8.25
CA ILE D 193 33.11 -11.44 7.61
C ILE D 193 31.84 -12.03 8.15
N ILE D 194 30.91 -11.19 8.57
CA ILE D 194 29.62 -11.71 9.06
C ILE D 194 28.55 -11.54 7.99
N LYS D 195 27.85 -12.63 7.68
CA LYS D 195 26.77 -12.62 6.69
C LYS D 195 25.49 -12.11 7.36
N VAL D 196 25.05 -10.93 6.96
CA VAL D 196 23.86 -10.29 7.51
C VAL D 196 22.59 -10.54 6.68
N GLY D 197 21.54 -11.04 7.33
CA GLY D 197 20.30 -11.26 6.61
C GLY D 197 19.45 -12.46 6.98
N ILE D 198 18.22 -12.20 7.42
CA ILE D 198 17.29 -13.27 7.78
C ILE D 198 15.86 -12.88 7.41
N GLY D 199 15.29 -13.60 6.44
CA GLY D 199 13.92 -13.30 6.03
C GLY D 199 13.71 -12.76 4.63
N PRO D 200 14.38 -11.65 4.29
CA PRO D 200 14.29 -10.97 2.99
C PRO D 200 14.69 -11.76 1.74
N GLY D 201 15.24 -12.97 1.89
CA GLY D 201 15.65 -13.73 0.73
C GLY D 201 14.51 -14.02 -0.25
N SER D 202 14.85 -14.24 -1.53
CA SER D 202 13.85 -14.54 -2.57
C SER D 202 13.22 -15.90 -2.32
N VAL D 203 14.07 -16.94 -2.39
CA VAL D 203 13.65 -18.32 -2.13
C VAL D 203 13.55 -18.52 -0.61
N CYS D 204 13.92 -17.46 0.13
CA CYS D 204 13.87 -17.46 1.58
C CYS D 204 12.43 -17.12 2.00
N THR D 205 11.95 -17.83 3.01
CA THR D 205 10.57 -17.62 3.48
C THR D 205 10.46 -17.82 5.00
N THR D 206 11.46 -17.28 5.70
CA THR D 206 11.53 -17.36 7.15
C THR D 206 10.33 -16.69 7.80
N ARG D 207 9.95 -15.54 7.26
CA ARG D 207 8.82 -14.78 7.77
C ARG D 207 7.48 -15.47 7.64
N LYS D 208 7.22 -16.13 6.52
CA LYS D 208 5.97 -16.83 6.34
C LYS D 208 5.89 -18.03 7.27
N LYS D 209 6.96 -18.79 7.37
CA LYS D 209 6.91 -19.98 8.20
C LYS D 209 7.17 -19.75 9.70
N THR D 210 7.99 -18.77 10.03
CA THR D 210 8.32 -18.55 11.43
C THR D 210 7.97 -17.20 12.01
N GLY D 211 7.72 -16.21 11.16
CA GLY D 211 7.39 -14.89 11.65
C GLY D 211 8.63 -14.18 12.13
N VAL D 212 9.80 -14.74 11.81
CA VAL D 212 11.07 -14.17 12.24
C VAL D 212 11.77 -13.51 11.07
N GLY D 213 12.30 -12.31 11.30
CA GLY D 213 12.98 -11.59 10.23
C GLY D 213 13.51 -10.26 10.71
N TYR D 214 13.98 -9.46 9.76
CA TYR D 214 14.53 -8.15 10.07
C TYR D 214 14.78 -7.49 8.73
N PRO D 215 14.28 -6.25 8.53
CA PRO D 215 14.48 -5.52 7.27
C PRO D 215 15.96 -5.37 6.94
N GLN D 216 16.34 -5.69 5.70
CA GLN D 216 17.73 -5.59 5.29
C GLN D 216 18.45 -4.27 5.61
N LEU D 217 17.91 -3.15 5.12
CA LEU D 217 18.58 -1.87 5.35
C LEU D 217 18.92 -1.62 6.81
N SER D 218 17.94 -1.77 7.69
CA SER D 218 18.20 -1.53 9.09
C SER D 218 19.24 -2.52 9.61
N ALA D 219 19.12 -3.78 9.21
CA ALA D 219 20.08 -4.80 9.65
C ALA D 219 21.47 -4.40 9.22
N VAL D 220 21.67 -4.20 7.92
CA VAL D 220 22.96 -3.83 7.41
C VAL D 220 23.55 -2.62 8.14
N MET D 221 22.80 -1.54 8.25
CA MET D 221 23.32 -0.38 8.94
C MET D 221 23.77 -0.70 10.37
N GLU D 222 22.88 -1.34 11.13
CA GLU D 222 23.20 -1.70 12.49
C GLU D 222 24.38 -2.65 12.57
N CYS D 223 24.34 -3.74 11.80
CA CYS D 223 25.43 -4.71 11.83
C CYS D 223 26.74 -4.16 11.28
N ALA D 224 26.68 -3.46 10.16
CA ALA D 224 27.88 -2.89 9.58
C ALA D 224 28.61 -2.07 10.62
N ASP D 225 27.86 -1.28 11.38
CA ASP D 225 28.42 -0.46 12.43
C ASP D 225 29.15 -1.30 13.45
N ALA D 226 28.46 -2.31 13.96
CA ALA D 226 29.01 -3.20 14.96
C ALA D 226 30.32 -3.79 14.47
N ALA D 227 30.26 -4.48 13.35
CA ALA D 227 31.44 -5.12 12.77
C ALA D 227 32.60 -4.17 12.60
N HIS D 228 32.33 -3.00 12.05
CA HIS D 228 33.38 -2.02 11.84
C HIS D 228 34.07 -1.55 13.10
N GLY D 229 33.34 -1.49 14.22
CA GLY D 229 33.96 -1.10 15.46
C GLY D 229 35.05 -2.07 15.86
N LEU D 230 34.83 -3.36 15.59
CA LEU D 230 35.81 -4.39 15.92
C LEU D 230 36.80 -4.55 14.77
N LYS D 231 36.78 -3.60 13.84
CA LYS D 231 37.67 -3.66 12.68
C LYS D 231 37.39 -4.91 11.83
N GLY D 232 36.12 -5.35 11.85
CA GLY D 232 35.69 -6.50 11.06
C GLY D 232 34.85 -6.04 9.87
N HIS D 233 34.24 -7.00 9.18
CA HIS D 233 33.42 -6.70 8.00
C HIS D 233 32.13 -7.51 7.93
N ILE D 234 31.19 -7.05 7.10
CA ILE D 234 29.94 -7.76 6.94
C ILE D 234 29.59 -7.97 5.46
N ILE D 235 28.63 -8.84 5.23
CA ILE D 235 28.12 -9.13 3.90
C ILE D 235 26.60 -8.99 3.95
N SER D 236 26.04 -8.20 3.05
CA SER D 236 24.60 -8.02 2.99
C SER D 236 24.12 -9.24 2.21
N ASP D 237 23.54 -10.21 2.91
CA ASP D 237 23.07 -11.42 2.27
C ASP D 237 21.56 -11.45 2.01
N GLY D 238 21.21 -11.46 0.73
CA GLY D 238 19.81 -11.48 0.33
C GLY D 238 19.14 -10.12 0.45
N GLY D 239 17.97 -9.99 -0.16
CA GLY D 239 17.25 -8.73 -0.10
C GLY D 239 17.30 -7.86 -1.34
N CYS D 240 18.29 -8.08 -2.21
CA CYS D 240 18.42 -7.28 -3.42
C CYS D 240 17.68 -7.87 -4.61
N SER D 241 16.97 -7.00 -5.30
CA SER D 241 16.19 -7.41 -6.47
C SER D 241 16.59 -6.59 -7.68
N CYS D 242 17.25 -5.47 -7.44
CA CYS D 242 17.71 -4.60 -8.52
C CYS D 242 19.03 -3.96 -8.13
N PRO D 243 19.78 -3.45 -9.11
CA PRO D 243 21.08 -2.82 -8.80
C PRO D 243 20.99 -1.74 -7.72
N GLY D 244 19.91 -0.97 -7.75
CA GLY D 244 19.73 0.07 -6.77
C GLY D 244 19.80 -0.44 -5.35
N ASP D 245 19.27 -1.63 -5.11
CA ASP D 245 19.30 -2.23 -3.79
C ASP D 245 20.72 -2.52 -3.40
N VAL D 246 21.49 -3.03 -4.36
CA VAL D 246 22.87 -3.35 -4.10
C VAL D 246 23.60 -2.06 -3.72
N ALA D 247 23.25 -1.00 -4.44
CA ALA D 247 23.86 0.29 -4.19
C ALA D 247 23.46 0.70 -2.79
N LYS D 248 22.16 0.64 -2.53
CA LYS D 248 21.66 1.00 -1.21
C LYS D 248 22.38 0.24 -0.13
N ALA D 249 22.61 -1.06 -0.36
CA ALA D 249 23.29 -1.87 0.64
C ALA D 249 24.71 -1.36 0.91
N PHE D 250 25.46 -1.11 -0.16
CA PHE D 250 26.81 -0.61 -0.02
C PHE D 250 26.79 0.72 0.75
N GLY D 251 25.94 1.64 0.29
CA GLY D 251 25.83 2.92 0.94
C GLY D 251 25.46 2.77 2.38
N ALA D 252 24.69 1.72 2.71
CA ALA D 252 24.27 1.43 4.07
C ALA D 252 25.43 1.01 4.95
N GLY D 253 26.56 0.67 4.32
CA GLY D 253 27.71 0.25 5.08
C GLY D 253 28.20 -1.17 4.81
N ALA D 254 27.44 -1.94 4.04
CA ALA D 254 27.88 -3.29 3.73
C ALA D 254 29.22 -3.26 3.03
N ASP D 255 30.12 -4.16 3.40
CA ASP D 255 31.44 -4.26 2.80
C ASP D 255 31.30 -5.07 1.51
N PHE D 256 30.56 -6.16 1.62
CA PHE D 256 30.28 -7.02 0.48
C PHE D 256 28.76 -7.16 0.37
N VAL D 257 28.26 -7.37 -0.85
CA VAL D 257 26.85 -7.57 -1.08
C VAL D 257 26.77 -8.94 -1.74
N MET D 258 26.01 -9.87 -1.18
CA MET D 258 25.89 -11.20 -1.76
C MET D 258 24.59 -11.34 -2.52
N LEU D 259 24.69 -11.71 -3.79
CA LEU D 259 23.50 -11.86 -4.60
C LEU D 259 23.08 -13.30 -4.79
N GLY D 260 21.79 -13.55 -4.59
CA GLY D 260 21.27 -14.90 -4.77
C GLY D 260 20.29 -14.91 -5.93
N GLY D 261 19.05 -14.52 -5.65
CA GLY D 261 18.05 -14.50 -6.68
C GLY D 261 18.42 -13.65 -7.88
N MET D 262 18.98 -12.47 -7.64
CA MET D 262 19.36 -11.62 -8.76
C MET D 262 20.28 -12.32 -9.75
N LEU D 263 20.89 -13.42 -9.33
CA LEU D 263 21.79 -14.15 -10.23
C LEU D 263 21.21 -15.48 -10.71
N ALA D 264 20.12 -15.91 -10.09
CA ALA D 264 19.49 -17.15 -10.48
C ALA D 264 18.92 -17.03 -11.90
N GLY D 265 18.49 -18.13 -12.48
CA GLY D 265 17.90 -18.06 -13.81
C GLY D 265 18.76 -17.72 -15.01
N HIS D 266 20.08 -17.83 -14.89
CA HIS D 266 20.92 -17.56 -16.05
C HIS D 266 21.43 -18.88 -16.60
N SER D 267 22.20 -18.80 -17.67
CA SER D 267 22.77 -19.98 -18.28
C SER D 267 23.68 -20.62 -17.24
N GLU D 268 24.70 -19.86 -16.85
CA GLU D 268 25.70 -20.31 -15.88
C GLU D 268 25.05 -20.68 -14.54
N SER D 269 23.78 -20.33 -14.41
CA SER D 269 23.03 -20.60 -13.20
C SER D 269 22.66 -22.08 -13.11
N GLY D 270 22.10 -22.50 -11.98
CA GLY D 270 21.70 -23.89 -11.81
C GLY D 270 20.25 -24.05 -12.16
N GLY D 271 19.50 -24.73 -11.30
CA GLY D 271 18.08 -24.95 -11.52
C GLY D 271 17.75 -25.61 -12.84
N GLU D 272 16.50 -26.04 -13.01
CA GLU D 272 16.11 -26.67 -14.28
C GLU D 272 15.34 -25.68 -15.12
N LEU D 273 15.67 -25.61 -16.41
CA LEU D 273 15.01 -24.69 -17.33
C LEU D 273 13.60 -25.15 -17.70
N ILE D 274 12.67 -25.02 -16.74
CA ILE D 274 11.27 -25.41 -16.92
C ILE D 274 10.44 -24.37 -17.68
N GLU D 275 10.53 -24.38 -19.01
CA GLU D 275 9.81 -23.46 -19.89
C GLU D 275 8.28 -23.64 -19.80
N ARG D 276 7.56 -22.53 -19.85
CA ARG D 276 6.11 -22.57 -19.70
C ARG D 276 5.34 -21.53 -20.53
N ASP D 277 4.19 -21.95 -21.06
CA ASP D 277 3.30 -21.10 -21.86
C ASP D 277 3.93 -20.06 -22.79
N GLY D 278 5.14 -20.30 -23.27
CA GLY D 278 5.75 -19.35 -24.18
C GLY D 278 7.03 -18.68 -23.75
N LYS D 279 7.25 -18.59 -22.43
CA LYS D 279 8.46 -17.97 -21.90
C LYS D 279 9.35 -19.02 -21.22
N LYS D 280 10.66 -18.74 -21.16
CA LYS D 280 11.60 -19.66 -20.54
C LYS D 280 11.87 -19.31 -19.08
N TYR D 281 11.76 -20.30 -18.19
CA TYR D 281 11.99 -20.08 -16.75
C TYR D 281 12.96 -21.09 -16.14
N LYS D 282 13.37 -20.84 -14.89
CA LYS D 282 14.29 -21.72 -14.18
C LYS D 282 13.93 -21.78 -12.72
N LEU D 283 14.12 -22.93 -12.11
CA LEU D 283 13.80 -23.13 -10.71
C LEU D 283 14.86 -22.50 -9.81
N PHE D 284 14.42 -21.90 -8.72
CA PHE D 284 15.34 -21.27 -7.76
C PHE D 284 15.07 -21.84 -6.35
N TYR D 285 16.08 -22.37 -5.71
CA TYR D 285 15.89 -22.96 -4.39
C TYR D 285 16.70 -22.25 -3.31
N GLY D 308 13.04 -24.03 2.63
CA GLY D 308 12.74 -22.81 1.89
C GLY D 308 11.73 -22.99 0.77
N LYS D 309 11.63 -21.98 -0.09
CA LYS D 309 10.73 -21.99 -1.23
C LYS D 309 11.49 -22.34 -2.51
N THR D 310 10.76 -22.95 -3.44
CA THR D 310 11.30 -23.27 -4.76
C THR D 310 10.50 -22.36 -5.69
N VAL D 311 11.15 -21.36 -6.27
CA VAL D 311 10.46 -20.40 -7.13
C VAL D 311 11.04 -20.41 -8.54
N GLU D 312 10.24 -19.89 -9.48
CA GLU D 312 10.64 -19.84 -10.87
C GLU D 312 11.17 -18.47 -11.29
N VAL D 313 12.46 -18.43 -11.56
CA VAL D 313 13.13 -17.22 -12.02
C VAL D 313 13.18 -17.35 -13.54
N PRO D 314 12.41 -16.50 -14.25
CA PRO D 314 12.43 -16.53 -15.71
C PRO D 314 13.86 -16.50 -16.24
N PHE D 315 14.13 -17.33 -17.25
CA PHE D 315 15.46 -17.43 -17.85
C PHE D 315 15.96 -16.05 -18.31
N LYS D 316 17.09 -15.60 -17.79
CA LYS D 316 17.57 -14.29 -18.18
C LYS D 316 18.71 -14.36 -19.19
N GLY D 317 19.19 -15.56 -19.48
CA GLY D 317 20.28 -15.67 -20.43
C GLY D 317 21.65 -15.72 -19.77
N ASP D 318 22.57 -14.89 -20.24
CA ASP D 318 23.93 -14.88 -19.71
C ASP D 318 24.13 -13.93 -18.53
N VAL D 319 24.76 -14.44 -17.47
CA VAL D 319 25.05 -13.64 -16.28
C VAL D 319 25.86 -12.44 -16.72
N GLU D 320 26.66 -12.71 -17.73
CA GLU D 320 27.54 -11.75 -18.38
C GLU D 320 26.94 -10.33 -18.40
N HIS D 321 25.72 -10.22 -18.94
CA HIS D 321 25.02 -8.94 -19.06
C HIS D 321 24.52 -8.40 -17.72
N THR D 322 23.96 -9.29 -16.90
CA THR D 322 23.46 -8.90 -15.58
C THR D 322 24.59 -8.29 -14.75
N ILE D 323 25.78 -8.87 -14.85
CA ILE D 323 26.90 -8.32 -14.09
C ILE D 323 27.19 -6.91 -14.55
N ARG D 324 27.29 -6.73 -15.87
CA ARG D 324 27.57 -5.41 -16.44
C ARG D 324 26.47 -4.44 -16.08
N ASP D 325 25.27 -4.96 -15.88
CA ASP D 325 24.14 -4.12 -15.54
C ASP D 325 24.22 -3.66 -14.07
N ILE D 326 24.69 -4.55 -13.21
CA ILE D 326 24.81 -4.26 -11.79
C ILE D 326 25.94 -3.29 -11.54
N LEU D 327 27.14 -3.67 -11.98
CA LEU D 327 28.32 -2.81 -11.80
C LEU D 327 28.00 -1.46 -12.40
N GLY D 328 27.26 -1.48 -13.51
CA GLY D 328 26.89 -0.26 -14.18
C GLY D 328 26.10 0.65 -13.26
N GLY D 329 25.03 0.10 -12.67
CA GLY D 329 24.20 0.86 -11.77
C GLY D 329 24.98 1.39 -10.56
N ILE D 330 25.83 0.55 -9.97
CA ILE D 330 26.61 0.97 -8.81
C ILE D 330 27.50 2.16 -9.20
N ARG D 331 28.07 2.09 -10.41
CA ARG D 331 28.91 3.17 -10.90
C ARG D 331 28.15 4.50 -10.93
N SER D 332 26.91 4.46 -11.41
CA SER D 332 26.10 5.67 -11.48
C SER D 332 25.81 6.19 -10.10
N THR D 333 25.42 5.29 -9.20
CA THR D 333 25.12 5.67 -7.82
C THR D 333 26.26 6.50 -7.27
N CYS D 334 27.49 6.05 -7.49
CA CYS D 334 28.66 6.76 -6.98
C CYS D 334 28.81 8.13 -7.64
N THR D 335 28.64 8.16 -8.95
CA THR D 335 28.75 9.43 -9.68
C THR D 335 27.78 10.44 -9.08
N TYR D 336 26.53 10.04 -8.91
CA TYR D 336 25.50 10.94 -8.38
C TYR D 336 25.70 11.36 -6.93
N VAL D 337 26.45 10.57 -6.19
CA VAL D 337 26.71 10.89 -4.80
C VAL D 337 28.05 11.58 -4.62
N GLY D 338 28.95 11.40 -5.58
CA GLY D 338 30.24 12.05 -5.47
C GLY D 338 31.33 11.14 -4.95
N ALA D 339 31.12 9.84 -5.06
CA ALA D 339 32.13 8.90 -4.60
C ALA D 339 32.92 8.42 -5.82
N ALA D 340 34.21 8.74 -5.86
CA ALA D 340 35.08 8.35 -6.97
C ALA D 340 35.45 6.89 -6.79
N LYS D 341 35.40 6.46 -5.54
CA LYS D 341 35.74 5.11 -5.14
C LYS D 341 34.57 4.47 -4.37
N LEU D 342 34.37 3.16 -4.55
CA LEU D 342 33.29 2.44 -3.87
C LEU D 342 33.48 2.65 -2.36
N LYS D 343 34.74 2.83 -1.95
CA LYS D 343 35.04 3.05 -0.54
C LYS D 343 34.35 4.30 0.01
N GLU D 344 34.20 5.33 -0.82
CA GLU D 344 33.56 6.58 -0.40
C GLU D 344 32.04 6.59 -0.45
N LEU D 345 31.44 5.60 -1.11
CA LEU D 345 30.00 5.55 -1.26
C LEU D 345 29.20 5.75 0.02
N SER D 346 29.42 4.91 1.03
CA SER D 346 28.64 5.08 2.26
C SER D 346 29.02 6.37 2.93
N ARG D 347 30.31 6.67 2.91
CA ARG D 347 30.80 7.90 3.52
C ARG D 347 29.93 9.08 3.05
N ARG D 348 29.58 9.05 1.77
CA ARG D 348 28.80 10.12 1.16
C ARG D 348 27.31 9.85 1.05
N THR D 349 26.84 8.84 1.77
CA THR D 349 25.43 8.50 1.69
C THR D 349 24.46 9.15 2.67
N THR D 350 23.40 9.71 2.12
CA THR D 350 22.35 10.31 2.91
C THR D 350 21.06 9.71 2.39
N PHE D 351 20.42 8.91 3.22
CA PHE D 351 19.18 8.25 2.82
C PHE D 351 17.97 9.13 3.06
N ILE D 352 17.15 9.29 2.03
CA ILE D 352 15.90 10.06 2.15
C ILE D 352 14.82 9.01 2.36
N ARG D 353 13.92 9.27 3.31
CA ARG D 353 12.80 8.36 3.58
C ARG D 353 11.69 8.68 2.56
N VAL D 354 11.11 7.65 1.95
CA VAL D 354 10.06 7.90 0.97
C VAL D 354 8.75 7.26 1.40
N THR D 355 7.63 7.92 1.08
CA THR D 355 6.33 7.37 1.45
C THR D 355 6.16 6.02 0.72
N GLN D 356 6.65 5.97 -0.51
CA GLN D 356 6.65 4.78 -1.35
C GLN D 356 7.63 5.11 -2.51
N GLN D 357 7.45 4.51 -3.67
CA GLN D 357 8.28 4.74 -4.88
C GLN D 357 8.82 3.44 -5.43
S SO4 E . 1.01 37.19 -14.19
O1 SO4 E . 2.44 37.46 -13.89
O2 SO4 E . 0.69 35.80 -13.78
O3 SO4 E . 0.14 38.13 -13.45
O4 SO4 E . 0.73 37.33 -15.63
S SO4 F . 22.93 36.11 -27.81
O1 SO4 F . 21.82 36.49 -28.74
O2 SO4 F . 23.55 37.35 -27.31
O3 SO4 F . 22.38 35.32 -26.69
O4 SO4 F . 23.93 35.31 -28.53
P 5GP G . 7.34 11.97 -17.39
O1P 5GP G . 6.46 13.05 -17.90
O2P 5GP G . 7.35 10.68 -18.35
O3P 5GP G . 6.86 11.44 -15.95
O5' 5GP G . 8.88 12.42 -17.21
C5' 5GP G . 9.55 13.20 -18.21
C4' 5GP G . 11.05 13.24 -17.92
O4' 5GP G . 11.64 11.93 -17.99
C3' 5GP G . 11.84 13.97 -19.01
O3' 5GP G . 11.71 15.38 -18.85
C2' 5GP G . 13.26 13.56 -18.62
O2' 5GP G . 13.78 14.42 -17.61
C1' 5GP G . 13.05 12.15 -18.04
N9 5GP G . 13.69 11.11 -18.88
C8 5GP G . 13.39 10.83 -20.14
N7 5GP G . 14.17 9.83 -20.57
C5 5GP G . 14.97 9.49 -19.57
C6 5GP G . 15.97 8.52 -19.45
O6 5GP G . 16.26 7.80 -20.41
N1 5GP G . 16.64 8.40 -18.23
C2 5GP G . 16.29 9.25 -17.17
N2 5GP G . 16.91 9.14 -16.01
N3 5GP G . 15.32 10.17 -17.33
C4 5GP G . 14.67 10.30 -18.49
S SO4 H . 4.54 -26.09 30.85
O1 SO4 H . 5.90 -25.61 31.19
O2 SO4 H . 4.13 -27.13 31.80
O3 SO4 H . 3.57 -24.97 30.89
O4 SO4 H . 4.56 -26.67 29.49
S SO4 I . -20.12 -30.42 35.88
O1 SO4 I . -19.63 -29.06 35.56
O2 SO4 I . -21.52 -30.54 35.43
O3 SO4 I . -19.28 -31.41 35.20
O4 SO4 I . -20.03 -30.61 37.35
P 5GP J . -9.53 -17.29 10.48
O1P 5GP J . -8.60 -18.31 11.04
O2P 5GP J . -10.28 -17.78 9.16
O3P 5GP J . -8.74 -15.94 10.05
O5' 5GP J . -10.69 -16.83 11.51
C5' 5GP J . -11.52 -17.80 12.14
C4' 5GP J . -12.61 -17.14 12.99
O4' 5GP J . -13.52 -16.35 12.21
C3' 5GP J . -13.54 -18.18 13.61
O3' 5GP J . -12.89 -18.83 14.70
C2' 5GP J . -14.61 -17.22 14.14
O2' 5GP J . -14.16 -16.59 15.34
C1' 5GP J . -14.69 -16.18 13.02
N9 5GP J . -15.89 -16.40 12.18
C8 5GP J . -16.23 -17.53 11.55
N7 5GP J . -17.37 -17.35 10.89
C5 5GP J . -17.78 -16.11 11.10
C6 5GP J . -18.88 -15.37 10.68
O6 5GP J . -19.73 -15.88 9.95
N1 5GP J . -19.01 -14.04 11.09
C2 5GP J . -18.03 -13.48 11.92
N2 5GP J . -18.14 -12.22 12.33
N3 5GP J . -16.97 -14.22 12.31
C4 5GP J . -16.83 -15.49 11.93
S SO4 K . -34.57 10.07 17.37
O1 SO4 K . -34.53 11.53 17.14
O2 SO4 K . -34.13 9.77 18.75
O3 SO4 K . -35.94 9.56 17.16
O4 SO4 K . -33.65 9.41 16.41
S SO4 L . -42.57 27.39 0.76
O1 SO4 L . -43.74 27.66 -0.08
O2 SO4 L . -42.74 26.07 1.40
O3 SO4 L . -41.35 27.38 -0.08
O4 SO4 L . -42.39 28.45 1.78
P 5GP M . -20.40 7.57 -4.19
O1P 5GP M . -21.44 7.02 -3.31
O2P 5GP M . -20.49 6.98 -5.69
O3P 5GP M . -18.91 7.22 -3.68
O5' 5GP M . -20.44 9.17 -4.34
C5' 5GP M . -21.63 9.82 -4.78
C4' 5GP M . -21.31 11.28 -5.15
O4' 5GP M . -20.42 11.38 -6.27
C3' 5GP M . -22.52 12.06 -5.66
O3' 5GP M . -23.41 12.38 -4.58
C2' 5GP M . -21.80 13.32 -6.14
O2' 5GP M . -21.54 14.19 -5.03
C1' 5GP M . -20.47 12.75 -6.67
N9 5GP M . -20.38 12.84 -8.15
C8 5GP M . -21.15 12.20 -9.03
N7 5GP M . -20.75 12.49 -10.26
C5 5GP M . -19.72 13.33 -10.17
C6 5GP M . -18.91 13.95 -11.12
O6 5GP M . -19.09 13.75 -12.32
N1 5GP M . -17.88 14.79 -10.68
C2 5GP M . -17.70 14.98 -9.31
N2 5GP M . -16.71 15.77 -8.88
N3 5GP M . -18.49 14.36 -8.42
C4 5GP M . -19.49 13.55 -8.82
S SO4 N . 40.06 1.17 -1.37
O1 SO4 N . 38.81 1.22 -2.14
O2 SO4 N . 40.21 2.43 -0.61
O3 SO4 N . 40.00 0.05 -0.41
O4 SO4 N . 41.21 1.00 -2.27
S SO4 O . 18.29 -13.03 -2.60
O1 SO4 O . 19.11 -12.21 -3.52
O2 SO4 O . 17.63 -14.09 -3.36
O3 SO4 O . 19.15 -13.66 -1.60
O4 SO4 O . 17.29 -12.16 -1.96
#